data_6HR8
#
_entry.id   6HR8
#
_cell.length_a   231.790
_cell.length_b   231.790
_cell.length_c   98.714
_cell.angle_alpha   90.00
_cell.angle_beta   90.00
_cell.angle_gamma   90.00
#
_symmetry.space_group_name_H-M   'P 4 21 2'
#
loop_
_entity.id
_entity.type
_entity.pdbx_description
1 polymer 'HMG-CoA reductase'
2 polymer 'HMG-CoA reductase'
3 non-polymer 'NADP NICOTINAMIDE-ADENINE-DINUCLEOTIDE PHOSPHATE'
4 non-polymer 'SULFATE ION'
5 non-polymer DI(HYDROXYETHYL)ETHER
6 non-polymer 'SODIUM ION'
#
loop_
_entity_poly.entity_id
_entity_poly.type
_entity_poly.pdbx_seq_one_letter_code
_entity_poly.pdbx_strand_id
1 'polypeptide(L)'
;MGSSHHHHHHSSGLVPRGSHMMEKGNNEILEKLLKKEIKPYQLDDLVGEKEAIELRRKYIEKISQVETKHIGHYTIDEKE
AMKKNIENMIGAVQIPLGFAGPLKINGKYANGEFYVPLATTEGALVASVNRGCSIVTKCGGVTVRVIDDKMTRAPVIKTE
SVIDAVKLKEWIKENFQRIKEVAESTTRHGKLIDINPILIVGRYVYPRFVYKTGDAMGMNMVTIATEKACNFIEEELKKE
NINIHTVALSGNA(CSO)VDKKPAGINLIEGRGKSIIAEVFLKEEEIKKYLKTTSKAIEQVNMYKNLIGSAISNSMGFNA
HYANIIGALFLATGQDEAHIVEGSLGITVAECTEDGVYFSVTLPDVPVGTVGGGTRVETQKECLELLGCHGGDKALKFAE
IVGATVLAGELSLIGALSVGHLARAHAQLGR
;
A
2 'polypeptide(L)'
;MGSSHHHHHHSSGLVPRGSHMMEKGNNEILEKLLKKEIKPYQLDDLVGEKEAIELRRKYIEKISQVETKHIGHYTIDEKE
AMKKNIENMIGAVQIPLGFAGPLKINGKYANGEFYVPLATTEGALVASVNRGCSIVTKCGGVTVRVIDDKMTRAPVIKTE
SVIDAVKLKEWIKENFQRIKEVAESTTRHGKLIDINPILIVGRYVYPRFVYKTGDAMGMNMVTIATEKACNFIEEELKKE
NINIHTVALSGNACVDKKPAGINLIEGRGKSIIAEVFLKEEEIKKYLKTTSKAIEQVNMYKNLIGSAISNSMGFNAHYAN
IIGALFLATGQDEAHIVEGSLGITVAECTEDGVYFSVTLPDVPVGTVGGGTRVETQKECLELLGCHGGDKALKFAEIVGA
TVLAGELSLIGALSVGHLARAHAQLGR
;
B,C,D,E,F
#
# COMPACT_ATOMS: atom_id res chain seq x y z
N ASN A 26 -43.44 -26.91 24.60
CA ASN A 26 -42.39 -27.91 24.55
C ASN A 26 -41.63 -27.84 23.22
N ASN A 27 -41.95 -28.71 22.27
CA ASN A 27 -41.26 -28.75 20.99
C ASN A 27 -41.94 -27.93 19.91
N GLU A 28 -43.23 -27.60 20.09
CA GLU A 28 -43.93 -26.78 19.11
C GLU A 28 -43.42 -25.35 19.12
N ILE A 29 -42.95 -24.87 20.28
CA ILE A 29 -42.31 -23.56 20.33
C ILE A 29 -41.03 -23.60 19.50
N LEU A 30 -40.30 -24.72 19.55
CA LEU A 30 -39.08 -24.86 18.77
C LEU A 30 -39.37 -24.67 17.29
N GLU A 31 -40.53 -25.13 16.83
CA GLU A 31 -40.90 -24.96 15.42
C GLU A 31 -41.29 -23.52 15.13
N LYS A 32 -41.93 -22.85 16.09
CA LYS A 32 -42.30 -21.46 15.90
C LYS A 32 -41.07 -20.56 15.82
N LEU A 33 -40.00 -20.89 16.55
CA LEU A 33 -38.77 -20.14 16.43
C LEU A 33 -38.13 -20.35 15.06
N LEU A 34 -38.22 -21.57 14.53
CA LEU A 34 -37.64 -21.85 13.22
C LEU A 34 -38.38 -21.09 12.13
N LYS A 35 -39.70 -21.01 12.21
CA LYS A 35 -40.49 -20.20 11.28
C LYS A 35 -40.40 -18.71 11.58
N LYS A 36 -39.67 -18.32 12.63
CA LYS A 36 -39.57 -16.92 13.03
C LYS A 36 -40.95 -16.34 13.33
N GLU A 37 -41.81 -17.16 13.94
CA GLU A 37 -43.09 -16.67 14.43
C GLU A 37 -42.89 -15.83 15.70
N ILE A 38 -42.08 -16.33 16.63
CA ILE A 38 -41.72 -15.62 17.84
C ILE A 38 -40.21 -15.53 17.91
N LYS A 39 -39.70 -14.47 18.54
CA LYS A 39 -38.27 -14.23 18.61
C LYS A 39 -37.68 -14.80 19.89
N PRO A 40 -36.36 -15.03 19.92
CA PRO A 40 -35.75 -15.68 21.10
C PRO A 40 -35.82 -14.86 22.37
N TYR A 41 -35.96 -13.53 22.31
CA TYR A 41 -36.02 -12.74 23.52
C TYR A 41 -37.37 -12.84 24.22
N GLN A 42 -38.39 -13.34 23.53
CA GLN A 42 -39.72 -13.51 24.10
C GLN A 42 -39.88 -14.85 24.82
N LEU A 43 -38.85 -15.70 24.82
CA LEU A 43 -38.97 -17.03 25.40
C LEU A 43 -39.04 -17.01 26.91
N ASP A 44 -38.40 -16.03 27.55
CA ASP A 44 -38.33 -16.02 29.02
C ASP A 44 -39.70 -15.81 29.66
N ASP A 45 -40.57 -15.01 29.05
CA ASP A 45 -41.88 -14.77 29.63
C ASP A 45 -42.83 -15.93 29.38
N LEU A 46 -42.79 -16.53 28.19
CA LEU A 46 -43.66 -17.66 27.89
C LEU A 46 -43.31 -18.86 28.76
N VAL A 47 -42.11 -19.40 28.60
CA VAL A 47 -41.64 -20.53 29.38
C VAL A 47 -40.63 -20.04 30.39
N GLY A 48 -40.46 -20.81 31.46
CA GLY A 48 -39.50 -20.45 32.49
C GLY A 48 -38.14 -20.13 31.91
N GLU A 49 -37.41 -19.22 32.55
CA GLU A 49 -36.11 -18.80 32.03
C GLU A 49 -35.17 -20.00 31.92
N LYS A 50 -35.24 -20.93 32.87
CA LYS A 50 -34.36 -22.09 32.81
C LYS A 50 -34.64 -22.91 31.57
N GLU A 51 -35.92 -23.10 31.23
CA GLU A 51 -36.29 -23.82 30.02
C GLU A 51 -36.13 -22.96 28.79
N ALA A 52 -36.31 -21.64 28.93
CA ALA A 52 -36.09 -20.74 27.80
C ALA A 52 -34.65 -20.78 27.31
N ILE A 53 -33.70 -21.06 28.21
CA ILE A 53 -32.31 -21.19 27.79
C ILE A 53 -32.09 -22.50 27.05
N GLU A 54 -32.68 -23.59 27.56
CA GLU A 54 -32.56 -24.88 26.88
C GLU A 54 -33.17 -24.84 25.48
N LEU A 55 -34.23 -24.05 25.29
CA LEU A 55 -34.86 -23.95 23.98
C LEU A 55 -33.94 -23.28 22.97
N ARG A 56 -33.54 -22.03 23.24
CA ARG A 56 -32.71 -21.31 22.29
C ARG A 56 -31.33 -21.97 22.11
N ARG A 57 -30.85 -22.74 23.09
CA ARG A 57 -29.62 -23.49 22.87
C ARG A 57 -29.81 -24.55 21.80
N LYS A 58 -30.98 -25.20 21.78
CA LYS A 58 -31.30 -26.18 20.74
C LYS A 58 -31.74 -25.52 19.45
N TYR A 59 -32.21 -24.27 19.51
CA TYR A 59 -32.54 -23.54 18.30
C TYR A 59 -31.29 -23.21 17.51
N ILE A 60 -30.23 -22.76 18.19
CA ILE A 60 -28.96 -22.50 17.50
C ILE A 60 -28.33 -23.82 17.07
N GLU A 61 -28.47 -24.87 17.89
CA GLU A 61 -27.92 -26.18 17.52
C GLU A 61 -28.48 -26.65 16.18
N LYS A 62 -29.74 -26.34 15.89
CA LYS A 62 -30.37 -26.77 14.64
C LYS A 62 -29.99 -25.87 13.49
N ILE A 63 -29.92 -24.54 13.73
CA ILE A 63 -29.55 -23.62 12.66
C ILE A 63 -28.14 -23.92 12.17
N SER A 64 -27.20 -24.04 13.10
CA SER A 64 -25.81 -24.33 12.74
C SER A 64 -25.56 -25.80 12.43
N GLN A 65 -26.47 -26.69 12.84
CA GLN A 65 -26.33 -28.12 12.58
C GLN A 65 -25.09 -28.69 13.26
N VAL A 66 -24.98 -28.42 14.56
CA VAL A 66 -23.93 -29.00 15.39
C VAL A 66 -24.49 -29.21 16.79
N GLU A 67 -23.99 -30.24 17.46
CA GLU A 67 -24.45 -30.61 18.79
C GLU A 67 -23.45 -30.16 19.83
N THR A 68 -23.95 -29.54 20.90
CA THR A 68 -23.12 -29.04 21.99
C THR A 68 -23.30 -29.94 23.20
N LYS A 69 -22.24 -30.05 24.01
CA LYS A 69 -22.26 -30.88 25.19
C LYS A 69 -21.79 -30.20 26.46
N HIS A 70 -20.96 -29.15 26.39
CA HIS A 70 -20.40 -28.54 27.59
C HIS A 70 -21.05 -27.22 27.98
N ILE A 71 -21.22 -26.28 27.05
CA ILE A 71 -21.74 -24.98 27.44
C ILE A 71 -23.10 -25.09 28.11
N GLY A 72 -23.83 -26.18 27.86
CA GLY A 72 -25.10 -26.38 28.53
C GLY A 72 -24.97 -26.59 30.02
N HIS A 73 -23.79 -26.96 30.49
CA HIS A 73 -23.53 -27.09 31.92
C HIS A 73 -23.19 -25.74 32.52
N TYR A 74 -23.87 -25.39 33.61
CA TYR A 74 -23.53 -24.18 34.35
C TYR A 74 -24.22 -24.25 35.72
N THR A 75 -23.48 -23.88 36.76
CA THR A 75 -23.99 -23.81 38.11
C THR A 75 -24.40 -22.40 38.52
N ILE A 76 -24.10 -21.40 37.70
CA ILE A 76 -24.45 -20.02 38.03
C ILE A 76 -25.96 -19.83 37.93
N ASP A 77 -26.48 -18.90 38.72
CA ASP A 77 -27.92 -18.65 38.74
C ASP A 77 -28.35 -18.03 37.43
N GLU A 78 -29.21 -18.75 36.69
CA GLU A 78 -29.67 -18.30 35.39
C GLU A 78 -30.68 -17.17 35.49
N LYS A 79 -31.34 -17.02 36.65
CA LYS A 79 -32.37 -15.98 36.80
C LYS A 79 -31.73 -14.60 36.92
N GLU A 80 -30.82 -14.43 37.88
CA GLU A 80 -30.17 -13.12 38.05
C GLU A 80 -29.23 -12.80 36.91
N ALA A 81 -28.71 -13.82 36.22
CA ALA A 81 -27.83 -13.58 35.09
C ALA A 81 -28.58 -12.93 33.94
N MET A 82 -29.76 -13.47 33.60
CA MET A 82 -30.59 -12.85 32.56
C MET A 82 -31.08 -11.47 32.94
N LYS A 83 -31.17 -11.16 34.24
CA LYS A 83 -31.74 -9.90 34.68
C LYS A 83 -30.73 -8.77 34.72
N LYS A 84 -29.45 -9.08 34.98
CA LYS A 84 -28.46 -8.06 35.24
C LYS A 84 -27.16 -8.19 34.45
N ASN A 85 -26.96 -9.28 33.71
CA ASN A 85 -25.64 -9.53 33.12
C ASN A 85 -25.64 -9.96 31.66
N ILE A 86 -26.71 -10.58 31.16
CA ILE A 86 -26.68 -11.18 29.82
C ILE A 86 -28.07 -11.12 29.20
N GLU A 87 -28.11 -11.29 27.88
CA GLU A 87 -29.35 -11.43 27.12
C GLU A 87 -29.19 -12.59 26.14
N ASN A 88 -30.31 -13.23 25.82
CA ASN A 88 -30.34 -14.39 24.93
C ASN A 88 -29.37 -15.48 25.40
N MET A 89 -29.44 -15.78 26.69
CA MET A 89 -28.52 -16.76 27.26
C MET A 89 -28.75 -18.15 26.69
N ILE A 90 -27.66 -18.83 26.36
CA ILE A 90 -27.69 -20.20 25.86
C ILE A 90 -26.88 -21.16 26.72
N GLY A 91 -26.19 -20.65 27.74
CA GLY A 91 -25.33 -21.46 28.57
C GLY A 91 -24.24 -20.59 29.18
N ALA A 92 -23.04 -21.15 29.26
CA ALA A 92 -21.92 -20.45 29.87
C ALA A 92 -20.62 -20.97 29.28
N VAL A 93 -19.64 -20.09 29.21
CA VAL A 93 -18.28 -20.41 28.77
C VAL A 93 -17.40 -20.56 30.00
N GLN A 94 -16.52 -21.55 29.98
CA GLN A 94 -15.68 -21.89 31.13
C GLN A 94 -14.24 -21.46 30.87
N ILE A 95 -13.73 -20.56 31.70
CA ILE A 95 -12.34 -20.11 31.62
C ILE A 95 -11.56 -20.83 32.71
N PRO A 96 -10.45 -21.49 32.39
CA PRO A 96 -9.67 -22.18 33.43
C PRO A 96 -9.16 -21.19 34.48
N LEU A 97 -9.35 -21.56 35.75
CA LEU A 97 -9.01 -20.71 36.88
C LEU A 97 -7.82 -21.29 37.64
N GLY A 98 -6.77 -20.49 37.81
CA GLY A 98 -5.62 -20.87 38.60
C GLY A 98 -5.33 -19.85 39.68
N PHE A 99 -4.17 -19.95 40.34
CA PHE A 99 -3.81 -18.97 41.36
C PHE A 99 -2.30 -18.81 41.43
N ALA A 100 -1.89 -17.64 41.91
CA ALA A 100 -0.49 -17.31 42.13
C ALA A 100 -0.32 -16.81 43.56
N GLY A 101 0.74 -17.26 44.22
CA GLY A 101 1.02 -16.87 45.58
C GLY A 101 2.16 -17.67 46.19
N PRO A 102 2.57 -17.33 47.43
CA PRO A 102 2.00 -16.23 48.22
C PRO A 102 2.54 -14.87 47.82
N LEU A 103 1.76 -13.82 48.05
CA LEU A 103 2.11 -12.45 47.67
C LEU A 103 1.97 -11.56 48.90
N LYS A 104 3.10 -11.19 49.51
CA LYS A 104 3.09 -10.28 50.64
C LYS A 104 2.88 -8.86 50.14
N ILE A 105 1.82 -8.21 50.60
CA ILE A 105 1.44 -6.87 50.17
C ILE A 105 1.58 -5.93 51.35
N ASN A 106 2.30 -4.83 51.16
CA ASN A 106 2.47 -3.80 52.17
C ASN A 106 1.71 -2.55 51.76
N GLY A 107 0.38 -2.64 51.85
CA GLY A 107 -0.48 -1.55 51.44
C GLY A 107 -1.07 -0.82 52.62
N LYS A 108 -1.98 0.11 52.31
CA LYS A 108 -2.72 0.83 53.34
C LYS A 108 -4.07 0.19 53.62
N TYR A 109 -4.61 -0.59 52.67
CA TYR A 109 -5.85 -1.31 52.85
C TYR A 109 -5.72 -2.81 52.67
N ALA A 110 -4.62 -3.30 52.10
CA ALA A 110 -4.39 -4.72 51.92
C ALA A 110 -3.04 -5.06 52.55
N ASN A 111 -3.05 -5.97 53.52
CA ASN A 111 -1.82 -6.36 54.21
C ASN A 111 -1.79 -7.86 54.42
N GLY A 112 -0.60 -8.44 54.33
CA GLY A 112 -0.42 -9.85 54.55
C GLY A 112 -0.19 -10.62 53.25
N GLU A 113 -0.06 -11.93 53.41
CA GLU A 113 0.14 -12.81 52.26
C GLU A 113 -1.20 -13.14 51.63
N PHE A 114 -1.26 -13.06 50.31
CA PHE A 114 -2.48 -13.31 49.55
C PHE A 114 -2.21 -14.39 48.52
N TYR A 115 -3.29 -15.05 48.09
CA TYR A 115 -3.26 -16.02 47.00
C TYR A 115 -4.25 -15.54 45.95
N VAL A 116 -3.72 -15.03 44.85
CA VAL A 116 -4.51 -14.28 43.88
C VAL A 116 -5.10 -15.26 42.87
N PRO A 117 -6.41 -15.33 42.69
CA PRO A 117 -6.98 -16.20 41.65
C PRO A 117 -6.89 -15.53 40.28
N LEU A 118 -6.42 -16.29 39.30
CA LEU A 118 -6.22 -15.80 37.94
C LEU A 118 -6.89 -16.75 36.97
N ALA A 119 -7.68 -16.21 36.05
CA ALA A 119 -8.41 -17.00 35.06
C ALA A 119 -7.94 -16.63 33.66
N THR A 120 -7.37 -17.60 32.96
CA THR A 120 -6.87 -17.35 31.61
C THR A 120 -6.88 -18.64 30.81
N THR A 121 -6.80 -18.48 29.49
CA THR A 121 -6.57 -19.59 28.57
C THR A 121 -5.15 -19.61 28.02
N GLU A 122 -4.27 -18.72 28.50
CA GLU A 122 -2.90 -18.62 28.01
C GLU A 122 -1.97 -19.39 28.95
N GLY A 123 -1.19 -20.29 28.38
CA GLY A 123 -0.23 -21.03 29.18
C GLY A 123 0.93 -20.17 29.62
N ALA A 124 1.61 -20.63 30.67
CA ALA A 124 2.81 -19.98 31.21
C ALA A 124 2.52 -18.66 31.91
N LEU A 125 1.29 -18.16 31.78
CA LEU A 125 0.96 -16.86 32.39
C LEU A 125 0.91 -16.95 33.90
N VAL A 126 0.14 -17.91 34.43
CA VAL A 126 0.06 -18.09 35.88
C VAL A 126 1.42 -18.44 36.46
N ALA A 127 2.20 -19.25 35.73
CA ALA A 127 3.53 -19.61 36.21
C ALA A 127 4.42 -18.37 36.38
N SER A 128 4.37 -17.45 35.40
CA SER A 128 5.19 -16.24 35.48
C SER A 128 4.83 -15.42 36.71
N VAL A 129 3.53 -15.18 36.93
CA VAL A 129 3.10 -14.39 38.07
C VAL A 129 3.43 -15.12 39.37
N ASN A 130 3.28 -16.45 39.38
CA ASN A 130 3.55 -17.20 40.58
C ASN A 130 5.02 -17.12 40.97
N ARG A 131 5.90 -17.16 39.97
CA ARG A 131 7.34 -17.01 40.25
C ARG A 131 7.64 -15.64 40.84
N GLY A 132 7.10 -14.58 40.23
CA GLY A 132 7.30 -13.25 40.76
C GLY A 132 6.72 -13.05 42.15
N CYS A 133 5.60 -13.73 42.44
CA CYS A 133 5.03 -13.66 43.78
C CYS A 133 5.99 -14.23 44.81
N SER A 134 6.61 -15.37 44.51
CA SER A 134 7.53 -16.00 45.46
C SER A 134 8.78 -15.15 45.65
N ILE A 135 9.36 -14.66 44.56
CA ILE A 135 10.53 -13.78 44.66
C ILE A 135 10.20 -12.55 45.49
N VAL A 136 9.08 -11.91 45.19
CA VAL A 136 8.72 -10.66 45.88
C VAL A 136 8.48 -10.91 47.36
N THR A 137 7.89 -12.06 47.70
CA THR A 137 7.57 -12.33 49.10
C THR A 137 8.82 -12.60 49.91
N LYS A 138 9.81 -13.25 49.31
CA LYS A 138 11.07 -13.51 50.00
C LYS A 138 11.93 -12.27 50.15
N CYS A 139 11.48 -11.12 49.64
CA CYS A 139 12.24 -9.89 49.74
C CYS A 139 11.50 -8.79 50.50
N GLY A 140 10.46 -9.12 51.26
CA GLY A 140 9.78 -8.14 52.09
C GLY A 140 8.42 -7.70 51.57
N GLY A 141 8.06 -8.05 50.34
CA GLY A 141 6.75 -7.70 49.80
C GLY A 141 6.77 -6.41 49.00
N VAL A 142 5.64 -6.14 48.36
CA VAL A 142 5.49 -4.98 47.47
C VAL A 142 4.75 -3.87 48.20
N THR A 143 5.25 -2.65 48.05
CA THR A 143 4.60 -1.44 48.58
C THR A 143 3.70 -0.86 47.50
N VAL A 144 2.40 -0.84 47.76
CA VAL A 144 1.40 -0.42 46.79
C VAL A 144 0.48 0.61 47.42
N ARG A 145 0.19 1.68 46.68
CA ARG A 145 -0.71 2.74 47.11
C ARG A 145 -1.66 3.10 45.98
N VAL A 146 -2.89 3.45 46.33
CA VAL A 146 -3.88 3.92 45.36
C VAL A 146 -3.73 5.43 45.26
N ILE A 147 -3.28 5.90 44.10
CA ILE A 147 -3.00 7.33 43.92
C ILE A 147 -4.29 8.13 43.73
N ASP A 148 -5.33 7.51 43.20
CA ASP A 148 -6.58 8.23 42.92
C ASP A 148 -7.69 7.21 42.73
N ASP A 149 -8.92 7.68 42.97
CA ASP A 149 -10.11 6.83 42.77
C ASP A 149 -11.23 7.74 42.28
N LYS A 150 -11.65 7.57 41.03
CA LYS A 150 -12.68 8.39 40.42
C LYS A 150 -13.17 7.72 39.15
N MET A 151 -14.44 7.96 38.82
CA MET A 151 -15.03 7.50 37.57
C MET A 151 -15.59 8.72 36.83
N THR A 152 -15.33 8.81 35.53
CA THR A 152 -15.62 10.01 34.79
C THR A 152 -16.64 9.78 33.68
N ARG A 153 -17.28 10.89 33.27
CA ARG A 153 -18.22 10.92 32.17
C ARG A 153 -18.16 12.31 31.56
N ALA A 154 -18.04 12.38 30.24
CA ALA A 154 -17.84 13.65 29.53
C ALA A 154 -18.80 13.74 28.35
N PRO A 155 -19.93 14.44 28.50
CA PRO A 155 -20.87 14.57 27.39
C PRO A 155 -20.40 15.58 26.36
N VAL A 156 -21.03 15.51 25.19
CA VAL A 156 -20.89 16.49 24.13
C VAL A 156 -22.13 17.37 24.14
N ILE A 157 -21.92 18.67 24.26
CA ILE A 157 -22.99 19.66 24.30
C ILE A 157 -22.82 20.57 23.09
N LYS A 158 -23.90 20.74 22.33
CA LYS A 158 -23.89 21.62 21.17
C LYS A 158 -24.40 22.99 21.58
N THR A 159 -23.65 24.02 21.24
CA THR A 159 -24.04 25.41 21.43
C THR A 159 -24.11 26.08 20.07
N GLU A 160 -24.70 27.27 20.03
CA GLU A 160 -24.88 27.95 18.76
C GLU A 160 -23.56 28.52 18.25
N SER A 161 -22.67 28.96 19.14
CA SER A 161 -21.43 29.60 18.71
C SER A 161 -20.38 29.45 19.80
N VAL A 162 -19.15 29.87 19.47
CA VAL A 162 -18.07 29.86 20.45
C VAL A 162 -18.41 30.80 21.60
N ILE A 163 -19.13 31.89 21.32
CA ILE A 163 -19.54 32.81 22.37
C ILE A 163 -20.42 32.09 23.39
N ASP A 164 -21.36 31.27 22.91
CA ASP A 164 -22.21 30.50 23.81
C ASP A 164 -21.43 29.42 24.55
N ALA A 165 -20.43 28.82 23.90
CA ALA A 165 -19.68 27.75 24.55
C ALA A 165 -18.88 28.29 25.74
N VAL A 166 -18.18 29.42 25.55
CA VAL A 166 -17.44 30.02 26.64
C VAL A 166 -18.37 30.37 27.80
N LYS A 167 -19.55 30.91 27.48
CA LYS A 167 -20.53 31.21 28.51
C LYS A 167 -21.00 29.94 29.22
N LEU A 168 -21.17 28.85 28.47
CA LEU A 168 -21.52 27.57 29.09
C LEU A 168 -20.41 27.09 30.00
N LYS A 169 -19.15 27.22 29.58
CA LYS A 169 -18.02 26.78 30.39
C LYS A 169 -17.97 27.53 31.71
N GLU A 170 -18.12 28.86 31.66
CA GLU A 170 -18.09 29.64 32.88
C GLU A 170 -19.29 29.32 33.78
N TRP A 171 -20.48 29.16 33.18
CA TRP A 171 -21.66 28.89 34.00
C TRP A 171 -21.49 27.60 34.79
N ILE A 172 -20.96 26.56 34.15
CA ILE A 172 -20.74 25.29 34.82
C ILE A 172 -19.76 25.46 35.98
N LYS A 173 -18.72 26.27 35.77
CA LYS A 173 -17.69 26.43 36.80
C LYS A 173 -18.24 27.16 38.02
N GLU A 174 -18.99 28.24 37.81
CA GLU A 174 -19.49 29.03 38.94
C GLU A 174 -20.60 28.30 39.69
N ASN A 175 -21.50 27.65 38.95
CA ASN A 175 -22.64 26.96 39.55
C ASN A 175 -22.35 25.50 39.86
N PHE A 176 -21.10 25.16 40.18
CA PHE A 176 -20.75 23.76 40.44
C PHE A 176 -21.57 23.20 41.59
N GLN A 177 -21.65 23.92 42.70
CA GLN A 177 -22.35 23.40 43.88
C GLN A 177 -23.79 23.04 43.55
N ARG A 178 -24.45 23.89 42.76
CA ARG A 178 -25.82 23.59 42.34
C ARG A 178 -25.86 22.34 41.47
N ILE A 179 -24.96 22.25 40.49
CA ILE A 179 -24.90 21.04 39.67
C ILE A 179 -24.64 19.84 40.55
N LYS A 180 -23.76 19.99 41.55
CA LYS A 180 -23.43 18.90 42.46
C LYS A 180 -24.67 18.38 43.16
N GLU A 181 -25.50 19.28 43.71
CA GLU A 181 -26.70 18.85 44.42
C GLU A 181 -27.64 18.06 43.53
N VAL A 182 -27.85 18.53 42.29
CA VAL A 182 -28.75 17.83 41.38
C VAL A 182 -28.20 16.44 41.07
N ALA A 183 -26.91 16.36 40.78
CA ALA A 183 -26.30 15.08 40.41
C ALA A 183 -26.35 14.08 41.56
N GLU A 184 -26.00 14.53 42.77
CA GLU A 184 -25.93 13.62 43.91
C GLU A 184 -27.30 13.15 44.40
N SER A 185 -28.39 13.76 43.92
CA SER A 185 -29.73 13.34 44.34
C SER A 185 -30.13 12.01 43.72
N THR A 186 -29.43 11.57 42.68
CA THR A 186 -29.77 10.33 42.00
C THR A 186 -29.19 9.09 42.68
N THR A 187 -28.27 9.25 43.62
CA THR A 187 -27.60 8.10 44.20
C THR A 187 -27.22 8.37 45.64
N ARG A 188 -27.06 7.28 46.39
CA ARG A 188 -26.66 7.34 47.79
C ARG A 188 -25.17 7.17 47.98
N HIS A 189 -24.45 6.60 47.02
CA HIS A 189 -23.02 6.33 47.13
C HIS A 189 -22.16 7.24 46.29
N GLY A 190 -22.65 7.67 45.12
CA GLY A 190 -21.86 8.52 44.26
C GLY A 190 -21.78 9.95 44.78
N LYS A 191 -20.75 10.66 44.33
CA LYS A 191 -20.54 12.03 44.76
C LYS A 191 -19.74 12.77 43.71
N LEU A 192 -20.34 13.79 43.09
CA LEU A 192 -19.63 14.61 42.11
C LEU A 192 -18.58 15.46 42.83
N ILE A 193 -17.31 15.28 42.45
CA ILE A 193 -16.21 15.98 43.11
C ILE A 193 -15.61 17.07 42.24
N ASP A 194 -15.80 17.03 40.93
CA ASP A 194 -15.27 18.07 40.06
C ASP A 194 -15.88 17.95 38.68
N ILE A 195 -15.76 19.03 37.89
CA ILE A 195 -16.06 18.99 36.47
C ILE A 195 -14.87 19.60 35.76
N ASN A 196 -13.83 18.78 35.53
CA ASN A 196 -12.58 19.27 34.96
C ASN A 196 -11.86 18.17 34.19
N PRO A 197 -11.32 18.48 33.00
CA PRO A 197 -11.38 19.77 32.29
C PRO A 197 -12.68 19.92 31.51
N ILE A 198 -12.92 21.11 30.98
CA ILE A 198 -14.09 21.38 30.13
C ILE A 198 -13.55 21.79 28.77
N LEU A 199 -13.55 20.86 27.82
CA LEU A 199 -12.93 21.07 26.52
C LEU A 199 -13.92 21.70 25.56
N ILE A 200 -13.42 22.56 24.69
CA ILE A 200 -14.22 23.25 23.68
C ILE A 200 -13.54 23.07 22.33
N VAL A 201 -14.29 22.62 21.34
CA VAL A 201 -13.85 22.55 19.96
C VAL A 201 -14.89 23.30 19.15
N GLY A 202 -14.56 24.51 18.71
CA GLY A 202 -15.50 25.33 17.97
C GLY A 202 -16.66 25.76 18.81
N ARG A 203 -17.82 25.10 18.64
CA ARG A 203 -19.01 25.43 19.40
C ARG A 203 -19.53 24.21 20.19
N TYR A 204 -18.72 23.18 20.34
CA TYR A 204 -19.09 21.98 21.08
C TYR A 204 -18.26 21.90 22.36
N VAL A 205 -18.93 21.59 23.47
CA VAL A 205 -18.31 21.59 24.78
C VAL A 205 -18.26 20.18 25.33
N TYR A 206 -17.12 19.81 25.91
CA TYR A 206 -16.89 18.49 26.48
C TYR A 206 -16.46 18.63 27.94
N PRO A 207 -17.43 18.72 28.87
CA PRO A 207 -17.05 18.79 30.29
C PRO A 207 -16.88 17.42 30.93
N ARG A 208 -15.75 17.19 31.59
CA ARG A 208 -15.45 15.90 32.21
C ARG A 208 -16.01 15.89 33.63
N PHE A 209 -17.17 15.24 33.82
CA PHE A 209 -17.72 15.06 35.15
C PHE A 209 -16.93 14.00 35.90
N VAL A 210 -16.40 14.36 37.07
CA VAL A 210 -15.58 13.46 37.90
C VAL A 210 -16.37 13.06 39.14
N TYR A 211 -16.51 11.75 39.35
CA TYR A 211 -17.30 11.23 40.46
C TYR A 211 -16.46 10.30 41.32
N LYS A 212 -16.78 10.30 42.61
CA LYS A 212 -16.38 9.25 43.54
C LYS A 212 -17.50 8.23 43.60
N THR A 213 -17.18 6.95 43.38
CA THR A 213 -18.17 5.91 43.18
C THR A 213 -18.28 4.92 44.34
N GLY A 214 -17.56 5.16 45.43
CA GLY A 214 -17.60 4.20 46.53
C GLY A 214 -16.92 2.91 46.11
N ASP A 215 -17.61 1.79 46.32
CA ASP A 215 -17.07 0.47 46.01
C ASP A 215 -17.43 -0.02 44.62
N ALA A 216 -18.32 0.66 43.90
CA ALA A 216 -18.71 0.26 42.58
C ALA A 216 -17.78 0.85 41.53
N MET A 217 -17.79 0.24 40.34
CA MET A 217 -17.07 0.83 39.22
C MET A 217 -17.78 2.09 38.72
N GLY A 218 -19.11 2.12 38.81
CA GLY A 218 -19.87 3.33 38.53
C GLY A 218 -20.17 3.60 37.08
N MET A 219 -20.27 2.55 36.26
CA MET A 219 -20.60 2.74 34.86
C MET A 219 -21.93 3.46 34.70
N ASN A 220 -23.02 2.85 35.17
CA ASN A 220 -24.34 3.46 35.04
C ASN A 220 -24.56 4.53 36.10
N MET A 221 -23.94 4.39 37.26
CA MET A 221 -24.14 5.34 38.35
C MET A 221 -23.87 6.76 37.89
N VAL A 222 -22.72 7.00 37.26
CA VAL A 222 -22.36 8.35 36.85
C VAL A 222 -23.24 8.80 35.68
N THR A 223 -23.73 7.87 34.87
CA THR A 223 -24.61 8.23 33.77
C THR A 223 -25.95 8.73 34.28
N ILE A 224 -26.54 8.03 35.25
CA ILE A 224 -27.81 8.49 35.81
C ILE A 224 -27.63 9.89 36.40
N ALA A 225 -26.56 10.08 37.18
CA ALA A 225 -26.28 11.37 37.78
C ALA A 225 -26.00 12.43 36.72
N THR A 226 -25.14 12.12 35.75
CA THR A 226 -24.77 13.10 34.73
C THR A 226 -25.96 13.44 33.84
N GLU A 227 -26.82 12.45 33.57
CA GLU A 227 -28.01 12.70 32.77
C GLU A 227 -28.88 13.77 33.41
N LYS A 228 -29.15 13.64 34.71
CA LYS A 228 -29.96 14.63 35.41
C LYS A 228 -29.26 15.98 35.48
N ALA A 229 -27.92 15.99 35.61
CA ALA A 229 -27.20 17.26 35.69
C ALA A 229 -27.28 18.02 34.37
N CYS A 230 -27.24 17.31 33.24
CA CYS A 230 -27.34 17.99 31.95
C CYS A 230 -28.74 18.55 31.74
N ASN A 231 -29.78 17.81 32.12
CA ASN A 231 -31.14 18.34 32.03
C ASN A 231 -31.25 19.64 32.84
N PHE A 232 -30.60 19.68 34.00
CA PHE A 232 -30.61 20.88 34.83
C PHE A 232 -29.88 22.04 34.16
N ILE A 233 -28.67 21.78 33.65
CA ILE A 233 -27.91 22.84 32.99
C ILE A 233 -28.65 23.37 31.76
N GLU A 234 -29.25 22.46 31.00
CA GLU A 234 -29.96 22.88 29.79
C GLU A 234 -31.09 23.85 30.13
N GLU A 235 -31.85 23.55 31.19
CA GLU A 235 -32.94 24.43 31.59
C GLU A 235 -32.42 25.75 32.12
N GLU A 236 -31.41 25.69 32.99
CA GLU A 236 -30.92 26.91 33.63
C GLU A 236 -30.31 27.88 32.63
N LEU A 237 -29.67 27.38 31.57
CA LEU A 237 -29.17 28.28 30.52
C LEU A 237 -30.29 28.83 29.67
N LYS A 238 -31.35 28.04 29.47
CA LYS A 238 -32.50 28.56 28.75
C LYS A 238 -33.05 29.79 29.44
N LYS A 239 -32.95 29.84 30.77
CA LYS A 239 -33.39 31.00 31.55
C LYS A 239 -32.49 32.21 31.34
N GLU A 240 -31.31 32.05 30.77
CA GLU A 240 -30.41 33.17 30.47
C GLU A 240 -30.22 33.35 28.97
N ASN A 241 -31.24 32.97 28.19
CA ASN A 241 -31.25 33.18 26.74
C ASN A 241 -29.99 32.63 26.09
N ILE A 242 -29.64 31.38 26.45
CA ILE A 242 -28.60 30.62 25.76
C ILE A 242 -29.11 29.20 25.58
N ASN A 243 -29.36 28.82 24.32
CA ASN A 243 -29.95 27.53 23.99
C ASN A 243 -28.84 26.52 23.67
N ILE A 244 -28.83 25.42 24.42
CA ILE A 244 -27.89 24.32 24.25
C ILE A 244 -28.68 23.01 24.33
N HIS A 245 -28.02 21.93 23.93
CA HIS A 245 -28.63 20.62 24.09
C HIS A 245 -27.54 19.55 23.99
N THR A 246 -27.67 18.52 24.83
CA THR A 246 -26.71 17.42 24.89
C THR A 246 -26.95 16.43 23.76
N VAL A 247 -25.92 16.20 22.94
CA VAL A 247 -26.03 15.22 21.87
C VAL A 247 -25.91 13.80 22.41
N ALA A 248 -24.93 13.57 23.28
CA ALA A 248 -24.73 12.26 23.88
C ALA A 248 -24.04 12.41 25.23
N LEU A 249 -24.37 11.51 26.15
CA LEU A 249 -23.78 11.57 27.48
C LEU A 249 -22.33 11.08 27.48
N SER A 250 -21.99 10.19 26.55
CA SER A 250 -20.63 9.70 26.38
C SER A 250 -20.09 10.32 25.09
N GLY A 251 -19.31 11.39 25.23
CA GLY A 251 -18.82 12.14 24.09
C GLY A 251 -17.44 11.70 23.63
N ASN A 252 -17.04 10.49 24.01
CA ASN A 252 -15.73 9.94 23.67
C ASN A 252 -14.59 10.74 24.28
N ALA A 253 -14.90 11.58 25.27
CA ALA A 253 -13.86 12.18 26.09
C ALA A 253 -13.90 11.61 27.50
N VAL A 255 -12.41 8.78 28.93
CA VAL A 255 -12.65 7.97 27.73
C VAL A 255 -12.91 6.55 28.24
N ASP A 256 -13.91 5.88 27.69
CA ASP A 256 -14.39 4.61 28.21
C ASP A 256 -14.05 3.49 27.23
N LYS A 257 -13.30 2.50 27.70
CA LYS A 257 -13.02 1.29 26.93
C LYS A 257 -12.33 1.61 25.60
N LYS A 258 -11.48 2.63 25.63
CA LYS A 258 -10.65 3.04 24.52
C LYS A 258 -9.34 3.53 25.12
N PRO A 259 -8.22 3.43 24.40
CA PRO A 259 -6.96 3.97 24.91
C PRO A 259 -6.84 5.45 24.56
N ALA A 260 -6.75 6.31 25.57
CA ALA A 260 -6.74 7.74 25.33
C ALA A 260 -5.76 8.42 26.28
N GLY A 261 -5.17 9.52 25.80
CA GLY A 261 -4.22 10.25 26.59
C GLY A 261 -4.84 10.91 27.82
N ILE A 262 -6.08 11.38 27.71
CA ILE A 262 -6.71 12.02 28.85
C ILE A 262 -6.78 11.05 30.03
N ASN A 263 -6.91 9.75 29.75
CA ASN A 263 -6.91 8.74 30.79
C ASN A 263 -5.52 8.44 31.33
N LEU A 264 -4.48 8.72 30.53
CA LEU A 264 -3.11 8.53 30.98
C LEU A 264 -2.66 9.68 31.87
N ILE A 265 -3.14 10.89 31.61
CA ILE A 265 -2.73 12.08 32.34
C ILE A 265 -3.64 12.28 33.54
N GLU A 266 -4.91 12.61 33.28
CA GLU A 266 -5.85 12.90 34.35
C GLU A 266 -6.27 11.63 35.10
N GLY A 267 -6.03 10.46 34.54
CA GLY A 267 -6.38 9.22 35.20
C GLY A 267 -7.86 8.91 35.10
N ARG A 268 -8.19 7.66 35.40
CA ARG A 268 -9.58 7.22 35.42
C ARG A 268 -9.66 5.92 36.22
N GLY A 269 -10.80 5.70 36.85
CA GLY A 269 -10.90 4.59 37.79
C GLY A 269 -9.90 4.73 38.91
N LYS A 270 -9.26 3.62 39.27
CA LYS A 270 -8.23 3.62 40.31
C LYS A 270 -6.87 3.79 39.67
N SER A 271 -6.12 4.80 40.12
CA SER A 271 -4.74 4.99 39.72
C SER A 271 -3.85 4.36 40.78
N ILE A 272 -3.07 3.36 40.40
CA ILE A 272 -2.31 2.53 41.33
C ILE A 272 -0.83 2.60 40.97
N ILE A 273 0.01 2.60 42.00
CA ILE A 273 1.46 2.49 41.85
C ILE A 273 1.96 1.44 42.84
N ALA A 274 2.79 0.52 42.35
CA ALA A 274 3.43 -0.49 43.19
C ALA A 274 4.95 -0.43 42.99
N GLU A 275 5.70 -0.80 44.02
CA GLU A 275 7.14 -0.70 43.98
C GLU A 275 7.79 -1.69 44.93
N VAL A 276 9.04 -2.03 44.63
CA VAL A 276 9.87 -2.89 45.47
C VAL A 276 11.31 -2.38 45.41
N PHE A 277 12.04 -2.60 46.50
CA PHE A 277 13.47 -2.34 46.57
C PHE A 277 14.17 -3.66 46.79
N LEU A 278 14.95 -4.10 45.81
CA LEU A 278 15.68 -5.36 45.88
C LEU A 278 17.17 -5.07 46.06
N LYS A 279 17.82 -5.88 46.89
CA LYS A 279 19.27 -5.78 47.08
C LYS A 279 19.99 -6.56 45.99
N GLU A 280 21.20 -6.10 45.65
CA GLU A 280 21.97 -6.76 44.59
C GLU A 280 22.09 -8.26 44.85
N GLU A 281 22.15 -8.66 46.12
CA GLU A 281 22.26 -10.07 46.46
C GLU A 281 20.97 -10.81 46.11
N GLU A 282 19.82 -10.24 46.45
CA GLU A 282 18.54 -10.87 46.15
C GLU A 282 18.40 -11.10 44.65
N ILE A 283 18.87 -10.15 43.84
CA ILE A 283 18.75 -10.28 42.39
C ILE A 283 19.56 -11.48 41.90
N LYS A 284 20.73 -11.71 42.47
CA LYS A 284 21.55 -12.85 42.05
C LYS A 284 21.02 -14.16 42.58
N LYS A 285 20.40 -14.16 43.76
CA LYS A 285 19.92 -15.40 44.35
C LYS A 285 18.62 -15.87 43.69
N TYR A 286 17.64 -14.97 43.54
CA TYR A 286 16.31 -15.35 43.08
C TYR A 286 16.08 -15.08 41.60
N LEU A 287 16.47 -13.92 41.11
CA LEU A 287 16.25 -13.59 39.70
C LEU A 287 17.40 -14.04 38.80
N LYS A 288 18.53 -14.45 39.36
CA LYS A 288 19.61 -15.05 38.58
C LYS A 288 20.13 -14.06 37.54
N THR A 289 20.17 -12.79 37.90
CA THR A 289 20.58 -11.73 36.98
C THR A 289 21.27 -10.64 37.77
N THR A 290 21.54 -9.51 37.12
CA THR A 290 22.15 -8.36 37.77
C THR A 290 21.21 -7.15 37.66
N SER A 291 21.45 -6.17 38.52
CA SER A 291 20.58 -5.01 38.56
C SER A 291 20.67 -4.19 37.27
N LYS A 292 21.89 -3.99 36.74
CA LYS A 292 22.04 -3.21 35.52
C LYS A 292 21.32 -3.86 34.35
N ALA A 293 21.19 -5.19 34.36
CA ALA A 293 20.54 -5.88 33.25
C ALA A 293 19.03 -5.66 33.27
N ILE A 294 18.45 -5.62 34.47
CA ILE A 294 17.02 -5.29 34.58
C ILE A 294 16.78 -3.87 34.09
N GLU A 295 17.63 -2.93 34.53
CA GLU A 295 17.48 -1.56 34.06
C GLU A 295 17.59 -1.49 32.53
N GLN A 296 18.53 -2.22 31.96
CA GLN A 296 18.75 -2.13 30.51
C GLN A 296 17.57 -2.68 29.72
N VAL A 297 17.09 -3.88 30.07
CA VAL A 297 15.95 -4.45 29.37
C VAL A 297 14.77 -3.49 29.45
N ASN A 298 14.50 -2.98 30.65
CA ASN A 298 13.37 -2.09 30.84
C ASN A 298 13.53 -0.83 29.99
N MET A 299 14.75 -0.32 29.84
CA MET A 299 14.95 0.90 29.06
C MET A 299 14.78 0.63 27.57
N TYR A 300 15.43 -0.42 27.05
CA TYR A 300 15.35 -0.69 25.62
C TYR A 300 13.96 -1.14 25.22
N LYS A 301 13.31 -1.95 26.08
CA LYS A 301 12.01 -2.53 25.74
C LYS A 301 10.87 -1.60 26.15
N ASN A 302 10.66 -1.44 27.46
CA ASN A 302 9.46 -0.77 27.95
C ASN A 302 9.46 0.73 27.62
N LEU A 303 10.62 1.37 27.60
CA LEU A 303 10.66 2.81 27.34
C LEU A 303 10.93 3.12 25.87
N ILE A 304 12.15 2.87 25.40
CA ILE A 304 12.49 3.24 24.03
C ILE A 304 11.63 2.46 23.04
N GLY A 305 11.48 1.15 23.26
CA GLY A 305 10.70 0.35 22.34
C GLY A 305 9.29 0.89 22.15
N SER A 306 8.59 1.14 23.26
CA SER A 306 7.22 1.65 23.19
C SER A 306 7.19 3.05 22.60
N ALA A 307 8.23 3.85 22.81
CA ALA A 307 8.19 5.22 22.30
C ALA A 307 8.27 5.24 20.78
N ILE A 308 9.25 4.55 20.19
CA ILE A 308 9.43 4.65 18.75
C ILE A 308 8.25 4.03 18.02
N SER A 309 7.60 3.03 18.62
CA SER A 309 6.39 2.45 18.06
C SER A 309 5.15 3.27 18.39
N ASN A 310 5.32 4.43 19.03
CA ASN A 310 4.21 5.31 19.40
C ASN A 310 3.15 4.55 20.18
N SER A 311 3.58 3.87 21.24
CA SER A 311 2.69 3.16 22.13
C SER A 311 2.32 4.03 23.32
N MET A 312 1.14 3.77 23.89
CA MET A 312 0.73 4.37 25.15
C MET A 312 0.97 3.46 26.34
N GLY A 313 1.36 2.21 26.09
CA GLY A 313 1.70 1.30 27.17
C GLY A 313 3.20 1.08 27.24
N PHE A 314 3.86 1.83 28.12
CA PHE A 314 5.28 1.67 28.33
C PHE A 314 5.60 0.56 29.32
N ASN A 315 4.93 -0.57 29.16
CA ASN A 315 5.09 -1.71 30.05
C ASN A 315 5.26 -2.97 29.23
N ALA A 316 5.27 -4.13 29.89
CA ALA A 316 5.45 -5.39 29.19
C ALA A 316 4.28 -6.36 29.36
N HIS A 317 3.62 -6.35 30.52
CA HIS A 317 2.70 -7.43 30.88
C HIS A 317 1.38 -6.97 31.47
N TYR A 318 1.16 -5.66 31.67
CA TYR A 318 -0.02 -5.20 32.38
C TYR A 318 -1.29 -5.87 31.87
N ALA A 319 -1.55 -5.77 30.57
CA ALA A 319 -2.82 -6.26 30.02
C ALA A 319 -3.01 -7.75 30.30
N ASN A 320 -1.96 -8.55 30.16
CA ASN A 320 -2.08 -9.99 30.39
C ASN A 320 -2.50 -10.28 31.82
N ILE A 321 -1.86 -9.62 32.79
CA ILE A 321 -2.16 -9.86 34.20
C ILE A 321 -3.50 -9.23 34.58
N ILE A 322 -3.71 -7.98 34.16
CA ILE A 322 -5.01 -7.35 34.35
C ILE A 322 -6.11 -8.26 33.81
N GLY A 323 -5.91 -8.78 32.60
CA GLY A 323 -6.91 -9.61 31.98
C GLY A 323 -7.26 -10.84 32.80
N ALA A 324 -6.24 -11.59 33.21
CA ALA A 324 -6.48 -12.81 33.97
C ALA A 324 -7.16 -12.50 35.30
N LEU A 325 -6.72 -11.44 35.98
CA LEU A 325 -7.33 -11.09 37.26
C LEU A 325 -8.72 -10.52 37.09
N PHE A 326 -8.96 -9.81 35.97
CA PHE A 326 -10.28 -9.25 35.72
C PHE A 326 -11.32 -10.34 35.47
N LEU A 327 -10.96 -11.37 34.70
CA LEU A 327 -11.90 -12.45 34.43
C LEU A 327 -12.24 -13.22 35.70
N ALA A 328 -11.25 -13.46 36.56
CA ALA A 328 -11.51 -14.26 37.75
C ALA A 328 -12.51 -13.56 38.66
N THR A 329 -12.42 -12.23 38.76
CA THR A 329 -13.19 -11.46 39.73
C THR A 329 -14.42 -10.79 39.13
N GLY A 330 -14.73 -11.02 37.85
CA GLY A 330 -15.95 -10.51 37.27
C GLY A 330 -15.96 -9.03 36.95
N GLN A 331 -14.83 -8.48 36.51
CA GLN A 331 -14.77 -7.10 36.06
C GLN A 331 -15.20 -7.00 34.59
N ASP A 332 -15.29 -5.77 34.11
CA ASP A 332 -15.64 -5.56 32.71
C ASP A 332 -14.44 -5.89 31.84
N GLU A 333 -14.60 -6.92 31.00
CA GLU A 333 -13.48 -7.33 30.14
C GLU A 333 -13.02 -6.18 29.26
N ALA A 334 -13.96 -5.36 28.77
CA ALA A 334 -13.59 -4.28 27.86
C ALA A 334 -12.67 -3.27 28.53
N HIS A 335 -12.63 -3.22 29.86
CA HIS A 335 -11.74 -2.31 30.57
C HIS A 335 -10.31 -2.81 30.63
N ILE A 336 -10.03 -4.02 30.16
CA ILE A 336 -8.64 -4.44 29.99
C ILE A 336 -7.92 -3.47 29.09
N VAL A 337 -8.64 -2.85 28.14
CA VAL A 337 -8.05 -1.79 27.31
C VAL A 337 -7.38 -0.75 28.21
N GLU A 338 -8.12 -0.25 29.19
CA GLU A 338 -7.60 0.81 30.05
C GLU A 338 -6.50 0.32 30.99
N GLY A 339 -6.60 -0.93 31.44
CA GLY A 339 -5.59 -1.48 32.32
C GLY A 339 -4.24 -1.71 31.66
N SER A 340 -4.20 -1.67 30.34
CA SER A 340 -2.94 -1.85 29.61
C SER A 340 -2.08 -0.59 29.59
N LEU A 341 -2.63 0.57 29.95
CA LEU A 341 -1.82 1.77 30.04
C LEU A 341 -1.00 1.79 31.32
N GLY A 342 0.15 2.43 31.26
CA GLY A 342 1.02 2.57 32.42
C GLY A 342 2.48 2.47 32.03
N ILE A 343 3.34 2.91 32.96
CA ILE A 343 4.78 2.95 32.76
C ILE A 343 5.47 2.08 33.81
N THR A 344 6.41 1.25 33.38
CA THR A 344 7.24 0.46 34.29
C THR A 344 8.60 1.14 34.42
N VAL A 345 8.98 1.45 35.64
CA VAL A 345 10.23 2.15 35.92
C VAL A 345 11.13 1.21 36.71
N ALA A 346 12.29 0.90 36.13
CA ALA A 346 13.31 0.09 36.79
C ALA A 346 14.61 0.87 36.79
N GLU A 347 15.13 1.14 37.98
CA GLU A 347 16.36 1.92 38.10
C GLU A 347 17.43 1.29 38.97
N CYS A 348 18.66 1.32 38.47
CA CYS A 348 19.81 0.81 39.20
C CYS A 348 20.13 1.77 40.35
N THR A 349 19.98 1.30 41.58
CA THR A 349 20.32 2.07 42.76
C THR A 349 21.66 1.60 43.34
N GLU A 350 22.09 2.28 44.41
CA GLU A 350 23.36 1.95 45.06
C GLU A 350 23.35 0.54 45.63
N ASP A 351 22.27 0.17 46.32
CA ASP A 351 22.19 -1.12 46.99
C ASP A 351 21.71 -2.23 46.07
N GLY A 352 20.87 -1.93 45.09
CA GLY A 352 20.39 -2.92 44.16
C GLY A 352 19.59 -2.31 43.01
N VAL A 353 18.26 -2.47 43.03
CA VAL A 353 17.43 -1.92 41.97
C VAL A 353 16.12 -1.42 42.57
N TYR A 354 15.54 -0.41 41.93
CA TYR A 354 14.20 0.09 42.25
C TYR A 354 13.28 -0.27 41.09
N PHE A 355 12.21 -0.99 41.38
CA PHE A 355 11.28 -1.50 40.37
C PHE A 355 9.88 -1.07 40.76
N SER A 356 9.18 -0.38 39.85
CA SER A 356 7.84 0.11 40.11
C SER A 356 6.98 -0.02 38.87
N VAL A 357 5.68 -0.07 39.09
CA VAL A 357 4.68 -0.10 38.03
C VAL A 357 3.67 1.01 38.33
N THR A 358 3.22 1.70 37.29
CA THR A 358 2.31 2.84 37.42
C THR A 358 1.13 2.60 36.49
N LEU A 359 -0.05 2.38 37.05
CA LEU A 359 -1.26 2.09 36.29
C LEU A 359 -2.27 3.21 36.50
N PRO A 360 -2.24 4.27 35.68
CA PRO A 360 -3.12 5.42 35.93
C PRO A 360 -4.58 5.16 35.60
N ASP A 361 -4.93 4.01 35.03
CA ASP A 361 -6.29 3.79 34.52
C ASP A 361 -6.68 2.32 34.75
N VAL A 362 -7.35 2.07 35.87
CA VAL A 362 -7.77 0.71 36.23
C VAL A 362 -9.17 0.79 36.83
N PRO A 363 -10.22 0.68 36.04
CA PRO A 363 -11.60 0.73 36.59
C PRO A 363 -11.98 -0.63 37.16
N VAL A 364 -12.12 -0.68 38.48
CA VAL A 364 -12.49 -1.91 39.18
C VAL A 364 -13.58 -1.61 40.19
N GLY A 365 -14.26 -2.66 40.62
CA GLY A 365 -15.29 -2.56 41.63
C GLY A 365 -15.48 -3.90 42.31
N THR A 366 -16.01 -3.85 43.52
CA THR A 366 -16.29 -5.04 44.31
C THR A 366 -17.78 -5.29 44.51
N VAL A 367 -18.65 -4.44 43.96
CA VAL A 367 -20.09 -4.63 44.03
C VAL A 367 -20.68 -4.26 42.67
N GLY A 368 -21.72 -4.98 42.27
CA GLY A 368 -22.38 -4.72 41.01
C GLY A 368 -21.66 -5.34 39.82
N GLY A 369 -22.31 -5.25 38.67
CA GLY A 369 -21.72 -5.75 37.44
C GLY A 369 -21.51 -7.24 37.49
N GLY A 370 -20.32 -7.67 37.07
CA GLY A 370 -19.97 -9.07 37.02
C GLY A 370 -19.46 -9.65 38.32
N THR A 371 -19.32 -8.82 39.36
CA THR A 371 -18.94 -9.35 40.67
C THR A 371 -20.09 -10.11 41.30
N ARG A 372 -21.31 -9.95 40.79
CA ARG A 372 -22.46 -10.67 41.28
C ARG A 372 -22.50 -12.12 40.82
N VAL A 373 -21.82 -12.44 39.72
CA VAL A 373 -21.83 -13.80 39.19
C VAL A 373 -21.12 -14.73 40.16
N GLU A 374 -21.73 -15.89 40.41
CA GLU A 374 -21.31 -16.77 41.50
C GLU A 374 -19.80 -17.06 41.48
N THR A 375 -19.30 -17.62 40.38
CA THR A 375 -17.89 -18.03 40.33
C THR A 375 -16.96 -16.85 40.56
N GLN A 376 -17.29 -15.69 39.97
CA GLN A 376 -16.45 -14.52 40.17
C GLN A 376 -16.59 -13.98 41.59
N LYS A 377 -17.79 -14.07 42.16
CA LYS A 377 -17.98 -13.70 43.56
C LYS A 377 -17.08 -14.53 44.46
N GLU A 378 -16.85 -15.80 44.11
CA GLU A 378 -16.02 -16.66 44.92
C GLU A 378 -14.55 -16.26 44.83
N CYS A 379 -14.11 -15.83 43.64
CA CYS A 379 -12.73 -15.38 43.50
C CYS A 379 -12.44 -14.17 44.38
N LEU A 380 -13.41 -13.25 44.48
CA LEU A 380 -13.25 -12.09 45.34
C LEU A 380 -13.16 -12.48 46.81
N GLU A 381 -13.98 -13.45 47.25
CA GLU A 381 -13.97 -13.87 48.65
C GLU A 381 -12.65 -14.55 49.02
N LEU A 382 -12.02 -15.24 48.08
CA LEU A 382 -10.70 -15.82 48.34
C LEU A 382 -9.63 -14.75 48.57
N LEU A 383 -9.91 -13.51 48.18
CA LEU A 383 -9.06 -12.36 48.49
C LEU A 383 -9.55 -11.58 49.70
N GLY A 384 -10.77 -11.84 50.17
CA GLY A 384 -11.36 -11.03 51.21
C GLY A 384 -11.84 -9.68 50.72
N CYS A 385 -12.30 -9.61 49.47
CA CYS A 385 -12.56 -8.33 48.80
C CYS A 385 -13.98 -8.20 48.27
N HIS A 386 -14.90 -9.08 48.64
CA HIS A 386 -16.28 -8.96 48.17
C HIS A 386 -17.09 -8.07 49.11
N GLY A 387 -17.71 -7.05 48.55
CA GLY A 387 -18.61 -6.19 49.28
C GLY A 387 -18.09 -4.77 49.42
N GLY A 388 -18.68 -4.05 50.37
CA GLY A 388 -18.31 -2.68 50.59
C GLY A 388 -17.01 -2.54 51.36
N ASP A 389 -16.43 -1.34 51.26
CA ASP A 389 -15.16 -1.03 51.93
C ASP A 389 -14.08 -2.04 51.57
N LYS A 390 -14.06 -2.47 50.31
CA LYS A 390 -13.04 -3.40 49.84
C LYS A 390 -12.52 -3.08 48.45
N ALA A 391 -13.02 -2.03 47.79
CA ALA A 391 -12.53 -1.67 46.47
C ALA A 391 -11.07 -1.22 46.52
N LEU A 392 -10.72 -0.38 47.51
CA LEU A 392 -9.35 0.07 47.63
C LEU A 392 -8.41 -1.10 47.95
N LYS A 393 -8.86 -2.04 48.79
CA LYS A 393 -8.06 -3.24 49.03
C LYS A 393 -7.84 -4.01 47.74
N PHE A 394 -8.90 -4.19 46.94
CA PHE A 394 -8.76 -4.92 45.70
C PHE A 394 -7.82 -4.17 44.74
N ALA A 395 -7.97 -2.85 44.64
CA ALA A 395 -7.10 -2.09 43.75
C ALA A 395 -5.64 -2.23 44.16
N GLU A 396 -5.38 -2.39 45.47
CA GLU A 396 -4.00 -2.61 45.92
C GLU A 396 -3.53 -4.03 45.63
N ILE A 397 -4.44 -5.00 45.61
CA ILE A 397 -4.05 -6.35 45.20
C ILE A 397 -3.76 -6.37 43.70
N VAL A 398 -4.60 -5.72 42.90
CA VAL A 398 -4.36 -5.64 41.46
C VAL A 398 -2.95 -5.10 41.19
N GLY A 399 -2.61 -3.98 41.83
CA GLY A 399 -1.32 -3.36 41.59
C GLY A 399 -0.17 -4.26 41.99
N ALA A 400 -0.32 -4.98 43.10
CA ALA A 400 0.75 -5.86 43.56
C ALA A 400 0.94 -7.03 42.61
N THR A 401 -0.15 -7.64 42.15
CA THR A 401 -0.03 -8.78 41.23
C THR A 401 0.65 -8.36 39.93
N VAL A 402 0.33 -7.17 39.43
CA VAL A 402 0.97 -6.69 38.20
C VAL A 402 2.47 -6.53 38.40
N LEU A 403 2.88 -5.90 39.50
CA LEU A 403 4.31 -5.75 39.72
C LEU A 403 4.98 -7.12 39.80
N ALA A 404 4.34 -8.07 40.47
CA ALA A 404 4.89 -9.42 40.57
C ALA A 404 5.11 -10.01 39.19
N GLY A 405 4.09 -9.97 38.34
CA GLY A 405 4.24 -10.51 37.00
C GLY A 405 5.24 -9.73 36.18
N GLU A 406 5.19 -8.39 36.25
CA GLU A 406 6.10 -7.58 35.47
C GLU A 406 7.54 -7.87 35.83
N LEU A 407 7.83 -7.97 37.13
CA LEU A 407 9.20 -8.25 37.57
C LEU A 407 9.67 -9.62 37.09
N SER A 408 8.82 -10.64 37.25
CA SER A 408 9.22 -11.97 36.80
C SER A 408 9.65 -11.95 35.34
N LEU A 409 8.87 -11.29 34.49
CA LEU A 409 9.13 -11.31 33.06
C LEU A 409 10.40 -10.53 32.72
N ILE A 410 10.47 -9.27 33.17
CA ILE A 410 11.67 -8.47 32.91
C ILE A 410 12.90 -9.17 33.48
N GLY A 411 12.76 -9.82 34.65
CA GLY A 411 13.87 -10.55 35.21
C GLY A 411 14.26 -11.73 34.34
N ALA A 412 13.27 -12.46 33.83
CA ALA A 412 13.54 -13.59 32.94
C ALA A 412 14.20 -13.11 31.66
N LEU A 413 13.74 -11.98 31.12
CA LEU A 413 14.36 -11.44 29.92
C LEU A 413 15.78 -10.96 30.19
N SER A 414 16.03 -10.42 31.39
CA SER A 414 17.37 -9.92 31.68
C SER A 414 18.37 -11.05 31.80
N VAL A 415 17.93 -12.25 32.19
CA VAL A 415 18.83 -13.40 32.20
C VAL A 415 19.32 -13.69 30.80
N GLY A 416 18.40 -13.76 29.84
CA GLY A 416 18.79 -13.95 28.46
C GLY A 416 19.63 -12.80 27.93
N HIS A 417 19.34 -11.57 28.38
CA HIS A 417 20.16 -10.43 27.99
C HIS A 417 21.60 -10.62 28.46
N LEU A 418 21.79 -11.20 29.64
CA LEU A 418 23.13 -11.46 30.13
C LEU A 418 23.79 -12.61 29.37
N ALA A 419 23.06 -13.71 29.19
CA ALA A 419 23.64 -14.89 28.54
C ALA A 419 24.12 -14.56 27.13
N ARG A 420 23.22 -14.02 26.30
CA ARG A 420 23.61 -13.71 24.92
C ARG A 420 24.69 -12.65 24.86
N ALA A 421 24.81 -11.80 25.88
CA ALA A 421 25.87 -10.81 25.90
C ALA A 421 27.24 -11.43 26.16
N HIS A 422 27.29 -12.64 26.70
CA HIS A 422 28.55 -13.34 26.94
C HIS A 422 28.70 -14.52 25.98
N ASN B 26 -4.48 -38.03 51.85
CA ASN B 26 -5.04 -36.72 51.49
C ASN B 26 -4.93 -35.75 52.66
N ASN B 27 -4.91 -36.27 53.89
CA ASN B 27 -4.78 -35.41 55.06
C ASN B 27 -3.33 -35.05 55.32
N GLU B 28 -2.40 -35.97 55.08
CA GLU B 28 -0.99 -35.66 55.29
C GLU B 28 -0.46 -34.75 54.19
N ILE B 29 -0.98 -34.88 52.97
CA ILE B 29 -0.53 -33.99 51.88
C ILE B 29 -1.00 -32.56 52.12
N LEU B 30 -2.28 -32.39 52.47
CA LEU B 30 -2.79 -31.06 52.70
C LEU B 30 -2.05 -30.36 53.83
N GLU B 31 -1.61 -31.13 54.83
CA GLU B 31 -0.87 -30.57 55.95
C GLU B 31 0.54 -30.17 55.53
N LYS B 32 1.14 -30.91 54.60
CA LYS B 32 2.48 -30.58 54.13
C LYS B 32 2.50 -29.28 53.34
N LEU B 33 1.42 -28.98 52.61
CA LEU B 33 1.34 -27.70 51.90
C LEU B 33 1.23 -26.54 52.88
N LEU B 34 0.48 -26.71 53.96
CA LEU B 34 0.33 -25.65 54.95
C LEU B 34 1.66 -25.37 55.65
N LYS B 35 2.41 -26.43 55.96
CA LYS B 35 3.75 -26.26 56.51
C LYS B 35 4.74 -25.79 55.46
N LYS B 36 4.31 -25.63 54.20
CA LYS B 36 5.19 -25.24 53.11
C LYS B 36 6.34 -26.24 52.97
N GLU B 37 6.03 -27.51 53.20
CA GLU B 37 7.00 -28.58 52.93
C GLU B 37 7.14 -28.81 51.44
N ILE B 38 6.01 -28.92 50.73
CA ILE B 38 5.98 -29.05 49.28
C ILE B 38 5.13 -27.93 48.71
N LYS B 39 5.44 -27.52 47.50
CA LYS B 39 4.74 -26.41 46.87
C LYS B 39 3.58 -26.91 46.02
N PRO B 40 2.60 -26.04 45.74
CA PRO B 40 1.42 -26.50 44.98
C PRO B 40 1.72 -26.91 43.55
N TYR B 41 2.82 -26.45 42.96
CA TYR B 41 3.10 -26.79 41.57
C TYR B 41 3.62 -28.21 41.40
N GLN B 42 4.14 -28.82 42.46
CA GLN B 42 4.62 -30.19 42.43
C GLN B 42 3.52 -31.21 42.70
N LEU B 43 2.29 -30.76 42.92
CA LEU B 43 1.21 -31.67 43.26
C LEU B 43 0.79 -32.53 42.07
N ASP B 44 0.93 -32.00 40.85
CA ASP B 44 0.51 -32.76 39.68
C ASP B 44 1.37 -34.01 39.48
N ASP B 45 2.65 -33.94 39.86
CA ASP B 45 3.53 -35.09 39.71
C ASP B 45 3.30 -36.13 40.80
N LEU B 46 3.09 -35.68 42.03
CA LEU B 46 2.83 -36.61 43.13
C LEU B 46 1.47 -37.28 42.96
N VAL B 47 0.40 -36.49 43.00
CA VAL B 47 -0.96 -36.99 42.86
C VAL B 47 -1.50 -36.64 41.49
N GLY B 48 -2.52 -37.39 41.06
CA GLY B 48 -3.16 -37.17 39.78
C GLY B 48 -3.55 -35.74 39.48
N GLU B 49 -3.57 -35.38 38.20
CA GLU B 49 -3.86 -34.00 37.81
C GLU B 49 -5.21 -33.55 38.35
N LYS B 50 -6.22 -34.41 38.30
CA LYS B 50 -7.55 -34.04 38.77
C LYS B 50 -7.58 -33.83 40.29
N GLU B 51 -6.90 -34.70 41.04
CA GLU B 51 -6.88 -34.57 42.50
C GLU B 51 -5.97 -33.44 42.96
N ALA B 52 -4.90 -33.16 42.22
CA ALA B 52 -4.08 -32.00 42.55
C ALA B 52 -4.89 -30.72 42.50
N ILE B 53 -5.93 -30.70 41.65
CA ILE B 53 -6.81 -29.54 41.58
C ILE B 53 -7.72 -29.49 42.79
N GLU B 54 -8.27 -30.64 43.19
CA GLU B 54 -9.10 -30.67 44.38
C GLU B 54 -8.29 -30.32 45.63
N LEU B 55 -7.00 -30.64 45.62
CA LEU B 55 -6.15 -30.31 46.77
C LEU B 55 -5.80 -28.84 46.79
N ARG B 56 -5.43 -28.27 45.63
CA ARG B 56 -5.12 -26.85 45.58
C ARG B 56 -6.32 -25.99 45.89
N ARG B 57 -7.52 -26.46 45.56
CA ARG B 57 -8.74 -25.72 45.90
C ARG B 57 -8.98 -25.71 47.40
N LYS B 58 -8.71 -26.84 48.07
CA LYS B 58 -8.87 -26.91 49.51
C LYS B 58 -7.73 -26.25 50.27
N TYR B 59 -6.56 -26.12 49.65
CA TYR B 59 -5.45 -25.43 50.29
C TYR B 59 -5.74 -23.94 50.43
N ILE B 60 -6.20 -23.30 49.36
CA ILE B 60 -6.53 -21.87 49.43
C ILE B 60 -7.80 -21.64 50.25
N GLU B 61 -8.77 -22.58 50.17
CA GLU B 61 -9.95 -22.46 51.02
C GLU B 61 -9.57 -22.41 52.50
N LYS B 62 -8.50 -23.11 52.89
CA LYS B 62 -8.07 -23.10 54.28
C LYS B 62 -7.33 -21.82 54.64
N ILE B 63 -6.47 -21.33 53.73
CA ILE B 63 -5.70 -20.12 54.02
C ILE B 63 -6.64 -18.93 54.19
N SER B 64 -7.55 -18.75 53.23
CA SER B 64 -8.50 -17.63 53.29
C SER B 64 -9.68 -17.90 54.20
N GLN B 65 -9.94 -19.16 54.55
CA GLN B 65 -11.04 -19.52 55.44
C GLN B 65 -12.39 -19.14 54.83
N VAL B 66 -12.60 -19.60 53.60
CA VAL B 66 -13.89 -19.47 52.93
C VAL B 66 -14.09 -20.73 52.08
N GLU B 67 -15.34 -21.16 51.99
CA GLU B 67 -15.69 -22.39 51.29
C GLU B 67 -16.33 -22.05 49.95
N THR B 68 -15.88 -22.74 48.90
CA THR B 68 -16.35 -22.51 47.54
C THR B 68 -17.26 -23.65 47.10
N LYS B 69 -18.20 -23.30 46.23
CA LYS B 69 -19.20 -24.23 45.72
C LYS B 69 -19.23 -24.34 44.20
N HIS B 70 -19.02 -23.23 43.50
CA HIS B 70 -19.28 -23.18 42.07
C HIS B 70 -18.03 -23.45 41.23
N ILE B 71 -16.90 -22.82 41.54
CA ILE B 71 -15.73 -22.95 40.69
C ILE B 71 -15.31 -24.40 40.56
N GLY B 72 -15.64 -25.22 41.54
CA GLY B 72 -15.27 -26.62 41.49
C GLY B 72 -15.97 -27.37 40.38
N HIS B 73 -17.11 -26.87 39.94
CA HIS B 73 -17.87 -27.51 38.86
C HIS B 73 -17.29 -27.09 37.51
N TYR B 74 -16.76 -28.05 36.76
CA TYR B 74 -16.31 -27.81 35.40
C TYR B 74 -16.53 -29.07 34.61
N THR B 75 -16.57 -28.93 33.28
CA THR B 75 -16.67 -30.08 32.40
C THR B 75 -15.48 -30.17 31.44
N ILE B 76 -14.63 -29.16 31.41
CA ILE B 76 -13.49 -29.15 30.50
C ILE B 76 -12.45 -30.16 30.97
N ASP B 77 -11.71 -30.71 30.02
CA ASP B 77 -10.68 -31.70 30.33
C ASP B 77 -9.54 -31.00 31.06
N GLU B 78 -9.35 -31.36 32.33
CA GLU B 78 -8.34 -30.72 33.17
C GLU B 78 -6.93 -31.13 32.79
N LYS B 79 -6.76 -32.25 32.09
CA LYS B 79 -5.42 -32.72 31.74
C LYS B 79 -4.80 -31.84 30.66
N GLU B 80 -5.50 -31.66 29.54
CA GLU B 80 -4.99 -30.82 28.47
C GLU B 80 -4.96 -29.35 28.87
N ALA B 81 -5.81 -28.94 29.81
CA ALA B 81 -5.80 -27.56 30.27
C ALA B 81 -4.51 -27.24 31.02
N MET B 82 -4.12 -28.13 31.94
CA MET B 82 -2.86 -27.95 32.66
C MET B 82 -1.67 -27.99 31.72
N LYS B 83 -1.81 -28.62 30.56
CA LYS B 83 -0.70 -28.79 29.62
C LYS B 83 -0.53 -27.59 28.69
N LYS B 84 -1.62 -26.91 28.35
CA LYS B 84 -1.57 -25.88 27.32
C LYS B 84 -2.24 -24.56 27.66
N ASN B 85 -2.96 -24.44 28.77
CA ASN B 85 -3.77 -23.23 28.98
C ASN B 85 -3.65 -22.60 30.36
N ILE B 86 -3.31 -23.37 31.40
CA ILE B 86 -3.34 -22.86 32.76
C ILE B 86 -2.27 -23.55 33.59
N GLU B 87 -1.93 -22.93 34.73
CA GLU B 87 -1.08 -23.53 35.75
C GLU B 87 -1.71 -23.31 37.12
N ASN B 88 -1.44 -24.22 38.05
CA ASN B 88 -1.99 -24.18 39.40
C ASN B 88 -3.52 -24.06 39.37
N MET B 89 -4.13 -24.90 38.55
CA MET B 89 -5.57 -24.87 38.36
C MET B 89 -6.31 -25.25 39.63
N ILE B 90 -7.39 -24.52 39.92
CA ILE B 90 -8.27 -24.81 41.05
C ILE B 90 -9.70 -25.04 40.65
N GLY B 91 -10.04 -24.87 39.38
CA GLY B 91 -11.41 -24.98 38.94
C GLY B 91 -11.62 -24.15 37.67
N ALA B 92 -12.80 -23.52 37.58
CA ALA B 92 -13.13 -22.74 36.39
C ALA B 92 -14.11 -21.63 36.74
N VAL B 93 -14.02 -20.53 36.00
CA VAL B 93 -14.94 -19.40 36.08
C VAL B 93 -15.94 -19.49 34.93
N GLN B 94 -17.20 -19.19 35.22
CA GLN B 94 -18.29 -19.35 34.26
C GLN B 94 -18.76 -17.97 33.79
N ILE B 95 -18.63 -17.71 32.50
CA ILE B 95 -19.10 -16.47 31.88
C ILE B 95 -20.43 -16.75 31.18
N PRO B 96 -21.47 -15.96 31.42
CA PRO B 96 -22.74 -16.19 30.71
C PRO B 96 -22.55 -16.03 29.21
N LEU B 97 -23.09 -16.99 28.45
CA LEU B 97 -22.96 -17.01 27.00
C LEU B 97 -24.31 -16.76 26.36
N GLY B 98 -24.38 -15.76 25.48
CA GLY B 98 -25.58 -15.47 24.72
C GLY B 98 -25.32 -15.44 23.22
N PHE B 99 -26.28 -14.95 22.45
CA PHE B 99 -26.10 -14.83 21.00
C PHE B 99 -26.91 -13.65 20.48
N ALA B 100 -26.47 -13.12 19.34
CA ALA B 100 -27.13 -12.04 18.63
C ALA B 100 -27.35 -12.45 17.19
N GLY B 101 -28.51 -12.12 16.65
CA GLY B 101 -28.84 -12.48 15.28
C GLY B 101 -30.28 -12.22 14.90
N PRO B 102 -30.64 -12.47 13.63
CA PRO B 102 -29.74 -12.97 12.58
C PRO B 102 -28.88 -11.87 11.97
N LEU B 103 -27.71 -12.22 11.45
CA LEU B 103 -26.75 -11.26 10.89
C LEU B 103 -26.36 -11.73 9.49
N LYS B 104 -26.92 -11.08 8.47
CA LYS B 104 -26.57 -11.39 7.09
C LYS B 104 -25.22 -10.74 6.76
N ILE B 105 -24.25 -11.56 6.37
CA ILE B 105 -22.90 -11.11 6.05
C ILE B 105 -22.65 -11.36 4.56
N ASN B 106 -22.20 -10.33 3.86
CA ASN B 106 -21.86 -10.42 2.44
C ASN B 106 -20.34 -10.30 2.30
N GLY B 107 -19.65 -11.38 2.67
CA GLY B 107 -18.20 -11.40 2.67
C GLY B 107 -17.63 -12.19 1.51
N LYS B 108 -16.31 -12.37 1.56
CA LYS B 108 -15.60 -13.18 0.58
C LYS B 108 -15.41 -14.62 1.03
N TYR B 109 -15.45 -14.88 2.34
CA TYR B 109 -15.36 -16.22 2.89
C TYR B 109 -16.55 -16.56 3.76
N ALA B 110 -17.36 -15.58 4.15
CA ALA B 110 -18.55 -15.78 4.95
C ALA B 110 -19.73 -15.12 4.25
N ASN B 111 -20.77 -15.90 3.96
CA ASN B 111 -21.96 -15.37 3.31
C ASN B 111 -23.21 -15.98 3.95
N GLY B 112 -24.24 -15.16 4.09
CA GLY B 112 -25.51 -15.61 4.64
C GLY B 112 -25.73 -15.10 6.04
N GLU B 113 -26.87 -15.51 6.60
CA GLU B 113 -27.26 -15.11 7.94
C GLU B 113 -26.58 -15.99 8.98
N PHE B 114 -26.07 -15.36 10.02
CA PHE B 114 -25.34 -16.02 11.10
C PHE B 114 -26.00 -15.72 12.43
N TYR B 115 -25.64 -16.51 13.43
CA TYR B 115 -26.01 -16.25 14.82
C TYR B 115 -24.73 -16.27 15.65
N VAL B 116 -24.29 -15.09 16.06
CA VAL B 116 -22.97 -14.90 16.65
C VAL B 116 -23.08 -15.14 18.16
N PRO B 117 -22.30 -16.07 18.73
CA PRO B 117 -22.32 -16.25 20.18
C PRO B 117 -21.46 -15.21 20.88
N LEU B 118 -22.00 -14.63 21.95
CA LEU B 118 -21.33 -13.58 22.70
C LEU B 118 -21.34 -13.95 24.18
N ALA B 119 -20.18 -13.86 24.82
CA ALA B 119 -20.03 -14.19 26.24
C ALA B 119 -19.58 -12.95 27.00
N THR B 120 -20.42 -12.49 27.93
CA THR B 120 -20.11 -11.29 28.69
C THR B 120 -20.85 -11.34 30.03
N THR B 121 -20.38 -10.52 30.97
CA THR B 121 -21.07 -10.28 32.22
C THR B 121 -21.77 -8.93 32.23
N GLU B 122 -21.73 -8.19 31.13
CA GLU B 122 -22.28 -6.85 31.06
C GLU B 122 -23.67 -6.88 30.44
N GLY B 123 -24.64 -6.32 31.14
CA GLY B 123 -26.00 -6.26 30.63
C GLY B 123 -26.14 -5.28 29.48
N ALA B 124 -27.22 -5.47 28.71
CA ALA B 124 -27.57 -4.57 27.62
C ALA B 124 -26.63 -4.67 26.42
N LEU B 125 -25.50 -5.37 26.57
CA LEU B 125 -24.56 -5.46 25.47
C LEU B 125 -25.07 -6.39 24.36
N VAL B 126 -25.48 -7.61 24.73
CA VAL B 126 -25.98 -8.55 23.72
C VAL B 126 -27.23 -7.97 23.05
N ALA B 127 -28.06 -7.27 23.82
CA ALA B 127 -29.23 -6.63 23.24
C ALA B 127 -28.85 -5.59 22.19
N SER B 128 -27.82 -4.78 22.46
CA SER B 128 -27.42 -3.76 21.50
C SER B 128 -27.01 -4.39 20.17
N VAL B 129 -26.15 -5.40 20.22
CA VAL B 129 -25.68 -6.05 19.00
C VAL B 129 -26.83 -6.78 18.33
N ASN B 130 -27.70 -7.42 19.12
CA ASN B 130 -28.82 -8.16 18.55
C ASN B 130 -29.79 -7.25 17.82
N ARG B 131 -30.02 -6.05 18.35
CA ARG B 131 -30.85 -5.06 17.67
C ARG B 131 -30.22 -4.66 16.35
N GLY B 132 -28.91 -4.36 16.37
CA GLY B 132 -28.23 -4.00 15.15
C GLY B 132 -28.18 -5.13 14.14
N CYS B 133 -28.07 -6.37 14.61
CA CYS B 133 -28.06 -7.50 13.69
C CYS B 133 -29.37 -7.60 12.92
N SER B 134 -30.50 -7.42 13.62
CA SER B 134 -31.80 -7.53 12.96
C SER B 134 -32.01 -6.40 11.96
N ILE B 135 -31.69 -5.16 12.36
CA ILE B 135 -31.82 -4.02 11.45
C ILE B 135 -31.01 -4.25 10.18
N VAL B 136 -29.75 -4.64 10.35
CA VAL B 136 -28.84 -4.82 9.22
C VAL B 136 -29.32 -5.91 8.27
N THR B 137 -29.94 -6.96 8.82
CA THR B 137 -30.36 -8.08 7.99
C THR B 137 -31.50 -7.69 7.06
N LYS B 138 -32.39 -6.83 7.53
CA LYS B 138 -33.50 -6.34 6.73
C LYS B 138 -33.07 -5.28 5.71
N CYS B 139 -31.80 -4.89 5.68
CA CYS B 139 -31.33 -3.89 4.73
C CYS B 139 -30.26 -4.42 3.78
N GLY B 140 -30.14 -5.74 3.64
CA GLY B 140 -29.24 -6.33 2.66
C GLY B 140 -27.98 -6.92 3.24
N GLY B 141 -27.67 -6.66 4.51
CA GLY B 141 -26.51 -7.24 5.16
C GLY B 141 -25.28 -6.34 5.11
N VAL B 142 -24.23 -6.80 5.78
CA VAL B 142 -22.97 -6.06 5.91
C VAL B 142 -21.99 -6.55 4.85
N THR B 143 -21.32 -5.61 4.20
CA THR B 143 -20.24 -5.89 3.28
C THR B 143 -18.94 -5.75 4.07
N VAL B 144 -18.20 -6.84 4.22
CA VAL B 144 -16.99 -6.89 5.03
C VAL B 144 -15.88 -7.53 4.22
N ARG B 145 -14.68 -6.96 4.28
CA ARG B 145 -13.51 -7.50 3.61
C ARG B 145 -12.31 -7.48 4.55
N VAL B 146 -11.45 -8.49 4.41
CA VAL B 146 -10.22 -8.58 5.17
C VAL B 146 -9.13 -7.83 4.40
N ILE B 147 -8.67 -6.71 4.94
CA ILE B 147 -7.72 -5.88 4.21
C ILE B 147 -6.31 -6.46 4.26
N ASP B 148 -5.97 -7.18 5.33
CA ASP B 148 -4.61 -7.66 5.51
C ASP B 148 -4.63 -8.75 6.56
N ASP B 149 -3.62 -9.63 6.52
CA ASP B 149 -3.49 -10.69 7.50
C ASP B 149 -2.02 -10.96 7.75
N LYS B 150 -1.55 -10.67 8.97
CA LYS B 150 -0.16 -10.84 9.33
C LYS B 150 -0.03 -10.82 10.85
N MET B 151 0.95 -11.56 11.36
CA MET B 151 1.29 -11.57 12.78
C MET B 151 2.75 -11.18 12.90
N THR B 152 3.04 -10.26 13.81
CA THR B 152 4.36 -9.64 13.89
C THR B 152 5.03 -9.93 15.22
N ARG B 153 6.36 -9.94 15.17
CA ARG B 153 7.22 -10.05 16.36
C ARG B 153 8.43 -9.20 16.08
N ALA B 154 8.72 -8.24 16.96
CA ALA B 154 9.79 -7.27 16.72
C ALA B 154 10.78 -7.28 17.87
N PRO B 155 11.91 -7.96 17.76
CA PRO B 155 12.89 -7.95 18.85
C PRO B 155 13.62 -6.63 18.92
N VAL B 156 14.26 -6.40 20.07
CA VAL B 156 15.19 -5.29 20.25
C VAL B 156 16.59 -5.88 20.25
N ILE B 157 17.45 -5.41 19.34
CA ILE B 157 18.80 -5.91 19.17
C ILE B 157 19.79 -4.79 19.45
N LYS B 158 20.76 -5.07 20.30
CA LYS B 158 21.78 -4.09 20.67
C LYS B 158 22.98 -4.21 19.75
N THR B 159 23.43 -3.08 19.21
CA THR B 159 24.65 -3.00 18.42
C THR B 159 25.62 -2.05 19.10
N GLU B 160 26.87 -2.05 18.62
CA GLU B 160 27.89 -1.21 19.23
C GLU B 160 27.69 0.26 18.91
N SER B 161 27.20 0.56 17.72
CA SER B 161 27.09 1.94 17.25
C SER B 161 25.99 1.99 16.20
N VAL B 162 25.61 3.22 15.84
CA VAL B 162 24.64 3.41 14.75
C VAL B 162 25.20 2.85 13.45
N ILE B 163 26.52 2.92 13.27
CA ILE B 163 27.14 2.40 12.05
C ILE B 163 26.86 0.90 11.91
N ASP B 164 27.01 0.15 13.00
CA ASP B 164 26.69 -1.27 12.98
C ASP B 164 25.19 -1.50 12.85
N ALA B 165 24.36 -0.60 13.40
CA ALA B 165 22.91 -0.75 13.28
C ALA B 165 22.48 -0.60 11.83
N VAL B 166 23.02 0.39 11.12
CA VAL B 166 22.73 0.52 9.69
C VAL B 166 23.17 -0.73 8.94
N LYS B 167 24.37 -1.23 9.25
CA LYS B 167 24.84 -2.45 8.60
C LYS B 167 23.92 -3.63 8.90
N LEU B 168 23.42 -3.72 10.13
CA LEU B 168 22.48 -4.79 10.44
C LEU B 168 21.21 -4.66 9.62
N LYS B 169 20.69 -3.43 9.51
CA LYS B 169 19.50 -3.18 8.71
C LYS B 169 19.73 -3.57 7.26
N GLU B 170 20.87 -3.18 6.70
CA GLU B 170 21.19 -3.52 5.32
C GLU B 170 21.34 -5.02 5.15
N TRP B 171 22.01 -5.68 6.08
CA TRP B 171 22.23 -7.11 5.98
C TRP B 171 20.91 -7.87 6.02
N ILE B 172 20.01 -7.46 6.90
CA ILE B 172 18.70 -8.13 7.02
C ILE B 172 17.94 -8.02 5.71
N LYS B 173 17.99 -6.85 5.06
CA LYS B 173 17.24 -6.67 3.83
C LYS B 173 17.80 -7.53 2.70
N GLU B 174 19.12 -7.57 2.56
CA GLU B 174 19.71 -8.33 1.45
C GLU B 174 19.59 -9.83 1.68
N ASN B 175 19.79 -10.28 2.91
CA ASN B 175 19.75 -11.70 3.23
C ASN B 175 18.37 -12.16 3.69
N PHE B 176 17.31 -11.52 3.19
CA PHE B 176 15.96 -11.91 3.61
C PHE B 176 15.66 -13.37 3.31
N GLN B 177 15.95 -13.80 2.08
CA GLN B 177 15.62 -15.16 1.69
C GLN B 177 16.29 -16.16 2.62
N ARG B 178 17.52 -15.87 3.04
CA ARG B 178 18.20 -16.74 3.98
C ARG B 178 17.47 -16.78 5.32
N ILE B 179 17.11 -15.60 5.84
CA ILE B 179 16.38 -15.53 7.11
C ILE B 179 15.03 -16.24 6.97
N LYS B 180 14.35 -16.05 5.85
CA LYS B 180 13.07 -16.70 5.62
C LYS B 180 13.18 -18.22 5.78
N GLU B 181 14.19 -18.82 5.14
CA GLU B 181 14.38 -20.27 5.23
C GLU B 181 14.60 -20.72 6.66
N VAL B 182 15.43 -19.98 7.42
CA VAL B 182 15.70 -20.36 8.81
C VAL B 182 14.43 -20.31 9.65
N ALA B 183 13.67 -19.22 9.53
CA ALA B 183 12.46 -19.08 10.31
C ALA B 183 11.43 -20.14 9.93
N GLU B 184 11.24 -20.38 8.63
CA GLU B 184 10.23 -21.32 8.18
C GLU B 184 10.60 -22.76 8.50
N SER B 185 11.82 -23.04 8.94
CA SER B 185 12.19 -24.41 9.26
C SER B 185 11.54 -24.89 10.54
N THR B 186 11.06 -23.97 11.39
CA THR B 186 10.45 -24.34 12.66
C THR B 186 8.98 -24.69 12.54
N THR B 187 8.33 -24.37 11.43
CA THR B 187 6.90 -24.59 11.31
C THR B 187 6.54 -24.88 9.86
N ARG B 188 5.48 -25.66 9.70
CA ARG B 188 4.95 -25.99 8.38
C ARG B 188 3.83 -25.06 7.95
N HIS B 189 3.29 -24.27 8.88
CA HIS B 189 2.21 -23.34 8.57
C HIS B 189 2.67 -21.90 8.46
N GLY B 190 3.66 -21.49 9.26
CA GLY B 190 4.14 -20.13 9.21
C GLY B 190 5.01 -19.88 8.00
N LYS B 191 4.96 -18.64 7.50
CA LYS B 191 5.79 -18.24 6.37
C LYS B 191 6.14 -16.77 6.56
N LEU B 192 7.41 -16.49 6.84
CA LEU B 192 7.88 -15.12 6.92
C LEU B 192 7.74 -14.45 5.56
N ILE B 193 6.98 -13.37 5.50
CA ILE B 193 6.71 -12.68 4.24
C ILE B 193 7.45 -11.35 4.15
N ASP B 194 7.87 -10.76 5.26
CA ASP B 194 8.60 -9.51 5.21
C ASP B 194 9.22 -9.24 6.57
N ILE B 195 10.18 -8.33 6.57
CA ILE B 195 10.71 -7.75 7.81
C ILE B 195 10.67 -6.25 7.59
N ASN B 196 9.52 -5.64 7.86
CA ASN B 196 9.31 -4.22 7.62
C ASN B 196 8.27 -3.64 8.58
N PRO B 197 8.56 -2.46 9.16
CA PRO B 197 9.78 -1.65 9.05
C PRO B 197 10.89 -2.15 9.96
N ILE B 198 12.09 -1.59 9.79
CA ILE B 198 13.24 -1.88 10.65
C ILE B 198 13.63 -0.55 11.29
N LEU B 199 13.19 -0.34 12.53
CA LEU B 199 13.39 0.92 13.22
C LEU B 199 14.73 0.91 13.94
N ILE B 200 15.37 2.09 13.97
CA ILE B 200 16.66 2.26 14.63
C ILE B 200 16.56 3.48 15.54
N VAL B 201 16.89 3.29 16.81
CA VAL B 201 16.96 4.37 17.78
C VAL B 201 18.36 4.33 18.35
N GLY B 202 19.20 5.27 17.92
CA GLY B 202 20.58 5.28 18.33
C GLY B 202 21.32 4.08 17.81
N ARG B 203 21.59 3.11 18.69
CA ARG B 203 22.29 1.89 18.30
C ARG B 203 21.46 0.65 18.55
N TYR B 204 20.16 0.81 18.75
CA TYR B 204 19.24 -0.30 18.98
C TYR B 204 18.35 -0.44 17.76
N VAL B 205 18.15 -1.68 17.31
CA VAL B 205 17.39 -1.98 16.11
C VAL B 205 16.16 -2.78 16.51
N TYR B 206 15.01 -2.43 15.92
CA TYR B 206 13.75 -3.10 16.19
C TYR B 206 13.18 -3.57 14.87
N PRO B 207 13.59 -4.76 14.40
CA PRO B 207 13.07 -5.24 13.11
C PRO B 207 11.74 -5.95 13.28
N ARG B 208 10.72 -5.49 12.56
CA ARG B 208 9.37 -6.03 12.67
C ARG B 208 9.26 -7.21 11.73
N PHE B 209 9.38 -8.42 12.29
CA PHE B 209 9.18 -9.64 11.51
C PHE B 209 7.71 -9.80 11.21
N VAL B 210 7.37 -9.90 9.93
CA VAL B 210 5.97 -10.02 9.49
C VAL B 210 5.76 -11.46 9.03
N TYR B 211 4.79 -12.14 9.63
CA TYR B 211 4.53 -13.54 9.35
C TYR B 211 3.09 -13.74 8.91
N LYS B 212 2.90 -14.73 8.04
CA LYS B 212 1.60 -15.32 7.78
C LYS B 212 1.46 -16.53 8.69
N THR B 213 0.40 -16.56 9.49
CA THR B 213 0.21 -17.59 10.51
C THR B 213 -0.81 -18.63 10.10
N GLY B 214 -1.31 -18.58 8.87
CA GLY B 214 -2.34 -19.54 8.49
C GLY B 214 -3.60 -19.22 9.25
N ASP B 215 -4.16 -20.25 9.90
CA ASP B 215 -5.39 -20.08 10.67
C ASP B 215 -5.15 -19.78 12.15
N ALA B 216 -3.91 -19.90 12.62
CA ALA B 216 -3.61 -19.65 14.02
C ALA B 216 -3.31 -18.18 14.26
N MET B 217 -3.42 -17.78 15.54
CA MET B 217 -3.00 -16.45 15.93
C MET B 217 -1.49 -16.32 15.87
N GLY B 218 -0.78 -17.38 16.24
CA GLY B 218 0.65 -17.46 16.02
C GLY B 218 1.54 -16.77 17.02
N MET B 219 1.10 -16.63 18.28
CA MET B 219 1.96 -16.03 19.29
C MET B 219 3.27 -16.81 19.40
N ASN B 220 3.18 -18.10 19.74
CA ASN B 220 4.38 -18.90 19.91
C ASN B 220 4.99 -19.28 18.58
N MET B 221 4.18 -19.41 17.53
CA MET B 221 4.72 -19.74 16.22
C MET B 221 5.78 -18.73 15.80
N VAL B 222 5.46 -17.43 15.91
CA VAL B 222 6.40 -16.39 15.48
C VAL B 222 7.54 -16.24 16.48
N THR B 223 7.31 -16.56 17.75
CA THR B 223 8.38 -16.46 18.74
C THR B 223 9.47 -17.51 18.47
N ILE B 224 9.06 -18.76 18.28
CA ILE B 224 10.02 -19.81 17.96
C ILE B 224 10.71 -19.50 16.64
N ALA B 225 9.94 -19.10 15.62
CA ALA B 225 10.53 -18.76 14.33
C ALA B 225 11.52 -17.61 14.46
N THR B 226 11.13 -16.54 15.16
CA THR B 226 12.00 -15.39 15.31
C THR B 226 13.22 -15.71 16.14
N GLU B 227 13.08 -16.56 17.16
CA GLU B 227 14.25 -16.93 17.96
C GLU B 227 15.32 -17.56 17.09
N LYS B 228 14.93 -18.52 16.24
CA LYS B 228 15.91 -19.18 15.39
C LYS B 228 16.50 -18.19 14.37
N ALA B 229 15.68 -17.27 13.87
CA ALA B 229 16.18 -16.28 12.92
C ALA B 229 17.15 -15.30 13.58
N CYS B 230 16.90 -14.95 14.84
CA CYS B 230 17.79 -14.02 15.52
C CYS B 230 19.14 -14.68 15.83
N ASN B 231 19.14 -15.93 16.30
CA ASN B 231 20.40 -16.63 16.47
C ASN B 231 21.15 -16.75 15.14
N PHE B 232 20.42 -16.94 14.04
CA PHE B 232 21.05 -17.00 12.73
C PHE B 232 21.67 -15.66 12.35
N ILE B 233 20.91 -14.57 12.50
CA ILE B 233 21.45 -13.24 12.22
C ILE B 233 22.64 -12.93 13.12
N GLU B 234 22.52 -13.31 14.39
CA GLU B 234 23.59 -13.03 15.36
C GLU B 234 24.91 -13.65 14.92
N GLU B 235 24.87 -14.92 14.52
CA GLU B 235 26.08 -15.63 14.10
C GLU B 235 26.59 -15.14 12.76
N GLU B 236 25.69 -14.95 11.79
CA GLU B 236 26.13 -14.55 10.45
C GLU B 236 26.87 -13.22 10.48
N LEU B 237 26.49 -12.33 11.38
CA LEU B 237 27.24 -11.08 11.54
C LEU B 237 28.54 -11.30 12.29
N LYS B 238 28.56 -12.27 13.22
CA LYS B 238 29.80 -12.60 13.90
C LYS B 238 30.87 -13.01 12.89
N LYS B 239 30.46 -13.63 11.77
CA LYS B 239 31.39 -13.94 10.71
C LYS B 239 31.96 -12.71 10.04
N GLU B 240 31.40 -11.53 10.30
CA GLU B 240 31.88 -10.27 9.76
C GLU B 240 32.45 -9.36 10.84
N ASN B 241 32.68 -9.90 12.04
CA ASN B 241 33.20 -9.12 13.17
C ASN B 241 32.31 -7.92 13.47
N ILE B 242 31.00 -8.09 13.30
CA ILE B 242 30.00 -7.13 13.76
C ILE B 242 29.25 -7.80 14.90
N ASN B 243 29.49 -7.33 16.13
CA ASN B 243 28.96 -7.99 17.32
C ASN B 243 27.62 -7.36 17.70
N ILE B 244 26.58 -8.19 17.69
CA ILE B 244 25.23 -7.81 18.09
C ILE B 244 24.68 -8.92 18.98
N HIS B 245 23.59 -8.63 19.66
CA HIS B 245 22.92 -9.67 20.43
C HIS B 245 21.50 -9.21 20.74
N THR B 246 20.57 -10.15 20.72
CA THR B 246 19.17 -9.86 20.95
C THR B 246 18.94 -9.66 22.45
N VAL B 247 18.44 -8.49 22.82
CA VAL B 247 18.12 -8.24 24.23
C VAL B 247 16.85 -8.99 24.61
N ALA B 248 15.82 -8.87 23.78
CA ALA B 248 14.57 -9.60 24.01
C ALA B 248 13.87 -9.77 22.67
N LEU B 249 13.15 -10.88 22.54
CA LEU B 249 12.47 -11.16 21.27
C LEU B 249 11.28 -10.24 21.08
N SER B 250 10.69 -9.76 22.17
CA SER B 250 9.60 -8.79 22.12
C SER B 250 10.16 -7.46 22.61
N GLY B 251 10.47 -6.58 21.67
CA GLY B 251 11.11 -5.31 21.98
C GLY B 251 10.10 -4.19 22.17
N ASN B 252 8.84 -4.57 22.42
CA ASN B 252 7.75 -3.61 22.62
C ASN B 252 7.47 -2.78 21.38
N ALA B 253 7.96 -3.19 20.21
CA ALA B 253 7.54 -2.63 18.93
C ALA B 253 6.72 -3.63 18.13
N CYS B 254 6.24 -4.69 18.76
CA CYS B 254 5.54 -5.76 18.05
C CYS B 254 4.31 -5.20 17.29
N VAL B 255 3.32 -4.58 17.94
CA VAL B 255 3.18 -4.37 19.38
C VAL B 255 2.15 -5.36 19.93
N ASP B 256 2.43 -5.96 21.08
CA ASP B 256 1.59 -7.01 21.64
C ASP B 256 0.86 -6.50 22.88
N LYS B 257 -0.48 -6.53 22.84
CA LYS B 257 -1.31 -6.27 24.01
C LYS B 257 -1.06 -4.88 24.59
N LYS B 258 -0.85 -3.90 23.70
CA LYS B 258 -0.70 -2.50 24.06
C LYS B 258 -1.28 -1.68 22.92
N PRO B 259 -1.80 -0.47 23.19
CA PRO B 259 -2.28 0.39 22.11
C PRO B 259 -1.12 1.17 21.51
N ALA B 260 -0.86 0.96 20.22
CA ALA B 260 0.29 1.57 19.57
C ALA B 260 -0.07 2.03 18.17
N GLY B 261 0.56 3.12 17.75
CA GLY B 261 0.27 3.68 16.43
C GLY B 261 0.71 2.76 15.32
N ILE B 262 1.83 2.05 15.50
CA ILE B 262 2.33 1.16 14.46
C ILE B 262 1.26 0.12 14.10
N ASN B 263 0.45 -0.28 15.07
CA ASN B 263 -0.63 -1.23 14.79
C ASN B 263 -1.82 -0.55 14.13
N LEU B 264 -1.97 0.76 14.31
CA LEU B 264 -3.03 1.50 13.65
C LEU B 264 -2.68 1.79 12.20
N ILE B 265 -1.39 2.00 11.90
CA ILE B 265 -0.94 2.33 10.57
C ILE B 265 -0.60 1.03 9.83
N GLU B 266 0.46 0.35 10.28
CA GLU B 266 0.91 -0.86 9.60
C GLU B 266 -0.03 -2.04 9.81
N GLY B 267 -0.91 -1.98 10.81
CA GLY B 267 -1.82 -3.07 11.07
C GLY B 267 -1.14 -4.25 11.74
N ARG B 268 -1.97 -5.11 12.33
CA ARG B 268 -1.49 -6.32 12.99
C ARG B 268 -2.66 -7.28 13.11
N GLY B 269 -2.35 -8.58 13.12
CA GLY B 269 -3.41 -9.57 13.04
C GLY B 269 -4.21 -9.37 11.78
N LYS B 270 -5.53 -9.44 11.91
CA LYS B 270 -6.45 -9.24 10.81
C LYS B 270 -6.90 -7.79 10.79
N SER B 271 -6.74 -7.13 9.64
CA SER B 271 -7.27 -5.79 9.42
C SER B 271 -8.60 -5.91 8.67
N ILE B 272 -9.68 -5.45 9.30
CA ILE B 272 -11.03 -5.70 8.79
C ILE B 272 -11.75 -4.37 8.57
N ILE B 273 -12.53 -4.31 7.49
CA ILE B 273 -13.43 -3.19 7.23
C ILE B 273 -14.80 -3.74 6.87
N ALA B 274 -15.84 -3.23 7.51
CA ALA B 274 -17.22 -3.57 7.20
C ALA B 274 -18.01 -2.30 6.92
N GLU B 275 -19.05 -2.41 6.10
CA GLU B 275 -19.81 -1.23 5.70
C GLU B 275 -21.23 -1.63 5.32
N VAL B 276 -22.14 -0.65 5.38
CA VAL B 276 -23.52 -0.82 4.95
C VAL B 276 -24.01 0.48 4.31
N PHE B 277 -24.92 0.34 3.36
CA PHE B 277 -25.61 1.45 2.72
C PHE B 277 -27.09 1.41 3.05
N LEU B 278 -27.56 2.37 3.82
CA LEU B 278 -28.95 2.44 4.25
C LEU B 278 -29.67 3.56 3.50
N LYS B 279 -30.91 3.29 3.11
CA LYS B 279 -31.76 4.29 2.48
C LYS B 279 -32.46 5.10 3.55
N GLU B 280 -32.77 6.36 3.22
CA GLU B 280 -33.40 7.24 4.20
C GLU B 280 -34.65 6.62 4.80
N GLU B 281 -35.41 5.86 4.00
CA GLU B 281 -36.62 5.22 4.50
C GLU B 281 -36.28 4.17 5.56
N GLU B 282 -35.25 3.37 5.32
CA GLU B 282 -34.87 2.34 6.27
C GLU B 282 -34.42 2.95 7.60
N ILE B 283 -33.74 4.09 7.55
CA ILE B 283 -33.27 4.75 8.77
C ILE B 283 -34.45 5.17 9.62
N LYS B 284 -35.50 5.69 9.00
CA LYS B 284 -36.67 6.13 9.75
C LYS B 284 -37.49 4.95 10.24
N LYS B 285 -37.53 3.85 9.48
CA LYS B 285 -38.37 2.71 9.86
C LYS B 285 -37.73 1.89 10.99
N TYR B 286 -36.44 1.59 10.88
CA TYR B 286 -35.77 0.68 11.80
C TYR B 286 -34.98 1.40 12.89
N LEU B 287 -34.18 2.40 12.52
CA LEU B 287 -33.37 3.12 13.50
C LEU B 287 -34.09 4.31 14.12
N LYS B 288 -35.24 4.70 13.57
CA LYS B 288 -36.08 5.73 14.17
C LYS B 288 -35.38 7.09 14.23
N THR B 289 -34.59 7.40 13.21
CA THR B 289 -33.83 8.64 13.19
C THR B 289 -33.66 9.09 11.74
N THR B 290 -32.82 10.09 11.54
CA THR B 290 -32.49 10.61 10.21
C THR B 290 -31.00 10.43 9.96
N SER B 291 -30.63 10.46 8.68
CA SER B 291 -29.24 10.20 8.32
C SER B 291 -28.32 11.31 8.80
N LYS B 292 -28.77 12.56 8.81
CA LYS B 292 -27.91 13.64 9.24
C LYS B 292 -27.71 13.66 10.75
N ALA B 293 -28.61 13.03 11.51
CA ALA B 293 -28.40 12.87 12.95
C ALA B 293 -27.35 11.81 13.23
N ILE B 294 -27.31 10.75 12.42
CA ILE B 294 -26.26 9.75 12.55
C ILE B 294 -24.91 10.37 12.20
N GLU B 295 -24.85 11.11 11.09
CA GLU B 295 -23.61 11.76 10.70
C GLU B 295 -23.11 12.72 11.77
N GLN B 296 -24.02 13.48 12.38
CA GLN B 296 -23.62 14.46 13.39
C GLN B 296 -23.10 13.79 14.65
N VAL B 297 -23.81 12.78 15.15
CA VAL B 297 -23.36 12.06 16.33
C VAL B 297 -21.96 11.51 16.12
N ASN B 298 -21.74 10.87 14.97
CA ASN B 298 -20.45 10.26 14.69
C ASN B 298 -19.36 11.31 14.65
N MET B 299 -19.65 12.49 14.10
CA MET B 299 -18.63 13.53 13.99
C MET B 299 -18.33 14.15 15.35
N TYR B 300 -19.37 14.52 16.09
CA TYR B 300 -19.15 15.15 17.39
C TYR B 300 -18.54 14.17 18.39
N LYS B 301 -19.00 12.92 18.37
CA LYS B 301 -18.55 11.92 19.36
C LYS B 301 -17.32 11.16 18.87
N ASN B 302 -17.49 10.31 17.85
CA ASN B 302 -16.44 9.38 17.47
C ASN B 302 -15.23 10.07 16.85
N LEU B 303 -15.41 11.19 16.16
CA LEU B 303 -14.28 11.87 15.52
C LEU B 303 -13.73 12.99 16.41
N ILE B 304 -14.49 14.08 16.56
CA ILE B 304 -13.98 15.23 17.30
C ILE B 304 -13.74 14.87 18.76
N GLY B 305 -14.68 14.14 19.37
CA GLY B 305 -14.51 13.76 20.76
C GLY B 305 -13.23 13.00 21.01
N SER B 306 -12.98 11.96 20.22
CA SER B 306 -11.75 11.18 20.39
C SER B 306 -10.51 12.00 20.06
N ALA B 307 -10.63 12.97 19.16
CA ALA B 307 -9.47 13.76 18.75
C ALA B 307 -8.97 14.66 19.87
N ILE B 308 -9.87 15.44 20.49
CA ILE B 308 -9.45 16.40 21.51
C ILE B 308 -8.94 15.69 22.76
N SER B 309 -9.48 14.52 23.08
CA SER B 309 -8.99 13.73 24.20
C SER B 309 -7.76 12.90 23.84
N ASN B 310 -7.23 13.06 22.63
CA ASN B 310 -6.05 12.32 22.16
C ASN B 310 -6.23 10.81 22.32
N SER B 311 -7.35 10.32 21.79
CA SER B 311 -7.64 8.89 21.80
C SER B 311 -7.19 8.24 20.49
N MET B 312 -6.87 6.94 20.58
CA MET B 312 -6.60 6.11 19.41
C MET B 312 -7.82 5.32 18.97
N GLY B 313 -8.90 5.35 19.74
CA GLY B 313 -10.11 4.68 19.33
C GLY B 313 -11.14 5.67 18.85
N PHE B 314 -11.18 5.89 17.54
CA PHE B 314 -12.17 6.78 16.95
C PHE B 314 -13.48 6.07 16.69
N ASN B 315 -13.92 5.27 17.65
CA ASN B 315 -15.13 4.49 17.56
C ASN B 315 -15.91 4.69 18.86
N ALA B 316 -16.98 3.92 19.04
CA ALA B 316 -17.82 4.01 20.22
C ALA B 316 -17.89 2.70 21.00
N HIS B 317 -17.85 1.56 20.32
CA HIS B 317 -18.22 0.29 20.93
C HIS B 317 -17.28 -0.86 20.63
N TYR B 318 -16.25 -0.67 19.79
CA TYR B 318 -15.44 -1.79 19.32
C TYR B 318 -15.04 -2.72 20.45
N ALA B 319 -14.41 -2.17 21.49
CA ALA B 319 -13.85 -3.00 22.57
C ALA B 319 -14.91 -3.87 23.24
N ASN B 320 -16.10 -3.32 23.49
CA ASN B 320 -17.15 -4.08 24.15
C ASN B 320 -17.56 -5.29 23.32
N ILE B 321 -17.73 -5.10 22.01
CA ILE B 321 -18.17 -6.20 21.16
C ILE B 321 -17.03 -7.18 20.93
N ILE B 322 -15.83 -6.67 20.63
CA ILE B 322 -14.65 -7.52 20.50
C ILE B 322 -14.50 -8.40 21.74
N GLY B 323 -14.59 -7.80 22.92
CA GLY B 323 -14.40 -8.57 24.15
C GLY B 323 -15.39 -9.71 24.28
N ALA B 324 -16.68 -9.41 24.13
CA ALA B 324 -17.70 -10.44 24.26
C ALA B 324 -17.49 -11.56 23.24
N LEU B 325 -17.15 -11.19 21.99
CA LEU B 325 -16.90 -12.20 20.97
C LEU B 325 -15.58 -12.92 21.21
N PHE B 326 -14.58 -12.22 21.75
CA PHE B 326 -13.29 -12.85 22.05
C PHE B 326 -13.42 -13.87 23.17
N LEU B 327 -14.18 -13.55 24.21
CA LEU B 327 -14.35 -14.48 25.32
C LEU B 327 -15.03 -15.76 24.87
N ALA B 328 -16.07 -15.63 24.05
CA ALA B 328 -16.86 -16.79 23.67
C ALA B 328 -16.05 -17.78 22.85
N THR B 329 -15.17 -17.29 21.99
CA THR B 329 -14.44 -18.14 21.05
C THR B 329 -13.03 -18.48 21.52
N GLY B 330 -12.65 -18.08 22.73
CA GLY B 330 -11.37 -18.47 23.27
C GLY B 330 -10.17 -17.74 22.72
N GLN B 331 -10.31 -16.44 22.44
CA GLN B 331 -9.17 -15.64 22.04
C GLN B 331 -8.42 -15.16 23.29
N ASP B 332 -7.27 -14.53 23.06
CA ASP B 332 -6.47 -14.00 24.15
C ASP B 332 -7.14 -12.75 24.70
N GLU B 333 -7.49 -12.78 26.00
CA GLU B 333 -8.23 -11.67 26.59
C GLU B 333 -7.52 -10.35 26.36
N ALA B 334 -6.19 -10.34 26.49
CA ALA B 334 -5.43 -9.10 26.41
C ALA B 334 -5.48 -8.45 25.02
N HIS B 335 -5.83 -9.21 23.98
CA HIS B 335 -5.89 -8.62 22.65
C HIS B 335 -7.13 -7.76 22.43
N ILE B 336 -8.05 -7.73 23.39
CA ILE B 336 -9.13 -6.77 23.35
C ILE B 336 -8.55 -5.36 23.29
N VAL B 337 -7.38 -5.17 23.92
CA VAL B 337 -6.66 -3.90 23.82
C VAL B 337 -6.52 -3.49 22.36
N GLU B 338 -6.00 -4.40 21.55
CA GLU B 338 -5.74 -4.09 20.15
C GLU B 338 -7.04 -3.95 19.35
N GLY B 339 -8.07 -4.70 19.72
CA GLY B 339 -9.35 -4.60 19.03
C GLY B 339 -10.08 -3.30 19.27
N SER B 340 -9.67 -2.51 20.25
CA SER B 340 -10.33 -1.23 20.53
C SER B 340 -9.91 -0.13 19.57
N LEU B 341 -8.87 -0.34 18.78
CA LEU B 341 -8.47 0.65 17.78
C LEU B 341 -9.37 0.55 16.55
N GLY B 342 -9.53 1.67 15.87
CA GLY B 342 -10.30 1.73 14.65
C GLY B 342 -11.09 3.02 14.53
N ILE B 343 -11.55 3.30 13.32
CA ILE B 343 -12.29 4.52 13.01
C ILE B 343 -13.63 4.12 12.42
N THR B 344 -14.70 4.75 12.92
CA THR B 344 -16.04 4.59 12.37
C THR B 344 -16.39 5.80 11.53
N VAL B 345 -16.80 5.55 10.28
CA VAL B 345 -17.14 6.61 9.33
C VAL B 345 -18.62 6.51 9.00
N ALA B 346 -19.35 7.59 9.28
CA ALA B 346 -20.76 7.70 8.91
C ALA B 346 -20.94 8.98 8.11
N GLU B 347 -21.51 8.87 6.92
CA GLU B 347 -21.56 9.98 5.99
C GLU B 347 -22.93 10.08 5.34
N CYS B 348 -23.47 11.29 5.28
CA CYS B 348 -24.76 11.55 4.65
C CYS B 348 -24.61 11.46 3.14
N THR B 349 -25.26 10.47 2.53
CA THR B 349 -25.27 10.32 1.08
C THR B 349 -26.60 10.81 0.51
N GLU B 350 -26.71 10.77 -0.82
CA GLU B 350 -27.91 11.27 -1.49
C GLU B 350 -29.10 10.35 -1.27
N ASP B 351 -28.86 9.03 -1.17
CA ASP B 351 -29.93 8.07 -0.96
C ASP B 351 -30.23 7.86 0.52
N GLY B 352 -29.21 7.94 1.38
CA GLY B 352 -29.39 7.78 2.80
C GLY B 352 -28.11 8.08 3.56
N VAL B 353 -27.44 7.03 4.05
CA VAL B 353 -26.20 7.20 4.80
C VAL B 353 -25.25 6.07 4.44
N TYR B 354 -23.96 6.37 4.56
CA TYR B 354 -22.90 5.37 4.45
C TYR B 354 -22.29 5.19 5.84
N PHE B 355 -22.31 3.96 6.33
CA PHE B 355 -21.84 3.65 7.68
C PHE B 355 -20.81 2.54 7.59
N SER B 356 -19.61 2.78 8.13
CA SER B 356 -18.53 1.79 8.05
C SER B 356 -17.74 1.77 9.34
N VAL B 357 -17.10 0.62 9.58
CA VAL B 357 -16.19 0.42 10.70
C VAL B 357 -14.89 -0.15 10.16
N THR B 358 -13.75 0.36 10.67
CA THR B 358 -12.42 -0.03 10.23
C THR B 358 -11.61 -0.45 11.44
N LEU B 359 -11.25 -1.73 11.51
CA LEU B 359 -10.51 -2.30 12.64
C LEU B 359 -9.14 -2.77 12.16
N PRO B 360 -8.12 -1.90 12.18
CA PRO B 360 -6.81 -2.29 11.63
C PRO B 360 -6.04 -3.28 12.47
N ASP B 361 -6.52 -3.67 13.66
CA ASP B 361 -5.73 -4.47 14.60
C ASP B 361 -6.66 -5.43 15.32
N VAL B 362 -6.76 -6.67 14.84
CA VAL B 362 -7.63 -7.66 15.44
C VAL B 362 -6.93 -9.03 15.43
N PRO B 363 -6.15 -9.37 16.43
CA PRO B 363 -5.46 -10.68 16.45
C PRO B 363 -6.40 -11.79 16.89
N VAL B 364 -6.74 -12.67 15.95
CA VAL B 364 -7.65 -13.78 16.20
C VAL B 364 -7.07 -15.06 15.62
N GLY B 365 -7.63 -16.19 16.05
CA GLY B 365 -7.24 -17.48 15.51
C GLY B 365 -8.33 -18.50 15.70
N THR B 366 -8.33 -19.51 14.83
CA THR B 366 -9.28 -20.61 14.88
C THR B 366 -8.64 -21.94 15.25
N VAL B 367 -7.33 -21.98 15.49
CA VAL B 367 -6.63 -23.18 15.92
C VAL B 367 -5.59 -22.79 16.96
N GLY B 368 -5.39 -23.65 17.95
CA GLY B 368 -4.39 -23.41 18.98
C GLY B 368 -4.86 -22.45 20.05
N GLY B 369 -4.01 -22.29 21.07
CA GLY B 369 -4.30 -21.33 22.14
C GLY B 369 -5.55 -21.69 22.89
N GLY B 370 -6.41 -20.70 23.09
CA GLY B 370 -7.65 -20.87 23.83
C GLY B 370 -8.82 -21.41 23.03
N THR B 371 -8.64 -21.64 21.72
CA THR B 371 -9.69 -22.23 20.92
C THR B 371 -9.86 -23.73 21.17
N ARG B 372 -8.88 -24.37 21.80
CA ARG B 372 -8.99 -25.80 22.11
C ARG B 372 -9.91 -26.06 23.29
N VAL B 373 -10.16 -25.06 24.14
CA VAL B 373 -10.99 -25.26 25.33
C VAL B 373 -12.40 -25.61 24.88
N GLU B 374 -12.98 -26.62 25.54
CA GLU B 374 -14.20 -27.25 25.07
C GLU B 374 -15.29 -26.23 24.75
N THR B 375 -15.66 -25.41 25.74
CA THR B 375 -16.78 -24.50 25.56
C THR B 375 -16.54 -23.50 24.43
N GLN B 376 -15.32 -22.98 24.33
CA GLN B 376 -15.01 -22.02 23.27
C GLN B 376 -14.93 -22.71 21.90
N LYS B 377 -14.43 -23.94 21.87
CA LYS B 377 -14.39 -24.71 20.63
C LYS B 377 -15.78 -24.85 20.04
N GLU B 378 -16.80 -24.98 20.90
CA GLU B 378 -18.17 -25.17 20.43
C GLU B 378 -18.74 -23.89 19.83
N CYS B 379 -18.47 -22.74 20.45
CA CYS B 379 -18.97 -21.48 19.92
C CYS B 379 -18.43 -21.20 18.52
N LEU B 380 -17.16 -21.53 18.28
CA LEU B 380 -16.63 -21.41 16.92
C LEU B 380 -17.37 -22.35 15.98
N GLU B 381 -17.68 -23.56 16.46
CA GLU B 381 -18.41 -24.51 15.64
C GLU B 381 -19.82 -24.02 15.35
N LEU B 382 -20.44 -23.30 16.29
CA LEU B 382 -21.74 -22.70 16.02
C LEU B 382 -21.67 -21.63 14.95
N LEU B 383 -20.46 -21.14 14.65
CA LEU B 383 -20.23 -20.24 13.53
C LEU B 383 -19.72 -20.96 12.28
N GLY B 384 -19.29 -22.22 12.41
CA GLY B 384 -18.62 -22.88 11.30
C GLY B 384 -17.20 -22.43 11.11
N CYS B 385 -16.51 -22.07 12.19
CA CYS B 385 -15.20 -21.42 12.11
C CYS B 385 -14.12 -22.15 12.88
N HIS B 386 -14.36 -23.37 13.34
CA HIS B 386 -13.32 -24.13 14.04
C HIS B 386 -12.50 -24.93 13.03
N GLY B 387 -11.20 -24.74 13.05
CA GLY B 387 -10.28 -25.52 12.25
C GLY B 387 -9.59 -24.70 11.18
N GLY B 388 -9.03 -25.43 10.19
CA GLY B 388 -8.30 -24.78 9.12
C GLY B 388 -9.20 -24.13 8.08
N ASP B 389 -8.61 -23.20 7.35
CA ASP B 389 -9.32 -22.46 6.30
C ASP B 389 -10.59 -21.82 6.84
N LYS B 390 -10.53 -21.33 8.07
CA LYS B 390 -11.68 -20.69 8.68
C LYS B 390 -11.36 -19.43 9.46
N ALA B 391 -10.08 -19.05 9.58
CA ALA B 391 -9.74 -17.83 10.29
C ALA B 391 -10.24 -16.60 9.56
N LEU B 392 -10.08 -16.57 8.23
CA LEU B 392 -10.55 -15.43 7.45
C LEU B 392 -12.06 -15.32 7.50
N LYS B 393 -12.77 -16.45 7.50
CA LYS B 393 -14.22 -16.44 7.65
C LYS B 393 -14.58 -15.84 9.01
N PHE B 394 -13.85 -16.22 10.06
CA PHE B 394 -14.12 -15.70 11.39
C PHE B 394 -13.86 -14.19 11.45
N ALA B 395 -12.78 -13.73 10.84
CA ALA B 395 -12.48 -12.29 10.86
C ALA B 395 -13.58 -11.47 10.20
N GLU B 396 -14.27 -12.03 9.19
CA GLU B 396 -15.39 -11.33 8.57
C GLU B 396 -16.63 -11.35 9.45
N ILE B 397 -16.77 -12.39 10.28
CA ILE B 397 -17.86 -12.41 11.26
C ILE B 397 -17.63 -11.35 12.32
N VAL B 398 -16.39 -11.27 12.83
CA VAL B 398 -16.05 -10.26 13.83
C VAL B 398 -16.38 -8.87 13.30
N GLY B 399 -15.92 -8.57 12.09
CA GLY B 399 -16.13 -7.24 11.55
C GLY B 399 -17.59 -6.87 11.37
N ALA B 400 -18.40 -7.83 10.92
CA ALA B 400 -19.82 -7.55 10.72
C ALA B 400 -20.53 -7.38 12.06
N THR B 401 -20.18 -8.20 13.05
CA THR B 401 -20.78 -8.08 14.37
C THR B 401 -20.45 -6.73 15.00
N VAL B 402 -19.22 -6.25 14.81
CA VAL B 402 -18.85 -4.94 15.34
C VAL B 402 -19.69 -3.85 14.70
N LEU B 403 -19.84 -3.90 13.37
CA LEU B 403 -20.67 -2.89 12.70
C LEU B 403 -22.10 -2.96 13.19
N ALA B 404 -22.61 -4.16 13.44
CA ALA B 404 -23.97 -4.31 13.97
C ALA B 404 -24.11 -3.57 15.30
N GLY B 405 -23.20 -3.83 16.23
CA GLY B 405 -23.27 -3.16 17.52
C GLY B 405 -23.01 -1.67 17.42
N GLU B 406 -22.01 -1.27 16.63
CA GLU B 406 -21.69 0.15 16.51
C GLU B 406 -22.86 0.94 15.94
N LEU B 407 -23.51 0.41 14.90
CA LEU B 407 -24.66 1.09 14.31
C LEU B 407 -25.81 1.16 15.32
N SER B 408 -26.07 0.07 16.02
CA SER B 408 -27.12 0.07 17.04
C SER B 408 -26.94 1.25 18.01
N LEU B 409 -25.70 1.47 18.46
CA LEU B 409 -25.45 2.51 19.45
C LEU B 409 -25.54 3.91 18.85
N ILE B 410 -24.79 4.18 17.78
CA ILE B 410 -24.84 5.50 17.17
C ILE B 410 -26.28 5.83 16.77
N GLY B 411 -27.02 4.84 16.30
CA GLY B 411 -28.41 5.07 15.95
C GLY B 411 -29.27 5.42 17.14
N ALA B 412 -29.05 4.74 18.27
CA ALA B 412 -29.80 5.07 19.48
C ALA B 412 -29.44 6.46 20.00
N LEU B 413 -28.16 6.83 19.95
CA LEU B 413 -27.76 8.16 20.41
C LEU B 413 -28.33 9.26 19.54
N SER B 414 -28.44 9.01 18.23
CA SER B 414 -29.02 10.03 17.35
C SER B 414 -30.50 10.22 17.63
N VAL B 415 -31.17 9.20 18.13
CA VAL B 415 -32.57 9.35 18.54
C VAL B 415 -32.68 10.40 19.63
N GLY B 416 -31.84 10.29 20.66
CA GLY B 416 -31.81 11.31 21.70
C GLY B 416 -31.33 12.64 21.18
N HIS B 417 -30.39 12.64 20.23
CA HIS B 417 -29.91 13.89 19.64
C HIS B 417 -31.04 14.62 18.94
N LEU B 418 -31.93 13.89 18.26
CA LEU B 418 -33.06 14.52 17.60
C LEU B 418 -34.07 15.04 18.61
N ALA B 419 -34.38 14.23 19.62
CA ALA B 419 -35.39 14.61 20.61
C ALA B 419 -34.99 15.91 21.30
N ARG B 420 -33.77 15.98 21.84
CA ARG B 420 -33.35 17.17 22.56
C ARG B 420 -33.27 18.40 21.66
N ALA B 421 -33.01 18.21 20.38
CA ALA B 421 -32.94 19.32 19.43
C ALA B 421 -34.33 19.86 19.13
N ASN C 27 43.35 44.53 13.16
CA ASN C 27 43.56 43.32 12.37
C ASN C 27 44.48 42.36 13.12
N GLU C 28 45.35 42.91 13.98
CA GLU C 28 46.12 42.07 14.89
C GLU C 28 45.20 41.14 15.68
N ILE C 29 43.97 41.58 15.93
CA ILE C 29 42.99 40.78 16.64
C ILE C 29 42.58 39.58 15.81
N LEU C 30 42.43 39.77 14.50
CA LEU C 30 41.97 38.69 13.62
C LEU C 30 42.92 37.49 13.66
N GLU C 31 44.23 37.73 13.79
CA GLU C 31 45.18 36.62 13.79
C GLU C 31 45.11 35.81 15.07
N LYS C 32 44.80 36.46 16.21
CA LYS C 32 44.69 35.73 17.46
C LYS C 32 43.49 34.78 17.45
N LEU C 33 42.42 35.14 16.76
CA LEU C 33 41.26 34.24 16.64
C LEU C 33 41.62 33.00 15.83
N LEU C 34 42.40 33.17 14.75
CA LEU C 34 42.78 32.03 13.92
C LEU C 34 43.70 31.08 14.67
N LYS C 35 44.64 31.63 15.43
CA LYS C 35 45.50 30.81 16.29
C LYS C 35 44.75 30.28 17.50
N LYS C 36 43.48 30.64 17.65
CA LYS C 36 42.68 30.24 18.82
C LYS C 36 43.34 30.70 20.11
N GLU C 37 43.97 31.87 20.05
CA GLU C 37 44.47 32.50 21.27
C GLU C 37 43.33 33.09 22.07
N ILE C 38 42.40 33.77 21.40
CA ILE C 38 41.19 34.30 22.01
C ILE C 38 40.00 33.73 21.27
N LYS C 39 38.90 33.57 21.98
CA LYS C 39 37.70 33.02 21.38
C LYS C 39 36.77 34.13 20.89
N PRO C 40 35.89 33.84 19.94
CA PRO C 40 35.01 34.90 19.40
C PRO C 40 33.99 35.45 20.41
N TYR C 41 33.81 34.84 21.58
CA TYR C 41 32.89 35.40 22.56
C TYR C 41 33.54 36.52 23.36
N GLN C 42 34.86 36.47 23.54
CA GLN C 42 35.60 37.48 24.28
C GLN C 42 35.80 38.76 23.47
N LEU C 43 35.31 38.81 22.23
CA LEU C 43 35.55 39.97 21.38
C LEU C 43 34.75 41.19 21.82
N ASP C 44 33.57 40.99 22.42
CA ASP C 44 32.72 42.13 22.77
C ASP C 44 33.33 42.99 23.87
N ASP C 45 34.04 42.39 24.83
CA ASP C 45 34.62 43.19 25.91
C ASP C 45 35.91 43.88 25.46
N LEU C 46 36.74 43.20 24.67
CA LEU C 46 37.96 43.82 24.18
C LEU C 46 37.65 44.99 23.25
N VAL C 47 37.00 44.70 22.13
CA VAL C 47 36.64 45.70 21.13
C VAL C 47 35.14 45.96 21.23
N GLY C 48 34.74 47.14 20.76
CA GLY C 48 33.33 47.49 20.74
C GLY C 48 32.47 46.42 20.11
N GLU C 49 31.24 46.28 20.60
CA GLU C 49 30.36 45.22 20.12
C GLU C 49 30.08 45.36 18.62
N LYS C 50 29.90 46.60 18.13
CA LYS C 50 29.61 46.77 16.71
C LYS C 50 30.77 46.30 15.85
N GLU C 51 32.01 46.60 16.26
CA GLU C 51 33.18 46.13 15.52
C GLU C 51 33.45 44.66 15.78
N ALA C 52 33.06 44.16 16.97
CA ALA C 52 33.18 42.73 17.25
C ALA C 52 32.37 41.90 16.27
N ILE C 53 31.27 42.45 15.75
CA ILE C 53 30.46 41.74 14.77
C ILE C 53 31.17 41.70 13.42
N GLU C 54 31.76 42.82 13.01
CA GLU C 54 32.51 42.85 11.76
C GLU C 54 33.74 41.95 11.83
N LEU C 55 34.27 41.75 13.03
CA LEU C 55 35.52 41.00 13.16
C LEU C 55 35.29 39.50 13.11
N ARG C 56 34.29 38.99 13.82
CA ARG C 56 33.98 37.57 13.72
C ARG C 56 33.27 37.24 12.40
N ARG C 57 32.61 38.22 11.78
CA ARG C 57 32.03 37.99 10.46
C ARG C 57 33.14 37.68 9.45
N LYS C 58 34.28 38.36 9.58
CA LYS C 58 35.42 38.07 8.73
C LYS C 58 36.19 36.84 9.21
N TYR C 59 36.08 36.47 10.48
CA TYR C 59 36.73 35.27 10.97
C TYR C 59 36.08 34.01 10.39
N ILE C 60 34.79 34.04 10.10
CA ILE C 60 34.14 32.91 9.46
C ILE C 60 34.32 32.96 7.95
N GLU C 61 34.46 34.17 7.39
CA GLU C 61 34.74 34.30 5.97
C GLU C 61 36.09 33.69 5.61
N LYS C 62 37.07 33.78 6.51
CA LYS C 62 38.39 33.22 6.26
C LYS C 62 38.40 31.70 6.41
N ILE C 63 37.68 31.17 7.38
CA ILE C 63 37.68 29.73 7.62
C ILE C 63 36.98 29.00 6.48
N SER C 64 35.79 29.46 6.10
CA SER C 64 35.03 28.85 5.02
C SER C 64 35.53 29.28 3.65
N GLN C 65 36.30 30.37 3.57
CA GLN C 65 36.84 30.87 2.30
C GLN C 65 35.70 31.26 1.35
N VAL C 66 34.78 32.07 1.88
CA VAL C 66 33.73 32.68 1.08
C VAL C 66 33.47 34.07 1.65
N GLU C 67 33.14 35.00 0.77
CA GLU C 67 32.95 36.40 1.14
C GLU C 67 31.47 36.73 1.16
N THR C 68 31.03 37.41 2.22
CA THR C 68 29.62 37.73 2.42
C THR C 68 29.37 39.21 2.15
N LYS C 69 28.20 39.49 1.60
CA LYS C 69 27.76 40.84 1.28
C LYS C 69 26.47 41.23 1.99
N HIS C 70 25.50 40.32 2.04
CA HIS C 70 24.15 40.66 2.49
C HIS C 70 24.01 40.59 4.01
N ILE C 71 24.48 39.50 4.62
CA ILE C 71 24.33 39.32 6.06
C ILE C 71 24.99 40.46 6.82
N GLY C 72 25.96 41.14 6.21
CA GLY C 72 26.61 42.27 6.86
C GLY C 72 25.69 43.45 7.09
N HIS C 73 24.68 43.62 6.24
CA HIS C 73 23.77 44.76 6.36
C HIS C 73 22.68 44.47 7.38
N TYR C 74 22.55 45.36 8.35
CA TYR C 74 21.44 45.30 9.29
C TYR C 74 21.20 46.70 9.85
N THR C 75 19.93 47.01 10.11
CA THR C 75 19.54 48.26 10.74
C THR C 75 19.17 48.11 12.20
N ILE C 76 19.09 46.87 12.70
CA ILE C 76 18.73 46.62 14.09
C ILE C 76 19.89 47.02 15.01
N ASP C 77 19.55 47.40 16.24
CA ASP C 77 20.57 47.78 17.21
C ASP C 77 21.32 46.53 17.68
N GLU C 78 22.62 46.46 17.37
CA GLU C 78 23.42 45.30 17.74
C GLU C 78 23.77 45.27 19.21
N LYS C 79 23.66 46.40 19.92
CA LYS C 79 24.00 46.40 21.34
C LYS C 79 22.93 45.64 22.14
N GLU C 80 21.67 46.03 21.99
CA GLU C 80 20.60 45.34 22.71
C GLU C 80 20.40 43.91 22.20
N ALA C 81 20.74 43.64 20.94
CA ALA C 81 20.59 42.30 20.41
C ALA C 81 21.55 41.33 21.08
N MET C 82 22.83 41.70 21.19
CA MET C 82 23.80 40.85 21.87
C MET C 82 23.46 40.67 23.34
N LYS C 83 22.70 41.59 23.93
CA LYS C 83 22.38 41.56 25.35
C LYS C 83 21.17 40.70 25.66
N LYS C 84 20.21 40.62 24.73
CA LYS C 84 18.92 40.00 25.02
C LYS C 84 18.44 38.96 24.02
N ASN C 85 19.11 38.79 22.87
CA ASN C 85 18.52 37.95 21.83
C ASN C 85 19.50 36.99 21.14
N ILE C 86 20.81 37.26 21.10
CA ILE C 86 21.72 36.47 20.29
C ILE C 86 23.09 36.43 20.95
N GLU C 87 23.93 35.50 20.50
CA GLU C 87 25.33 35.44 20.90
C GLU C 87 26.19 35.17 19.67
N ASN C 88 27.43 35.66 19.72
CA ASN C 88 28.38 35.56 18.60
C ASN C 88 27.79 36.13 17.31
N MET C 89 27.23 37.33 17.41
CA MET C 89 26.56 37.92 16.26
C MET C 89 27.56 38.21 15.14
N ILE C 90 27.16 37.89 13.91
CA ILE C 90 27.93 38.18 12.71
C ILE C 90 27.17 39.02 11.70
N GLY C 91 25.92 39.34 11.96
CA GLY C 91 25.09 40.08 11.03
C GLY C 91 23.62 39.76 11.27
N ALA C 92 22.88 39.65 10.18
CA ALA C 92 21.45 39.41 10.27
C ALA C 92 20.96 38.69 9.02
N VAL C 93 19.92 37.89 9.19
CA VAL C 93 19.22 37.23 8.10
C VAL C 93 17.95 38.00 7.79
N GLN C 94 17.63 38.13 6.51
CA GLN C 94 16.49 38.89 6.05
C GLN C 94 15.42 37.94 5.53
N ILE C 95 14.26 37.95 6.17
CA ILE C 95 13.12 37.13 5.76
C ILE C 95 12.16 38.04 5.00
N PRO C 96 11.73 37.66 3.80
CA PRO C 96 10.80 38.54 3.05
C PRO C 96 9.51 38.74 3.84
N LEU C 97 9.08 39.99 3.93
CA LEU C 97 7.91 40.37 4.71
C LEU C 97 6.81 40.81 3.75
N GLY C 98 5.65 40.17 3.87
CA GLY C 98 4.47 40.57 3.11
C GLY C 98 3.30 40.82 4.04
N PHE C 99 2.10 40.97 3.48
CA PHE C 99 0.92 41.17 4.31
C PHE C 99 -0.29 40.60 3.59
N ALA C 100 -1.29 40.25 4.40
CA ALA C 100 -2.57 39.76 3.89
C ALA C 100 -3.67 40.59 4.53
N GLY C 101 -4.66 40.98 3.71
CA GLY C 101 -5.75 41.79 4.21
C GLY C 101 -6.64 42.30 3.09
N PRO C 102 -7.73 42.99 3.45
CA PRO C 102 -8.13 43.29 4.82
C PRO C 102 -8.80 42.12 5.54
N LEU C 103 -8.69 42.08 6.86
CA LEU C 103 -9.22 40.98 7.67
C LEU C 103 -10.11 41.56 8.76
N LYS C 104 -11.42 41.50 8.56
CA LYS C 104 -12.39 41.97 9.55
C LYS C 104 -12.49 40.96 10.69
N ILE C 105 -12.22 41.41 11.91
CA ILE C 105 -12.23 40.58 13.10
C ILE C 105 -13.34 41.05 14.03
N ASN C 106 -14.18 40.11 14.45
CA ASN C 106 -15.25 40.39 15.41
C ASN C 106 -14.87 39.71 16.73
N GLY C 107 -13.90 40.30 17.42
CA GLY C 107 -13.38 39.74 18.64
C GLY C 107 -13.86 40.49 19.87
N LYS C 108 -13.31 40.10 21.02
CA LYS C 108 -13.59 40.74 22.30
C LYS C 108 -12.57 41.82 22.63
N TYR C 109 -11.36 41.74 22.05
CA TYR C 109 -10.32 42.73 22.24
C TYR C 109 -9.85 43.31 20.91
N ALA C 110 -10.18 42.70 19.79
CA ALA C 110 -9.83 43.20 18.47
C ALA C 110 -11.09 43.28 17.63
N ASN C 111 -11.39 44.48 17.13
CA ASN C 111 -12.54 44.70 16.28
C ASN C 111 -12.15 45.61 15.14
N GLY C 112 -12.69 45.35 13.95
CA GLY C 112 -12.42 46.14 12.78
C GLY C 112 -11.52 45.40 11.80
N GLU C 113 -11.21 46.10 10.72
CA GLU C 113 -10.37 45.54 9.66
C GLU C 113 -8.89 45.67 10.01
N PHE C 114 -8.14 44.60 9.78
CA PHE C 114 -6.72 44.54 10.08
C PHE C 114 -5.95 44.15 8.83
N TYR C 115 -4.66 44.52 8.83
CA TYR C 115 -3.72 44.12 7.78
C TYR C 115 -2.59 43.37 8.47
N VAL C 116 -2.56 42.05 8.27
CA VAL C 116 -1.71 41.16 9.05
C VAL C 116 -0.35 41.06 8.35
N PRO C 117 0.76 41.39 9.02
CA PRO C 117 2.07 41.22 8.39
C PRO C 117 2.54 39.78 8.51
N LEU C 118 2.99 39.22 7.38
CA LEU C 118 3.44 37.84 7.32
C LEU C 118 4.84 37.81 6.69
N ALA C 119 5.76 37.11 7.34
CA ALA C 119 7.14 36.97 6.86
C ALA C 119 7.42 35.50 6.62
N THR C 120 7.69 35.15 5.36
CA THR C 120 7.94 33.76 5.00
C THR C 120 8.81 33.70 3.76
N THR C 121 9.42 32.53 3.54
CA THR C 121 10.15 32.24 2.32
C THR C 121 9.37 31.34 1.37
N GLU C 122 8.13 31.00 1.69
CA GLU C 122 7.32 30.10 0.88
C GLU C 122 6.40 30.91 -0.04
N GLY C 123 6.46 30.59 -1.33
CA GLY C 123 5.57 31.24 -2.28
C GLY C 123 4.15 30.74 -2.15
N ALA C 124 3.23 31.56 -2.65
CA ALA C 124 1.80 31.23 -2.68
C ALA C 124 1.16 31.25 -1.29
N LEU C 125 1.98 31.31 -0.24
CA LEU C 125 1.44 31.25 1.11
C LEU C 125 0.74 32.55 1.48
N VAL C 126 1.41 33.69 1.31
CA VAL C 126 0.79 34.97 1.60
C VAL C 126 -0.41 35.19 0.68
N ALA C 127 -0.32 34.72 -0.56
CA ALA C 127 -1.46 34.79 -1.47
C ALA C 127 -2.63 34.00 -0.91
N SER C 128 -2.37 32.82 -0.34
CA SER C 128 -3.44 32.00 0.21
C SER C 128 -4.16 32.72 1.33
N VAL C 129 -3.41 33.25 2.31
CA VAL C 129 -4.04 33.90 3.45
C VAL C 129 -4.79 35.16 2.99
N ASN C 130 -4.20 35.91 2.06
CA ASN C 130 -4.83 37.14 1.59
C ASN C 130 -6.15 36.84 0.90
N ARG C 131 -6.22 35.76 0.12
CA ARG C 131 -7.48 35.38 -0.51
C ARG C 131 -8.53 35.04 0.53
N GLY C 132 -8.16 34.26 1.54
CA GLY C 132 -9.10 33.95 2.60
C GLY C 132 -9.52 35.19 3.38
N CYS C 133 -8.61 36.15 3.53
CA CYS C 133 -8.95 37.40 4.22
C CYS C 133 -10.06 38.15 3.47
N SER C 134 -9.94 38.24 2.14
CA SER C 134 -10.94 38.96 1.36
C SER C 134 -12.28 38.23 1.41
N ILE C 135 -12.27 36.91 1.21
CA ILE C 135 -13.50 36.13 1.31
C ILE C 135 -14.13 36.33 2.68
N VAL C 136 -13.32 36.18 3.73
CA VAL C 136 -13.84 36.29 5.08
C VAL C 136 -14.40 37.67 5.33
N THR C 137 -13.76 38.70 4.76
CA THR C 137 -14.17 40.07 5.02
C THR C 137 -15.49 40.39 4.32
N LYS C 138 -15.70 39.84 3.13
CA LYS C 138 -16.98 40.06 2.46
C LYS C 138 -18.10 39.28 3.12
N CYS C 139 -17.77 38.46 4.11
CA CYS C 139 -18.75 37.69 4.85
C CYS C 139 -18.67 38.09 6.31
N GLY C 140 -18.93 39.36 6.59
CA GLY C 140 -19.03 39.85 7.96
C GLY C 140 -17.85 39.73 8.91
N GLY C 141 -16.80 38.99 8.56
CA GLY C 141 -15.64 38.89 9.42
C GLY C 141 -15.67 37.65 10.32
N VAL C 142 -14.58 37.49 11.07
CA VAL C 142 -14.35 36.31 11.92
C VAL C 142 -14.76 36.63 13.34
N THR C 143 -15.45 35.69 13.97
CA THR C 143 -15.75 35.74 15.40
C THR C 143 -14.72 34.87 16.12
N VAL C 144 -13.87 35.50 16.92
CA VAL C 144 -12.77 34.81 17.60
C VAL C 144 -12.80 35.18 19.08
N ARG C 145 -12.59 34.17 19.92
CA ARG C 145 -12.53 34.35 21.37
C ARG C 145 -11.33 33.57 21.92
N VAL C 146 -10.71 34.12 22.95
CA VAL C 146 -9.59 33.48 23.63
C VAL C 146 -10.18 32.62 24.76
N ILE C 147 -10.08 31.29 24.60
CA ILE C 147 -10.70 30.38 25.55
C ILE C 147 -9.90 30.27 26.84
N ASP C 148 -8.59 30.49 26.78
CA ASP C 148 -7.75 30.30 27.96
C ASP C 148 -6.45 31.06 27.73
N ASP C 149 -5.82 31.46 28.82
CA ASP C 149 -4.53 32.16 28.76
C ASP C 149 -3.71 31.72 29.96
N LYS C 150 -2.64 30.97 29.70
CA LYS C 150 -1.80 30.46 30.78
C LYS C 150 -0.51 29.94 30.19
N MET C 151 0.56 30.05 30.98
CA MET C 151 1.87 29.50 30.64
C MET C 151 2.27 28.54 31.75
N THR C 152 2.72 27.35 31.39
CA THR C 152 2.93 26.29 32.35
C THR C 152 4.40 25.87 32.39
N ARG C 153 4.77 25.26 33.52
CA ARG C 153 6.10 24.70 33.72
C ARG C 153 5.93 23.53 34.67
N ALA C 154 6.46 22.38 34.30
CA ALA C 154 6.28 21.14 35.06
C ALA C 154 7.65 20.53 35.34
N PRO C 155 8.20 20.75 36.52
CA PRO C 155 9.49 20.14 36.85
C PRO C 155 9.32 18.66 37.16
N VAL C 156 10.45 17.98 37.16
CA VAL C 156 10.56 16.59 37.61
C VAL C 156 11.18 16.61 38.99
N ILE C 157 10.48 16.02 39.96
CA ILE C 157 10.93 15.95 41.35
C ILE C 157 11.07 14.49 41.77
N LYS C 158 12.23 14.15 42.31
CA LYS C 158 12.52 12.80 42.77
C LYS C 158 12.23 12.69 44.26
N THR C 159 11.50 11.65 44.64
CA THR C 159 11.24 11.34 46.04
C THR C 159 11.81 9.98 46.38
N GLU C 160 11.81 9.66 47.68
CA GLU C 160 12.39 8.40 48.14
C GLU C 160 11.52 7.23 47.75
N SER C 161 10.20 7.42 47.75
CA SER C 161 9.26 6.33 47.54
C SER C 161 7.94 6.91 47.05
N VAL C 162 7.04 6.01 46.61
CA VAL C 162 5.71 6.43 46.23
C VAL C 162 4.98 7.00 47.44
N ILE C 163 5.33 6.52 48.64
CA ILE C 163 4.74 7.07 49.86
C ILE C 163 5.06 8.55 50.00
N ASP C 164 6.33 8.92 49.78
CA ASP C 164 6.71 10.33 49.81
C ASP C 164 6.09 11.09 48.65
N ALA C 165 5.91 10.43 47.50
CA ALA C 165 5.31 11.08 46.34
C ALA C 165 3.87 11.50 46.64
N VAL C 166 3.09 10.61 47.24
CA VAL C 166 1.72 10.96 47.61
C VAL C 166 1.72 12.10 48.62
N LYS C 167 2.62 12.05 49.61
CA LYS C 167 2.68 13.11 50.61
C LYS C 167 3.04 14.44 49.96
N LEU C 168 3.94 14.42 48.97
CA LEU C 168 4.27 15.64 48.25
C LEU C 168 3.06 16.17 47.49
N LYS C 169 2.30 15.28 46.86
CA LYS C 169 1.10 15.70 46.14
C LYS C 169 0.10 16.32 47.09
N GLU C 170 -0.14 15.67 48.23
CA GLU C 170 -1.10 16.22 49.20
C GLU C 170 -0.61 17.54 49.76
N TRP C 171 0.69 17.62 50.10
CA TRP C 171 1.21 18.85 50.70
C TRP C 171 1.07 20.03 49.76
N ILE C 172 1.33 19.82 48.47
CA ILE C 172 1.21 20.91 47.51
C ILE C 172 -0.22 21.41 47.43
N LYS C 173 -1.19 20.50 47.45
CA LYS C 173 -2.58 20.92 47.31
C LYS C 173 -3.02 21.76 48.50
N GLU C 174 -2.69 21.33 49.72
CA GLU C 174 -3.14 22.06 50.90
C GLU C 174 -2.42 23.39 51.04
N ASN C 175 -1.11 23.42 50.77
CA ASN C 175 -0.31 24.62 50.92
C ASN C 175 -0.21 25.44 49.63
N PHE C 176 -1.24 25.40 48.77
CA PHE C 176 -1.18 26.13 47.50
C PHE C 176 -0.97 27.61 47.71
N GLN C 177 -1.76 28.23 48.60
CA GLN C 177 -1.68 29.67 48.79
C GLN C 177 -0.27 30.11 49.17
N ARG C 178 0.39 29.30 50.00
CA ARG C 178 1.75 29.59 50.42
C ARG C 178 2.71 29.60 49.22
N ILE C 179 2.60 28.58 48.37
CA ILE C 179 3.44 28.52 47.17
C ILE C 179 3.14 29.70 46.24
N LYS C 180 1.86 30.05 46.11
CA LYS C 180 1.48 31.16 45.25
C LYS C 180 2.22 32.44 45.60
N GLU C 181 2.24 32.80 46.88
CA GLU C 181 2.93 34.01 47.31
C GLU C 181 4.42 33.95 46.97
N VAL C 182 5.05 32.79 47.21
CA VAL C 182 6.48 32.65 46.93
C VAL C 182 6.75 32.85 45.44
N ALA C 183 5.92 32.22 44.60
CA ALA C 183 6.12 32.35 43.15
C ALA C 183 5.93 33.79 42.72
N GLU C 184 4.87 34.45 43.21
CA GLU C 184 4.57 35.81 42.81
C GLU C 184 5.54 36.83 43.35
N SER C 185 6.44 36.44 44.26
CA SER C 185 7.42 37.39 44.79
C SER C 185 8.50 37.72 43.77
N THR C 186 8.68 36.88 42.75
CA THR C 186 9.69 37.09 41.73
C THR C 186 9.22 38.01 40.62
N THR C 187 7.93 38.30 40.54
CA THR C 187 7.37 39.05 39.42
C THR C 187 6.17 39.87 39.89
N ARG C 188 6.05 41.07 39.34
CA ARG C 188 4.87 41.90 39.55
C ARG C 188 3.77 41.63 38.54
N HIS C 189 4.11 41.07 37.38
CA HIS C 189 3.13 40.77 36.35
C HIS C 189 2.63 39.32 36.40
N GLY C 190 3.47 38.38 36.82
CA GLY C 190 3.05 36.99 36.88
C GLY C 190 2.12 36.73 38.05
N LYS C 191 1.43 35.59 37.98
CA LYS C 191 0.45 35.24 39.01
C LYS C 191 0.15 33.76 38.90
N LEU C 192 0.53 32.99 39.92
CA LEU C 192 0.27 31.55 39.95
C LEU C 192 -1.18 31.31 40.30
N ILE C 193 -1.89 30.59 39.42
CA ILE C 193 -3.32 30.37 39.55
C ILE C 193 -3.70 28.94 39.89
N ASP C 194 -2.84 27.96 39.62
CA ASP C 194 -3.14 26.57 39.96
C ASP C 194 -1.88 25.74 39.79
N ILE C 195 -1.90 24.56 40.39
CA ILE C 195 -0.89 23.54 40.13
C ILE C 195 -1.62 22.25 39.83
N ASN C 196 -2.02 22.09 38.58
CA ASN C 196 -2.83 20.95 38.18
C ASN C 196 -2.56 20.64 36.70
N PRO C 197 -2.43 19.36 36.35
CA PRO C 197 -2.46 18.18 37.22
C PRO C 197 -1.10 17.94 37.88
N ILE C 198 -1.05 17.02 38.84
CA ILE C 198 0.20 16.62 39.51
C ILE C 198 0.38 15.15 39.22
N LEU C 199 1.26 14.82 38.28
CA LEU C 199 1.45 13.46 37.83
C LEU C 199 2.49 12.76 38.71
N ILE C 200 2.28 11.46 38.92
CA ILE C 200 3.20 10.62 39.68
C ILE C 200 3.49 9.36 38.86
N VAL C 201 4.77 9.08 38.65
CA VAL C 201 5.21 7.84 38.02
C VAL C 201 6.20 7.21 38.99
N GLY C 202 5.78 6.16 39.68
CA GLY C 202 6.62 5.51 40.67
C GLY C 202 6.89 6.40 41.87
N ARG C 203 8.08 7.01 41.92
CA ARG C 203 8.45 7.91 42.99
C ARG C 203 8.83 9.30 42.47
N TYR C 204 8.49 9.60 41.23
CA TYR C 204 8.79 10.88 40.60
C TYR C 204 7.49 11.66 40.40
N VAL C 205 7.51 12.94 40.75
CA VAL C 205 6.34 13.79 40.71
C VAL C 205 6.53 14.87 39.66
N TYR C 206 5.49 15.12 38.87
CA TYR C 206 5.49 16.11 37.79
C TYR C 206 4.34 17.09 38.01
N PRO C 207 4.55 18.14 38.82
CA PRO C 207 3.47 19.11 39.05
C PRO C 207 3.45 20.22 38.02
N ARG C 208 2.31 20.41 37.36
CA ARG C 208 2.16 21.40 36.29
C ARG C 208 1.80 22.74 36.91
N PHE C 209 2.80 23.63 37.03
CA PHE C 209 2.57 24.98 37.52
C PHE C 209 1.88 25.80 36.43
N VAL C 210 0.73 26.38 36.75
CA VAL C 210 -0.05 27.17 35.81
C VAL C 210 0.04 28.64 36.21
N TYR C 211 0.48 29.49 35.28
CA TYR C 211 0.67 30.92 35.54
C TYR C 211 -0.12 31.77 34.56
N LYS C 212 -0.53 32.94 35.03
CA LYS C 212 -1.01 34.01 34.17
C LYS C 212 0.15 34.96 33.93
N THR C 213 0.50 35.16 32.66
CA THR C 213 1.70 35.92 32.30
C THR C 213 1.40 37.32 31.82
N GLY C 214 0.15 37.76 31.86
CA GLY C 214 -0.16 39.10 31.37
C GLY C 214 0.03 39.14 29.88
N ASP C 215 0.82 40.11 29.43
CA ASP C 215 1.03 40.33 28.00
C ASP C 215 2.24 39.60 27.45
N ALA C 216 3.11 39.05 28.31
CA ALA C 216 4.30 38.36 27.86
C ALA C 216 4.01 36.88 27.62
N MET C 217 4.88 36.24 26.84
CA MET C 217 4.82 34.80 26.70
C MET C 217 5.27 34.13 27.99
N GLY C 218 6.25 34.74 28.67
CA GLY C 218 6.60 34.33 30.01
C GLY C 218 7.48 33.11 30.11
N MET C 219 8.32 32.85 29.12
CA MET C 219 9.20 31.69 29.19
C MET C 219 10.06 31.74 30.44
N ASN C 220 10.89 32.78 30.56
CA ASN C 220 11.78 32.90 31.71
C ASN C 220 11.03 33.36 32.95
N MET C 221 9.92 34.09 32.77
CA MET C 221 9.15 34.53 33.92
C MET C 221 8.73 33.35 34.79
N VAL C 222 8.15 32.31 34.17
CA VAL C 222 7.67 31.17 34.94
C VAL C 222 8.82 30.31 35.44
N THR C 223 9.97 30.32 34.76
CA THR C 223 11.11 29.54 35.23
C THR C 223 11.64 30.08 36.55
N ILE C 224 11.87 31.40 36.61
CA ILE C 224 12.29 32.03 37.86
C ILE C 224 11.22 31.86 38.92
N ALA C 225 9.95 32.06 38.55
CA ALA C 225 8.86 31.91 39.52
C ALA C 225 8.81 30.49 40.06
N THR C 226 8.83 29.49 39.16
CA THR C 226 8.78 28.11 39.61
C THR C 226 10.05 27.70 40.35
N GLU C 227 11.20 28.23 39.95
CA GLU C 227 12.44 27.90 40.65
C GLU C 227 12.35 28.25 42.12
N LYS C 228 11.87 29.46 42.43
CA LYS C 228 11.72 29.86 43.82
C LYS C 228 10.66 29.04 44.53
N ALA C 229 9.58 28.66 43.82
CA ALA C 229 8.56 27.83 44.44
C ALA C 229 9.08 26.44 44.77
N CYS C 230 9.91 25.88 43.90
CA CYS C 230 10.45 24.54 44.15
C CYS C 230 11.42 24.56 45.32
N ASN C 231 12.31 25.56 45.38
CA ASN C 231 13.20 25.68 46.54
C ASN C 231 12.39 25.82 47.82
N PHE C 232 11.27 26.54 47.75
CA PHE C 232 10.38 26.67 48.90
C PHE C 232 9.77 25.33 49.27
N ILE C 233 9.19 24.64 48.30
CA ILE C 233 8.61 23.33 48.57
C ILE C 233 9.68 22.38 49.08
N GLU C 234 10.86 22.44 48.51
CA GLU C 234 11.95 21.56 48.91
C GLU C 234 12.29 21.77 50.39
N GLU C 235 12.39 23.04 50.81
CA GLU C 235 12.75 23.34 52.20
C GLU C 235 11.62 22.98 53.16
N GLU C 236 10.39 23.37 52.83
CA GLU C 236 9.29 23.16 53.76
C GLU C 236 9.07 21.68 54.02
N LEU C 237 9.30 20.84 53.01
CA LEU C 237 9.18 19.40 53.20
C LEU C 237 10.38 18.82 53.95
N LYS C 238 11.55 19.43 53.79
CA LYS C 238 12.71 19.03 54.58
C LYS C 238 12.44 19.18 56.07
N LYS C 239 11.61 20.17 56.45
CA LYS C 239 11.23 20.36 57.84
C LYS C 239 10.38 19.22 58.39
N GLU C 240 9.94 18.32 57.51
CA GLU C 240 9.17 17.15 57.92
C GLU C 240 9.98 15.85 57.71
N ASN C 241 11.27 16.01 57.42
CA ASN C 241 12.17 14.87 57.15
C ASN C 241 11.69 14.04 55.97
N ILE C 242 11.00 14.67 55.03
CA ILE C 242 10.67 14.09 53.74
C ILE C 242 11.64 14.71 52.74
N ASN C 243 12.59 13.92 52.26
CA ASN C 243 13.65 14.45 51.42
C ASN C 243 13.27 14.33 49.95
N ILE C 244 13.20 15.47 49.27
CA ILE C 244 12.92 15.56 47.84
C ILE C 244 13.91 16.53 47.22
N HIS C 245 13.99 16.51 45.90
CA HIS C 245 14.83 17.49 45.22
C HIS C 245 14.45 17.56 43.75
N THR C 246 14.49 18.77 43.20
CA THR C 246 14.12 19.00 41.81
C THR C 246 15.28 18.60 40.90
N VAL C 247 15.03 17.66 39.99
CA VAL C 247 16.05 17.25 39.04
C VAL C 247 16.19 18.30 37.94
N ALA C 248 15.06 18.74 37.40
CA ALA C 248 15.08 19.77 36.36
C ALA C 248 13.76 20.53 36.39
N LEU C 249 13.84 21.82 36.07
CA LEU C 249 12.66 22.68 36.12
C LEU C 249 11.70 22.41 34.97
N SER C 250 12.20 21.93 33.83
CA SER C 250 11.36 21.55 32.70
C SER C 250 11.39 20.03 32.61
N GLY C 251 10.31 19.38 33.08
CA GLY C 251 10.28 17.94 33.18
C GLY C 251 9.67 17.24 31.98
N ASN C 252 9.56 17.94 30.86
CA ASN C 252 8.97 17.41 29.64
C ASN C 252 7.49 17.06 29.83
N ALA C 253 6.86 17.56 30.90
CA ALA C 253 5.41 17.56 31.05
C ALA C 253 4.84 18.96 30.95
N CYS C 254 5.67 19.95 30.60
CA CYS C 254 5.26 21.35 30.60
C CYS C 254 4.02 21.58 29.71
N VAL C 255 4.04 21.26 28.41
CA VAL C 255 5.17 20.78 27.62
C VAL C 255 5.63 21.92 26.72
N ASP C 256 6.94 22.12 26.60
CA ASP C 256 7.49 23.25 25.88
C ASP C 256 8.15 22.81 24.59
N LYS C 257 7.69 23.36 23.47
CA LYS C 257 8.33 23.18 22.15
C LYS C 257 8.38 21.72 21.73
N LYS C 258 7.33 20.98 22.07
CA LYS C 258 7.16 19.58 21.66
C LYS C 258 5.68 19.31 21.49
N PRO C 259 5.29 18.41 20.60
CA PRO C 259 3.87 18.06 20.45
C PRO C 259 3.47 17.04 21.50
N ALA C 260 2.51 17.41 22.35
CA ALA C 260 2.11 16.55 23.46
C ALA C 260 0.60 16.61 23.64
N GLY C 261 0.03 15.50 24.13
CA GLY C 261 -1.40 15.46 24.37
C GLY C 261 -1.82 16.38 25.49
N ILE C 262 -1.00 16.52 26.53
CA ILE C 262 -1.34 17.38 27.64
C ILE C 262 -1.58 18.80 27.18
N ASN C 263 -0.85 19.25 26.15
CA ASN C 263 -1.05 20.58 25.60
C ASN C 263 -2.28 20.65 24.71
N LEU C 264 -2.72 19.51 24.17
CA LEU C 264 -3.93 19.46 23.37
C LEU C 264 -5.19 19.46 24.23
N ILE C 265 -5.11 18.86 25.41
CA ILE C 265 -6.25 18.73 26.31
C ILE C 265 -6.28 19.91 27.27
N GLU C 266 -5.31 19.98 28.17
CA GLU C 266 -5.27 21.04 29.17
C GLU C 266 -4.90 22.38 28.58
N GLY C 267 -4.36 22.41 27.35
CA GLY C 267 -4.01 23.65 26.71
C GLY C 267 -2.73 24.25 27.25
N ARG C 268 -2.21 25.22 26.51
CA ARG C 268 -1.00 25.93 26.92
C ARG C 268 -0.95 27.24 26.16
N GLY C 269 -0.32 28.25 26.76
CA GLY C 269 -0.36 29.57 26.17
C GLY C 269 -1.78 30.05 26.04
N LYS C 270 -2.09 30.65 24.89
CA LYS C 270 -3.43 31.13 24.59
C LYS C 270 -4.18 30.06 23.79
N SER C 271 -5.35 29.65 24.27
CA SER C 271 -6.22 28.74 23.55
C SER C 271 -7.27 29.56 22.81
N ILE C 272 -7.28 29.44 21.47
CA ILE C 272 -8.05 30.33 20.62
C ILE C 272 -9.02 29.50 19.77
N ILE C 273 -10.21 30.06 19.56
CA ILE C 273 -11.19 29.49 18.63
C ILE C 273 -11.74 30.60 17.75
N ALA C 274 -11.78 30.36 16.44
CA ALA C 274 -12.33 31.28 15.46
C ALA C 274 -13.39 30.57 14.63
N GLU C 275 -14.35 31.33 14.12
CA GLU C 275 -15.46 30.75 13.37
C GLU C 275 -16.05 31.79 12.42
N VAL C 276 -16.72 31.28 11.38
CA VAL C 276 -17.49 32.10 10.45
C VAL C 276 -18.70 31.31 9.99
N PHE C 277 -19.77 32.01 9.67
CA PHE C 277 -20.96 31.40 9.08
C PHE C 277 -21.14 31.92 7.66
N LEU C 278 -20.85 31.10 6.66
CA LEU C 278 -20.95 31.55 5.29
C LEU C 278 -22.23 31.00 4.66
N LYS C 279 -22.90 31.85 3.88
CA LYS C 279 -24.11 31.44 3.19
C LYS C 279 -23.77 30.76 1.89
N GLU C 280 -24.64 29.85 1.46
CA GLU C 280 -24.40 29.10 0.24
C GLU C 280 -24.11 30.03 -0.94
N GLU C 281 -24.76 31.19 -0.98
CA GLU C 281 -24.47 32.16 -2.04
C GLU C 281 -23.01 32.61 -1.97
N GLU C 282 -22.51 32.87 -0.76
CA GLU C 282 -21.13 33.31 -0.61
C GLU C 282 -20.14 32.21 -1.01
N ILE C 283 -20.47 30.95 -0.69
CA ILE C 283 -19.58 29.86 -1.04
C ILE C 283 -19.45 29.74 -2.55
N LYS C 284 -20.56 29.89 -3.28
CA LYS C 284 -20.52 29.79 -4.73
C LYS C 284 -19.92 31.03 -5.37
N LYS C 285 -20.12 32.20 -4.76
CA LYS C 285 -19.63 33.44 -5.36
C LYS C 285 -18.13 33.61 -5.18
N TYR C 286 -17.62 33.43 -3.96
CA TYR C 286 -16.24 33.73 -3.64
C TYR C 286 -15.34 32.50 -3.64
N LEU C 287 -15.79 31.41 -3.02
CA LEU C 287 -15.00 30.20 -2.94
C LEU C 287 -15.21 29.27 -4.12
N LYS C 288 -16.23 29.52 -4.95
CA LYS C 288 -16.41 28.80 -6.21
C LYS C 288 -16.61 27.30 -5.97
N THR C 289 -17.33 26.96 -4.91
CA THR C 289 -17.55 25.56 -4.55
C THR C 289 -18.93 25.45 -3.88
N THR C 290 -19.21 24.27 -3.32
CA THR C 290 -20.45 24.01 -2.62
C THR C 290 -20.14 23.67 -1.16
N SER C 291 -21.17 23.79 -0.31
CA SER C 291 -20.97 23.58 1.12
C SER C 291 -20.64 22.12 1.44
N LYS C 292 -21.22 21.17 0.70
CA LYS C 292 -20.97 19.76 0.98
C LYS C 292 -19.56 19.35 0.58
N ALA C 293 -18.97 20.04 -0.40
CA ALA C 293 -17.61 19.74 -0.81
C ALA C 293 -16.61 20.21 0.25
N ILE C 294 -16.91 21.33 0.90
CA ILE C 294 -16.07 21.77 2.02
C ILE C 294 -16.17 20.79 3.17
N GLU C 295 -17.38 20.36 3.52
CA GLU C 295 -17.54 19.38 4.59
C GLU C 295 -16.79 18.09 4.28
N GLN C 296 -16.90 17.61 3.04
CA GLN C 296 -16.30 16.34 2.68
C GLN C 296 -14.77 16.40 2.72
N VAL C 297 -14.20 17.45 2.14
CA VAL C 297 -12.74 17.62 2.17
C VAL C 297 -12.24 17.63 3.61
N ASN C 298 -12.88 18.44 4.47
CA ASN C 298 -12.41 18.55 5.85
C ASN C 298 -12.54 17.21 6.58
N MET C 299 -13.58 16.44 6.27
CA MET C 299 -13.79 15.17 6.96
C MET C 299 -12.78 14.13 6.53
N TYR C 300 -12.60 13.96 5.21
CA TYR C 300 -11.70 12.93 4.72
C TYR C 300 -10.24 13.27 5.01
N LYS C 301 -9.88 14.54 4.88
CA LYS C 301 -8.49 14.99 5.04
C LYS C 301 -8.18 15.33 6.51
N ASN C 302 -8.78 16.42 7.00
CA ASN C 302 -8.38 16.94 8.31
C ASN C 302 -8.77 16.01 9.46
N LEU C 303 -9.88 15.29 9.33
CA LEU C 303 -10.31 14.41 10.42
C LEU C 303 -9.85 12.98 10.22
N ILE C 304 -10.43 12.27 9.24
CA ILE C 304 -10.12 10.85 9.08
C ILE C 304 -8.66 10.65 8.68
N GLY C 305 -8.17 11.47 7.75
CA GLY C 305 -6.78 11.34 7.32
C GLY C 305 -5.81 11.46 8.46
N SER C 306 -5.97 12.52 9.27
CA SER C 306 -5.08 12.70 10.42
C SER C 306 -5.28 11.61 11.46
N ALA C 307 -6.49 11.06 11.55
CA ALA C 307 -6.75 10.03 12.56
C ALA C 307 -5.99 8.75 12.25
N ILE C 308 -6.12 8.23 11.03
CA ILE C 308 -5.51 6.95 10.72
C ILE C 308 -3.98 7.06 10.70
N SER C 309 -3.44 8.23 10.36
CA SER C 309 -2.00 8.45 10.45
C SER C 309 -1.57 8.83 11.86
N ASN C 310 -2.48 8.79 12.82
CA ASN C 310 -2.20 9.08 14.22
C ASN C 310 -1.52 10.44 14.38
N SER C 311 -2.13 11.46 13.80
CA SER C 311 -1.65 12.83 13.95
C SER C 311 -2.35 13.54 15.10
N MET C 312 -1.65 14.52 15.69
CA MET C 312 -2.23 15.42 16.67
C MET C 312 -2.70 16.72 16.03
N GLY C 313 -2.38 16.95 14.76
CA GLY C 313 -2.85 18.11 14.05
C GLY C 313 -3.93 17.72 13.07
N PHE C 314 -5.18 17.89 13.48
CA PHE C 314 -6.35 17.63 12.64
C PHE C 314 -6.70 18.83 11.80
N ASN C 315 -5.69 19.47 11.21
CA ASN C 315 -5.88 20.65 10.40
C ASN C 315 -5.10 20.51 9.10
N ALA C 316 -5.00 21.58 8.33
CA ALA C 316 -4.27 21.57 7.07
C ALA C 316 -3.13 22.55 7.02
N HIS C 317 -3.26 23.72 7.66
CA HIS C 317 -2.36 24.85 7.41
C HIS C 317 -1.87 25.56 8.65
N TYR C 318 -2.31 25.18 9.85
CA TYR C 318 -2.03 25.96 11.05
C TYR C 318 -0.57 26.39 11.13
N ALA C 319 0.36 25.43 11.07
CA ALA C 319 1.76 25.75 11.26
C ALA C 319 2.25 26.76 10.23
N ASN C 320 1.84 26.60 8.97
CA ASN C 320 2.28 27.52 7.93
C ASN C 320 1.89 28.95 8.25
N ILE C 321 0.64 29.16 8.67
CA ILE C 321 0.16 30.50 8.96
C ILE C 321 0.78 30.99 10.26
N ILE C 322 0.79 30.13 11.29
CA ILE C 322 1.46 30.47 12.55
C ILE C 322 2.89 30.90 12.28
N GLY C 323 3.61 30.12 11.46
CA GLY C 323 5.01 30.40 11.21
C GLY C 323 5.25 31.78 10.65
N ALA C 324 4.53 32.14 9.58
CA ALA C 324 4.71 33.46 8.97
C ALA C 324 4.38 34.57 9.96
N LEU C 325 3.30 34.41 10.72
CA LEU C 325 2.93 35.45 11.68
C LEU C 325 3.89 35.48 12.87
N PHE C 326 4.41 34.32 13.29
CA PHE C 326 5.34 34.30 14.41
C PHE C 326 6.66 34.98 14.07
N LEU C 327 7.18 34.75 12.86
CA LEU C 327 8.45 35.38 12.50
C LEU C 327 8.33 36.90 12.45
N ALA C 328 7.25 37.40 11.86
CA ALA C 328 7.11 38.84 11.67
C ALA C 328 7.00 39.58 12.99
N THR C 329 6.36 38.98 13.99
CA THR C 329 6.09 39.65 15.26
C THR C 329 7.08 39.27 16.35
N GLY C 330 8.12 38.51 16.04
CA GLY C 330 9.14 38.22 17.01
C GLY C 330 8.77 37.19 18.05
N GLN C 331 8.00 36.18 17.68
CA GLN C 331 7.72 35.08 18.57
C GLN C 331 8.86 34.06 18.50
N ASP C 332 8.80 33.07 19.38
CA ASP C 332 9.81 32.00 19.36
C ASP C 332 9.53 31.09 18.18
N GLU C 333 10.49 31.00 17.26
CA GLU C 333 10.30 30.15 16.08
C GLU C 333 9.94 28.72 16.49
N ALA C 334 10.57 28.23 17.56
CA ALA C 334 10.36 26.84 17.99
C ALA C 334 8.94 26.58 18.46
N HIS C 335 8.19 27.63 18.81
CA HIS C 335 6.81 27.45 19.27
C HIS C 335 5.85 27.17 18.13
N ILE C 336 6.30 27.22 16.87
CA ILE C 336 5.47 26.79 15.76
C ILE C 336 5.02 25.35 15.97
N VAL C 337 5.84 24.55 16.65
CA VAL C 337 5.45 23.18 16.99
C VAL C 337 4.10 23.17 17.67
N GLU C 338 3.95 23.99 18.71
CA GLU C 338 2.74 23.99 19.51
C GLU C 338 1.56 24.58 18.74
N GLY C 339 1.82 25.54 17.85
CA GLY C 339 0.76 26.14 17.05
C GLY C 339 0.17 25.21 16.02
N SER C 340 0.85 24.09 15.73
CA SER C 340 0.35 23.11 14.78
C SER C 340 -0.74 22.21 15.35
N LEU C 341 -0.93 22.18 16.67
CA LEU C 341 -2.01 21.38 17.23
C LEU C 341 -3.33 22.10 17.05
N GLY C 342 -4.39 21.33 16.90
CA GLY C 342 -5.72 21.87 16.76
C GLY C 342 -6.57 21.07 15.79
N ILE C 343 -7.87 21.30 15.85
CA ILE C 343 -8.85 20.60 15.03
C ILE C 343 -9.61 21.62 14.22
N THR C 344 -9.79 21.33 12.93
CA THR C 344 -10.61 22.17 12.06
C THR C 344 -11.97 21.50 11.87
N VAL C 345 -13.03 22.23 12.19
CA VAL C 345 -14.39 21.73 12.12
C VAL C 345 -15.12 22.49 11.01
N ALA C 346 -15.55 21.77 9.99
CA ALA C 346 -16.36 22.33 8.91
C ALA C 346 -17.62 21.48 8.80
N GLU C 347 -18.78 22.13 8.88
CA GLU C 347 -20.04 21.40 8.97
C GLU C 347 -21.07 22.02 8.04
N CYS C 348 -21.71 21.18 7.24
CA CYS C 348 -22.74 21.62 6.32
C CYS C 348 -24.01 21.96 7.10
N THR C 349 -24.39 23.23 7.09
CA THR C 349 -25.61 23.68 7.72
C THR C 349 -26.67 23.91 6.63
N GLU C 350 -27.92 24.08 7.04
CA GLU C 350 -28.98 24.34 6.06
C GLU C 350 -28.75 25.65 5.33
N ASP C 351 -28.26 26.67 6.04
CA ASP C 351 -28.01 27.96 5.39
C ASP C 351 -26.75 27.92 4.53
N GLY C 352 -25.73 27.19 4.97
CA GLY C 352 -24.50 27.08 4.20
C GLY C 352 -23.54 26.11 4.83
N VAL C 353 -22.49 26.66 5.46
CA VAL C 353 -21.48 25.85 6.14
C VAL C 353 -21.05 26.59 7.40
N TYR C 354 -20.61 25.83 8.39
CA TYR C 354 -19.98 26.35 9.59
C TYR C 354 -18.51 25.94 9.59
N PHE C 355 -17.62 26.92 9.66
CA PHE C 355 -16.17 26.71 9.56
C PHE C 355 -15.51 27.31 10.78
N SER C 356 -14.80 26.48 11.53
CA SER C 356 -14.13 26.94 12.76
C SER C 356 -12.77 26.27 12.87
N VAL C 357 -11.87 26.93 13.58
CA VAL C 357 -10.53 26.42 13.85
C VAL C 357 -10.30 26.48 15.35
N THR C 358 -9.66 25.46 15.89
CA THR C 358 -9.44 25.33 17.32
C THR C 358 -7.95 25.11 17.57
N LEU C 359 -7.28 26.09 18.17
CA LEU C 359 -5.85 26.02 18.45
C LEU C 359 -5.63 26.06 19.96
N PRO C 360 -5.64 24.89 20.63
CA PRO C 360 -5.55 24.90 22.10
C PRO C 360 -4.18 25.29 22.63
N ASP C 361 -3.19 25.50 21.77
CA ASP C 361 -1.81 25.69 22.20
C ASP C 361 -1.14 26.72 21.30
N VAL C 362 -1.12 27.98 21.75
CA VAL C 362 -0.52 29.07 20.99
C VAL C 362 0.21 30.01 21.95
N PRO C 363 1.50 29.81 22.21
CA PRO C 363 2.22 30.70 23.13
C PRO C 363 2.65 31.99 22.43
N VAL C 364 2.03 33.10 22.81
CA VAL C 364 2.35 34.41 22.24
C VAL C 364 2.52 35.42 23.36
N GLY C 365 3.18 36.52 23.01
CA GLY C 365 3.37 37.64 23.91
C GLY C 365 3.66 38.89 23.12
N THR C 366 3.38 40.03 23.73
CA THR C 366 3.62 41.32 23.08
C THR C 366 4.74 42.11 23.73
N VAL C 367 5.40 41.56 24.76
CA VAL C 367 6.52 42.21 25.41
C VAL C 367 7.59 41.17 25.72
N GLY C 368 8.85 41.58 25.62
CA GLY C 368 9.96 40.70 25.92
C GLY C 368 10.30 39.79 24.76
N GLY C 369 11.39 39.05 24.94
CA GLY C 369 11.80 38.09 23.93
C GLY C 369 12.17 38.76 22.62
N GLY C 370 11.62 38.24 21.52
CA GLY C 370 11.90 38.74 20.19
C GLY C 370 11.06 39.90 19.72
N THR C 371 10.08 40.35 20.52
CA THR C 371 9.31 41.52 20.14
C THR C 371 10.10 42.81 20.29
N ARG C 372 11.24 42.77 20.98
CA ARG C 372 12.09 43.94 21.13
C ARG C 372 12.86 44.26 19.86
N VAL C 373 13.05 43.28 18.97
CA VAL C 373 13.84 43.50 17.77
C VAL C 373 13.11 44.50 16.87
N GLU C 374 13.88 45.46 16.34
CA GLU C 374 13.29 46.61 15.66
C GLU C 374 12.25 46.19 14.62
N THR C 375 12.66 45.36 13.65
CA THR C 375 11.76 45.03 12.56
C THR C 375 10.49 44.34 13.06
N GLN C 376 10.63 43.44 14.02
CA GLN C 376 9.48 42.73 14.57
C GLN C 376 8.61 43.65 15.43
N LYS C 377 9.25 44.58 16.15
CA LYS C 377 8.50 45.58 16.91
C LYS C 377 7.58 46.40 16.01
N GLU C 378 8.01 46.67 14.78
CA GLU C 378 7.20 47.46 13.86
C GLU C 378 6.02 46.67 13.34
N CYS C 379 6.21 45.38 13.10
CA CYS C 379 5.12 44.54 12.62
C CYS C 379 4.00 44.49 13.65
N LEU C 380 4.35 44.42 14.94
CA LEU C 380 3.33 44.45 15.98
C LEU C 380 2.60 45.79 16.00
N GLU C 381 3.32 46.89 15.79
CA GLU C 381 2.71 48.20 15.79
C GLU C 381 1.76 48.38 14.61
N LEU C 382 2.06 47.73 13.47
CA LEU C 382 1.14 47.75 12.34
C LEU C 382 -0.17 47.03 12.65
N LEU C 383 -0.19 46.23 13.71
CA LEU C 383 -1.42 45.63 14.23
C LEU C 383 -2.01 46.40 15.38
N GLY C 384 -1.28 47.34 15.96
CA GLY C 384 -1.70 47.98 17.19
C GLY C 384 -1.54 47.08 18.39
N CYS C 385 -0.51 46.21 18.38
CA CYS C 385 -0.39 45.14 19.35
C CYS C 385 0.94 45.14 20.11
N HIS C 386 1.75 46.17 19.96
CA HIS C 386 3.01 46.23 20.70
C HIS C 386 2.78 46.92 22.04
N GLY C 387 3.16 46.24 23.11
CA GLY C 387 3.11 46.80 24.45
C GLY C 387 2.11 46.09 25.34
N GLY C 388 1.77 46.75 26.44
CA GLY C 388 0.89 46.17 27.43
C GLY C 388 -0.57 46.19 27.01
N ASP C 389 -1.34 45.33 27.68
CA ASP C 389 -2.78 45.20 27.47
C ASP C 389 -3.10 44.97 25.99
N LYS C 390 -2.26 44.18 25.31
CA LYS C 390 -2.48 43.89 23.91
C LYS C 390 -2.22 42.43 23.52
N ALA C 391 -1.82 41.58 24.44
CA ALA C 391 -1.59 40.17 24.10
C ALA C 391 -2.88 39.48 23.70
N LEU C 392 -3.96 39.72 24.43
CA LEU C 392 -5.24 39.12 24.07
C LEU C 392 -5.70 39.60 22.71
N LYS C 393 -5.45 40.88 22.39
CA LYS C 393 -5.77 41.40 21.07
C LYS C 393 -4.97 40.67 19.98
N PHE C 394 -3.69 40.43 20.22
CA PHE C 394 -2.86 39.73 19.25
C PHE C 394 -3.33 38.29 19.07
N ALA C 395 -3.66 37.60 20.17
CA ALA C 395 -4.11 36.21 20.08
C ALA C 395 -5.39 36.09 19.27
N GLU C 396 -6.26 37.10 19.31
CA GLU C 396 -7.47 37.05 18.51
C GLU C 396 -7.16 37.28 17.04
N ILE C 397 -6.13 38.08 16.75
CA ILE C 397 -5.68 38.25 15.37
C ILE C 397 -5.04 36.96 14.86
N VAL C 398 -4.23 36.32 15.70
CA VAL C 398 -3.63 35.03 15.35
C VAL C 398 -4.71 34.04 14.96
N GLY C 399 -5.74 33.90 15.81
CA GLY C 399 -6.79 32.93 15.55
C GLY C 399 -7.55 33.22 14.27
N ALA C 400 -7.84 34.50 14.01
CA ALA C 400 -8.60 34.86 12.81
C ALA C 400 -7.79 34.62 11.54
N THR C 401 -6.49 34.99 11.55
CA THR C 401 -5.68 34.79 10.35
C THR C 401 -5.58 33.32 9.99
N VAL C 402 -5.48 32.44 10.99
CA VAL C 402 -5.44 31.01 10.72
C VAL C 402 -6.75 30.58 10.06
N LEU C 403 -7.88 31.05 10.58
CA LEU C 403 -9.16 30.71 9.96
C LEU C 403 -9.20 31.16 8.50
N ALA C 404 -8.67 32.36 8.22
CA ALA C 404 -8.65 32.87 6.86
C ALA C 404 -7.83 31.95 5.94
N GLY C 405 -6.60 31.63 6.35
CA GLY C 405 -5.77 30.76 5.52
C GLY C 405 -6.32 29.36 5.41
N GLU C 406 -6.82 28.81 6.52
CA GLU C 406 -7.40 27.48 6.49
C GLU C 406 -8.60 27.42 5.57
N LEU C 407 -9.45 28.44 5.60
CA LEU C 407 -10.62 28.48 4.71
C LEU C 407 -10.18 28.53 3.25
N SER C 408 -9.22 29.38 2.94
CA SER C 408 -8.72 29.49 1.57
C SER C 408 -8.28 28.14 1.03
N LEU C 409 -7.53 27.37 1.84
CA LEU C 409 -6.97 26.11 1.37
C LEU C 409 -8.04 25.04 1.20
N ILE C 410 -8.83 24.78 2.25
CA ILE C 410 -9.89 23.78 2.14
C ILE C 410 -10.85 24.14 1.02
N GLY C 411 -11.13 25.43 0.85
CA GLY C 411 -12.01 25.85 -0.24
C GLY C 411 -11.41 25.58 -1.60
N ALA C 412 -10.12 25.82 -1.76
CA ALA C 412 -9.46 25.53 -3.04
C ALA C 412 -9.42 24.03 -3.30
N LEU C 413 -9.15 23.23 -2.27
CA LEU C 413 -9.13 21.78 -2.44
C LEU C 413 -10.53 21.26 -2.78
N SER C 414 -11.57 21.85 -2.20
CA SER C 414 -12.92 21.39 -2.47
C SER C 414 -13.32 21.71 -3.92
N VAL C 415 -12.73 22.75 -4.51
CA VAL C 415 -12.97 23.05 -5.92
C VAL C 415 -12.46 21.90 -6.79
N GLY C 416 -11.22 21.45 -6.55
CA GLY C 416 -10.70 20.31 -7.25
C GLY C 416 -11.46 19.03 -6.93
N HIS C 417 -11.93 18.91 -5.68
CA HIS C 417 -12.75 17.76 -5.32
C HIS C 417 -14.02 17.72 -6.16
N LEU C 418 -14.60 18.89 -6.45
CA LEU C 418 -15.79 18.95 -7.30
C LEU C 418 -15.46 18.63 -8.76
N ALA C 419 -14.39 19.22 -9.27
CA ALA C 419 -14.05 19.06 -10.70
C ALA C 419 -13.82 17.59 -11.04
N ARG C 420 -12.92 16.92 -10.32
CA ARG C 420 -12.60 15.53 -10.61
C ARG C 420 -13.79 14.60 -10.40
N ALA C 421 -14.74 14.98 -9.55
CA ALA C 421 -15.92 14.15 -9.32
C ALA C 421 -16.86 14.14 -10.52
N HIS C 422 -16.71 15.08 -11.45
CA HIS C 422 -17.60 15.17 -12.61
C HIS C 422 -16.84 14.89 -13.91
N ASN D 27 1.46 58.82 -6.66
CA ASN D 27 0.51 59.56 -5.83
C ASN D 27 -0.93 59.23 -6.21
N GLU D 28 -1.31 59.51 -7.46
CA GLU D 28 -2.60 59.07 -7.96
C GLU D 28 -2.81 57.59 -7.70
N ILE D 29 -1.72 56.82 -7.70
CA ILE D 29 -1.81 55.39 -7.42
C ILE D 29 -2.22 55.13 -5.98
N LEU D 30 -1.62 55.86 -5.04
CA LEU D 30 -1.89 55.62 -3.63
C LEU D 30 -3.35 55.84 -3.28
N GLU D 31 -4.00 56.81 -3.93
CA GLU D 31 -5.39 57.13 -3.60
C GLU D 31 -6.35 56.05 -4.07
N LYS D 32 -6.06 55.38 -5.18
CA LYS D 32 -6.94 54.32 -5.66
C LYS D 32 -6.95 53.12 -4.74
N LEU D 33 -5.83 52.83 -4.07
CA LEU D 33 -5.81 51.74 -3.11
C LEU D 33 -6.65 52.07 -1.89
N LEU D 34 -6.62 53.33 -1.44
CA LEU D 34 -7.40 53.70 -0.25
C LEU D 34 -8.89 53.60 -0.52
N LYS D 35 -9.33 54.03 -1.71
CA LYS D 35 -10.72 53.85 -2.09
C LYS D 35 -11.05 52.41 -2.44
N LYS D 36 -10.06 51.51 -2.38
CA LYS D 36 -10.25 50.11 -2.75
C LYS D 36 -10.73 49.98 -4.19
N GLU D 37 -10.23 50.88 -5.05
CA GLU D 37 -10.46 50.75 -6.49
C GLU D 37 -9.63 49.63 -7.07
N ILE D 38 -8.35 49.56 -6.69
CA ILE D 38 -7.44 48.50 -7.12
C ILE D 38 -6.86 47.83 -5.88
N LYS D 39 -6.51 46.56 -6.03
CA LYS D 39 -5.94 45.80 -4.92
C LYS D 39 -4.42 45.88 -4.95
N PRO D 40 -3.74 45.67 -3.82
CA PRO D 40 -2.27 45.75 -3.81
C PRO D 40 -1.58 44.65 -4.61
N TYR D 41 -2.28 43.60 -5.03
CA TYR D 41 -1.60 42.49 -5.68
C TYR D 41 -1.28 42.79 -7.15
N GLN D 42 -2.13 43.56 -7.82
CA GLN D 42 -1.89 43.98 -9.19
C GLN D 42 -0.94 45.15 -9.30
N LEU D 43 -0.37 45.62 -8.18
CA LEU D 43 0.52 46.78 -8.24
C LEU D 43 1.80 46.45 -9.00
N ASP D 44 2.25 45.20 -8.95
CA ASP D 44 3.49 44.84 -9.63
C ASP D 44 3.34 44.98 -11.14
N ASP D 45 2.13 44.75 -11.66
CA ASP D 45 1.90 44.85 -13.09
C ASP D 45 1.80 46.32 -13.53
N LEU D 46 1.11 47.14 -12.73
CA LEU D 46 0.99 48.56 -13.05
C LEU D 46 2.33 49.27 -12.91
N VAL D 47 2.87 49.30 -11.70
CA VAL D 47 4.14 49.96 -11.42
C VAL D 47 5.21 48.89 -11.22
N GLY D 48 6.46 49.29 -11.40
CA GLY D 48 7.59 48.40 -11.18
C GLY D 48 7.51 47.69 -9.84
N GLU D 49 8.04 46.47 -9.79
CA GLU D 49 7.93 45.67 -8.57
C GLU D 49 8.56 46.38 -7.38
N LYS D 50 9.72 47.01 -7.58
CA LYS D 50 10.40 47.70 -6.48
C LYS D 50 9.57 48.88 -5.99
N GLU D 51 8.94 49.61 -6.90
CA GLU D 51 8.08 50.72 -6.51
C GLU D 51 6.74 50.24 -5.97
N ALA D 52 6.26 49.09 -6.44
CA ALA D 52 5.05 48.51 -5.88
C ALA D 52 5.22 48.17 -4.41
N ILE D 53 6.45 47.84 -3.99
CA ILE D 53 6.71 47.54 -2.58
C ILE D 53 6.71 48.81 -1.75
N GLU D 54 7.35 49.87 -2.24
CA GLU D 54 7.34 51.14 -1.52
C GLU D 54 5.94 51.71 -1.38
N LEU D 55 5.07 51.41 -2.35
CA LEU D 55 3.71 51.90 -2.31
C LEU D 55 2.84 51.07 -1.37
N ARG D 56 3.10 49.75 -1.29
CA ARG D 56 2.36 48.91 -0.36
C ARG D 56 2.79 49.14 1.08
N ARG D 57 4.05 49.54 1.30
CA ARG D 57 4.50 49.86 2.64
C ARG D 57 3.84 51.13 3.18
N LYS D 58 3.64 52.13 2.31
CA LYS D 58 2.96 53.35 2.71
C LYS D 58 1.45 53.19 2.79
N TYR D 59 0.89 52.21 2.07
CA TYR D 59 -0.54 51.97 2.14
C TYR D 59 -0.95 51.43 3.52
N ILE D 60 -0.12 50.60 4.14
CA ILE D 60 -0.44 50.11 5.48
C ILE D 60 0.00 51.11 6.54
N GLU D 61 1.08 51.84 6.31
CA GLU D 61 1.52 52.86 7.25
C GLU D 61 0.42 53.89 7.51
N LYS D 62 -0.44 54.15 6.53
CA LYS D 62 -1.52 55.11 6.69
C LYS D 62 -2.80 54.49 7.21
N ILE D 63 -3.07 53.22 6.90
CA ILE D 63 -4.22 52.54 7.49
C ILE D 63 -4.02 52.39 8.99
N SER D 64 -2.85 51.89 9.39
CA SER D 64 -2.53 51.73 10.81
C SER D 64 -2.10 53.04 11.46
N GLN D 65 -1.69 54.02 10.66
CA GLN D 65 -1.27 55.33 11.16
C GLN D 65 -0.03 55.22 12.05
N VAL D 66 1.00 54.55 11.52
CA VAL D 66 2.31 54.47 12.17
C VAL D 66 3.38 54.46 11.09
N GLU D 67 4.54 55.03 11.41
CA GLU D 67 5.63 55.16 10.46
C GLU D 67 6.69 54.10 10.76
N THR D 68 7.15 53.42 9.72
CA THR D 68 8.13 52.36 9.84
C THR D 68 9.48 52.85 9.33
N LYS D 69 10.55 52.31 9.92
CA LYS D 69 11.91 52.69 9.56
C LYS D 69 12.76 51.51 9.13
N HIS D 70 12.64 50.38 9.83
CA HIS D 70 13.53 49.23 9.63
C HIS D 70 13.04 48.28 8.55
N ILE D 71 11.75 47.95 8.53
CA ILE D 71 11.24 46.99 7.55
C ILE D 71 11.53 47.42 6.11
N GLY D 72 11.74 48.72 5.89
CA GLY D 72 12.04 49.19 4.54
C GLY D 72 13.37 48.69 4.01
N HIS D 73 14.40 48.64 4.86
CA HIS D 73 15.74 48.31 4.41
C HIS D 73 15.87 46.82 4.13
N TYR D 74 16.27 46.48 2.91
CA TYR D 74 16.59 45.11 2.57
C TYR D 74 17.55 45.11 1.39
N THR D 75 18.51 44.19 1.41
CA THR D 75 19.44 43.99 0.30
C THR D 75 19.02 42.85 -0.61
N ILE D 76 18.00 42.08 -0.25
CA ILE D 76 17.58 40.95 -1.05
C ILE D 76 16.91 41.44 -2.34
N ASP D 77 17.03 40.62 -3.38
CA ASP D 77 16.42 40.96 -4.66
C ASP D 77 14.90 40.86 -4.57
N GLU D 78 14.22 41.99 -4.76
CA GLU D 78 12.77 42.02 -4.63
C GLU D 78 12.06 41.37 -5.81
N LYS D 79 12.73 41.24 -6.97
CA LYS D 79 12.08 40.66 -8.14
C LYS D 79 11.93 39.15 -8.00
N GLU D 80 13.05 38.45 -7.76
CA GLU D 80 12.96 37.01 -7.59
C GLU D 80 12.22 36.64 -6.30
N ALA D 81 12.24 37.53 -5.31
CA ALA D 81 11.51 37.26 -4.08
C ALA D 81 10.00 37.27 -4.33
N MET D 82 9.51 38.28 -5.05
CA MET D 82 8.10 38.34 -5.39
C MET D 82 7.69 37.17 -6.29
N LYS D 83 8.64 36.57 -7.00
CA LYS D 83 8.34 35.51 -7.95
C LYS D 83 8.27 34.13 -7.31
N LYS D 84 9.07 33.86 -6.27
CA LYS D 84 9.24 32.50 -5.77
C LYS D 84 9.11 32.34 -4.25
N ASN D 85 9.01 33.43 -3.48
CA ASN D 85 9.10 33.30 -2.02
C ASN D 85 8.04 34.08 -1.25
N ILE D 86 7.50 35.15 -1.82
CA ILE D 86 6.63 36.04 -1.07
C ILE D 86 5.59 36.65 -2.01
N GLU D 87 4.53 37.17 -1.42
CA GLU D 87 3.52 37.96 -2.13
C GLU D 87 3.17 39.16 -1.26
N ASN D 88 2.76 40.25 -1.93
CA ASN D 88 2.41 41.50 -1.25
C ASN D 88 3.53 41.98 -0.33
N MET D 89 4.74 41.97 -0.86
CA MET D 89 5.92 42.34 -0.09
C MET D 89 5.87 43.81 0.33
N ILE D 90 6.27 44.08 1.57
CA ILE D 90 6.37 45.42 2.10
C ILE D 90 7.77 45.76 2.59
N GLY D 91 8.69 44.81 2.53
CA GLY D 91 10.02 45.00 3.05
C GLY D 91 10.62 43.66 3.47
N ALA D 92 11.33 43.68 4.59
CA ALA D 92 11.97 42.48 5.09
C ALA D 92 12.10 42.57 6.59
N VAL D 93 12.01 41.41 7.24
CA VAL D 93 12.24 41.27 8.68
C VAL D 93 13.66 40.76 8.88
N GLN D 94 14.34 41.31 9.87
CA GLN D 94 15.74 40.99 10.12
C GLN D 94 15.82 40.14 11.39
N ILE D 95 16.32 38.92 11.24
CA ILE D 95 16.52 37.99 12.36
C ILE D 95 18.00 38.05 12.74
N PRO D 96 18.35 38.24 14.01
CA PRO D 96 19.77 38.26 14.39
C PRO D 96 20.43 36.93 14.06
N LEU D 97 21.62 37.02 13.46
CA LEU D 97 22.38 35.84 13.04
C LEU D 97 23.63 35.70 13.88
N GLY D 98 23.80 34.53 14.49
CA GLY D 98 25.01 34.19 15.20
C GLY D 98 25.60 32.92 14.64
N PHE D 99 26.58 32.32 15.32
CA PHE D 99 27.14 31.06 14.87
C PHE D 99 27.65 30.27 16.06
N ALA D 100 27.71 28.95 15.89
CA ALA D 100 28.23 28.04 16.89
C ALA D 100 29.30 27.18 16.25
N GLY D 101 30.42 27.03 16.94
CA GLY D 101 31.54 26.25 16.45
C GLY D 101 32.77 26.41 17.32
N PRO D 102 33.84 25.65 17.02
CA PRO D 102 33.91 24.71 15.91
C PRO D 102 33.20 23.40 16.25
N LEU D 103 32.70 22.71 15.23
CA LEU D 103 31.96 21.47 15.41
C LEU D 103 32.62 20.41 14.52
N LYS D 104 33.39 19.52 15.15
CA LYS D 104 34.00 18.42 14.40
C LYS D 104 32.92 17.38 14.13
N ILE D 105 32.69 17.09 12.84
CA ILE D 105 31.65 16.17 12.41
C ILE D 105 32.34 14.98 11.76
N ASN D 106 32.00 13.78 12.22
CA ASN D 106 32.53 12.53 11.67
C ASN D 106 31.41 11.83 10.92
N GLY D 107 31.06 12.38 9.77
CA GLY D 107 29.98 11.86 8.96
C GLY D 107 30.49 11.11 7.74
N LYS D 108 29.53 10.74 6.89
CA LYS D 108 29.82 10.08 5.64
C LYS D 108 29.89 11.06 4.47
N TYR D 109 29.27 12.23 4.62
CA TYR D 109 29.29 13.29 3.62
C TYR D 109 29.82 14.62 4.14
N ALA D 110 29.92 14.80 5.45
CA ALA D 110 30.45 16.02 6.05
C ALA D 110 31.57 15.63 6.99
N ASN D 111 32.76 16.18 6.74
CA ASN D 111 33.93 15.86 7.56
C ASN D 111 34.72 17.13 7.83
N GLY D 112 35.30 17.21 9.03
CA GLY D 112 36.10 18.33 9.44
C GLY D 112 35.37 19.21 10.43
N GLU D 113 36.04 20.29 10.82
CA GLU D 113 35.46 21.24 11.76
C GLU D 113 34.58 22.23 11.00
N PHE D 114 33.39 22.48 11.53
CA PHE D 114 32.42 23.36 10.90
C PHE D 114 32.00 24.47 11.85
N TYR D 115 31.56 25.58 11.27
CA TYR D 115 30.97 26.68 12.02
C TYR D 115 29.54 26.84 11.53
N VAL D 116 28.59 26.50 12.40
CA VAL D 116 27.18 26.41 12.02
C VAL D 116 26.55 27.79 12.23
N PRO D 117 25.96 28.41 11.20
CA PRO D 117 25.27 29.68 11.41
C PRO D 117 23.86 29.45 11.96
N LEU D 118 23.52 30.19 13.01
CA LEU D 118 22.23 30.06 13.68
C LEU D 118 21.59 31.43 13.81
N ALA D 119 20.33 31.54 13.41
CA ALA D 119 19.58 32.79 13.46
C ALA D 119 18.39 32.60 14.39
N THR D 120 18.36 33.36 15.49
CA THR D 120 17.29 33.23 16.46
C THR D 120 17.10 34.56 17.17
N THR D 121 15.93 34.72 17.78
CA THR D 121 15.63 35.86 18.65
C THR D 121 15.67 35.49 20.12
N GLU D 122 16.02 34.24 20.44
CA GLU D 122 16.04 33.76 21.82
C GLU D 122 17.45 33.83 22.37
N GLY D 123 17.61 34.48 23.52
CA GLY D 123 18.91 34.54 24.14
C GLY D 123 19.32 33.20 24.73
N ALA D 124 20.63 33.04 24.92
CA ALA D 124 21.22 31.84 25.52
C ALA D 124 21.15 30.62 24.62
N LEU D 125 20.38 30.69 23.52
CA LEU D 125 20.23 29.53 22.65
C LEU D 125 21.51 29.26 21.86
N VAL D 126 22.03 30.28 21.18
CA VAL D 126 23.28 30.11 20.44
C VAL D 126 24.42 29.79 21.39
N ALA D 127 24.39 30.38 22.59
CA ALA D 127 25.39 30.07 23.60
C ALA D 127 25.32 28.60 24.01
N SER D 128 24.09 28.07 24.15
CA SER D 128 23.95 26.66 24.51
C SER D 128 24.61 25.77 23.49
N VAL D 129 24.28 25.97 22.20
CA VAL D 129 24.83 25.12 21.15
C VAL D 129 26.33 25.31 21.05
N ASN D 130 26.81 26.54 21.19
CA ASN D 130 28.24 26.82 21.03
C ASN D 130 29.04 26.12 22.13
N ARG D 131 28.51 26.07 23.35
CA ARG D 131 29.17 25.34 24.43
C ARG D 131 29.23 23.85 24.10
N GLY D 132 28.11 23.29 23.62
CA GLY D 132 28.10 21.88 23.26
C GLY D 132 29.04 21.57 22.11
N CYS D 133 29.19 22.50 21.17
CA CYS D 133 30.12 22.29 20.06
C CYS D 133 31.55 22.16 20.56
N SER D 134 31.96 23.02 21.50
CA SER D 134 33.33 23.00 21.98
C SER D 134 33.62 21.70 22.74
N ILE D 135 32.70 21.30 23.62
CA ILE D 135 32.84 20.05 24.37
C ILE D 135 32.99 18.87 23.41
N VAL D 136 32.10 18.79 22.42
CA VAL D 136 32.09 17.66 21.51
C VAL D 136 33.37 17.59 20.70
N THR D 137 33.90 18.75 20.28
CA THR D 137 35.06 18.75 19.40
C THR D 137 36.32 18.31 20.15
N LYS D 138 36.44 18.68 21.41
CA LYS D 138 37.59 18.25 22.20
C LYS D 138 37.48 16.78 22.63
N CYS D 139 36.38 16.10 22.28
CA CYS D 139 36.21 14.69 22.63
C CYS D 139 36.11 13.80 21.40
N GLY D 140 36.53 14.28 20.23
CA GLY D 140 36.58 13.47 19.03
C GLY D 140 35.51 13.76 17.99
N GLY D 141 34.47 14.52 18.34
CA GLY D 141 33.44 14.86 17.36
C GLY D 141 32.23 13.95 17.39
N VAL D 142 31.24 14.30 16.57
CA VAL D 142 29.95 13.60 16.51
C VAL D 142 29.97 12.60 15.36
N THR D 143 29.49 11.40 15.62
CA THR D 143 29.26 10.39 14.59
C THR D 143 27.79 10.46 14.19
N VAL D 144 27.53 10.88 12.95
CA VAL D 144 26.17 11.09 12.47
C VAL D 144 25.99 10.37 11.14
N ARG D 145 24.85 9.70 10.99
CA ARG D 145 24.51 8.99 9.76
C ARG D 145 23.08 9.28 9.37
N VAL D 146 22.85 9.34 8.06
CA VAL D 146 21.51 9.53 7.50
C VAL D 146 20.90 8.14 7.30
N ILE D 147 19.89 7.83 8.09
CA ILE D 147 19.30 6.49 8.08
C ILE D 147 18.39 6.30 6.87
N ASP D 148 17.77 7.37 6.38
CA ASP D 148 16.79 7.25 5.32
C ASP D 148 16.59 8.62 4.70
N ASP D 149 16.17 8.63 3.44
CA ASP D 149 15.92 9.88 2.72
C ASP D 149 14.74 9.65 1.77
N LYS D 150 13.62 10.32 2.05
CA LYS D 150 12.43 10.19 1.21
C LYS D 150 11.48 11.33 1.53
N MET D 151 10.74 11.75 0.51
CA MET D 151 9.69 12.76 0.63
C MET D 151 8.39 12.14 0.17
N THR D 152 7.33 12.31 0.95
CA THR D 152 6.10 11.58 0.72
C THR D 152 4.95 12.54 0.42
N ARG D 153 3.95 11.99 -0.26
CA ARG D 153 2.70 12.68 -0.50
C ARG D 153 1.62 11.61 -0.56
N ALA D 154 0.66 11.67 0.36
CA ALA D 154 -0.37 10.65 0.47
C ALA D 154 -1.71 11.29 0.10
N PRO D 155 -2.21 11.11 -1.12
CA PRO D 155 -3.51 11.67 -1.47
C PRO D 155 -4.63 10.86 -0.85
N VAL D 156 -5.79 11.48 -0.80
CA VAL D 156 -7.03 10.81 -0.41
C VAL D 156 -7.82 10.58 -1.70
N ILE D 157 -8.17 9.33 -1.96
CA ILE D 157 -8.93 8.92 -3.13
C ILE D 157 -10.24 8.30 -2.64
N LYS D 158 -11.36 8.76 -3.21
CA LYS D 158 -12.67 8.27 -2.85
C LYS D 158 -13.05 7.14 -3.78
N THR D 159 -13.50 6.03 -3.21
CA THR D 159 -14.02 4.91 -3.98
C THR D 159 -15.47 4.66 -3.59
N GLU D 160 -16.15 3.85 -4.40
CA GLU D 160 -17.57 3.61 -4.16
C GLU D 160 -17.81 2.70 -2.97
N SER D 161 -16.93 1.74 -2.71
CA SER D 161 -17.13 0.77 -1.66
C SER D 161 -15.77 0.24 -1.24
N VAL D 162 -15.77 -0.50 -0.11
CA VAL D 162 -14.54 -1.13 0.37
C VAL D 162 -14.04 -2.14 -0.66
N ILE D 163 -14.96 -2.74 -1.41
CA ILE D 163 -14.57 -3.70 -2.43
C ILE D 163 -13.69 -3.02 -3.48
N ASP D 164 -14.11 -1.82 -3.91
CA ASP D 164 -13.29 -1.06 -4.84
C ASP D 164 -11.99 -0.61 -4.20
N ALA D 165 -12.02 -0.31 -2.90
CA ALA D 165 -10.80 0.10 -2.21
C ALA D 165 -9.79 -1.05 -2.20
N VAL D 166 -10.25 -2.26 -1.90
CA VAL D 166 -9.36 -3.42 -1.95
C VAL D 166 -8.84 -3.61 -3.37
N LYS D 167 -9.72 -3.45 -4.37
CA LYS D 167 -9.30 -3.57 -5.76
C LYS D 167 -8.27 -2.50 -6.13
N LEU D 168 -8.47 -1.27 -5.66
CA LEU D 168 -7.52 -0.20 -5.94
C LEU D 168 -6.16 -0.49 -5.31
N LYS D 169 -6.15 -0.98 -4.08
CA LYS D 169 -4.90 -1.32 -3.40
C LYS D 169 -4.14 -2.41 -4.17
N GLU D 170 -4.86 -3.46 -4.59
CA GLU D 170 -4.20 -4.53 -5.33
C GLU D 170 -3.65 -4.02 -6.66
N TRP D 171 -4.44 -3.21 -7.36
CA TRP D 171 -4.02 -2.70 -8.67
C TRP D 171 -2.77 -1.86 -8.55
N ILE D 172 -2.70 -0.99 -7.54
CA ILE D 172 -1.53 -0.14 -7.36
C ILE D 172 -0.29 -0.98 -7.11
N LYS D 173 -0.42 -2.06 -6.33
CA LYS D 173 0.76 -2.85 -5.99
C LYS D 173 1.35 -3.56 -7.20
N GLU D 174 0.50 -4.15 -8.05
CA GLU D 174 1.01 -4.89 -9.20
C GLU D 174 1.53 -3.96 -10.29
N ASN D 175 0.85 -2.84 -10.53
CA ASN D 175 1.21 -1.90 -11.58
C ASN D 175 2.13 -0.79 -11.09
N PHE D 176 3.00 -1.06 -10.12
CA PHE D 176 3.89 -0.03 -9.60
C PHE D 176 4.79 0.52 -10.71
N GLN D 177 5.41 -0.36 -11.50
CA GLN D 177 6.36 0.07 -12.52
C GLN D 177 5.75 1.07 -13.49
N ARG D 178 4.49 0.83 -13.88
CA ARG D 178 3.80 1.77 -14.76
C ARG D 178 3.61 3.12 -14.07
N ILE D 179 3.14 3.10 -12.83
CA ILE D 179 2.94 4.34 -12.08
C ILE D 179 4.26 5.07 -11.94
N LYS D 180 5.34 4.33 -11.66
CA LYS D 180 6.67 4.93 -11.54
C LYS D 180 7.03 5.71 -12.80
N GLU D 181 6.84 5.09 -13.96
CA GLU D 181 7.15 5.77 -15.21
C GLU D 181 6.33 7.05 -15.36
N VAL D 182 5.04 6.99 -15.02
CA VAL D 182 4.18 8.17 -15.14
C VAL D 182 4.67 9.26 -14.18
N ALA D 183 4.93 8.89 -12.93
CA ALA D 183 5.35 9.88 -11.94
C ALA D 183 6.70 10.49 -12.32
N GLU D 184 7.66 9.66 -12.74
CA GLU D 184 9.00 10.15 -13.05
C GLU D 184 9.06 10.96 -14.34
N SER D 185 8.01 10.99 -15.14
CA SER D 185 8.04 11.79 -16.36
C SER D 185 7.93 13.28 -16.08
N THR D 186 7.45 13.65 -14.89
CA THR D 186 7.25 15.04 -14.52
C THR D 186 8.51 15.73 -14.00
N THR D 187 9.56 14.97 -13.68
CA THR D 187 10.72 15.54 -13.01
C THR D 187 11.99 14.82 -13.46
N ARG D 188 13.06 15.59 -13.62
CA ARG D 188 14.36 15.06 -14.01
C ARG D 188 15.17 14.53 -12.83
N HIS D 189 14.79 14.89 -11.61
CA HIS D 189 15.53 14.52 -10.41
C HIS D 189 14.78 13.60 -9.48
N GLY D 190 13.45 13.70 -9.44
CA GLY D 190 12.67 12.84 -8.56
C GLY D 190 12.57 11.42 -9.09
N LYS D 191 12.41 10.47 -8.16
CA LYS D 191 12.24 9.07 -8.49
C LYS D 191 11.28 8.45 -7.48
N LEU D 192 10.31 7.69 -7.98
CA LEU D 192 9.35 7.00 -7.11
C LEU D 192 9.91 5.62 -6.78
N ILE D 193 10.11 5.35 -5.49
CA ILE D 193 10.73 4.10 -5.04
C ILE D 193 9.76 3.16 -4.35
N ASP D 194 8.61 3.63 -3.86
CA ASP D 194 7.62 2.72 -3.29
C ASP D 194 6.33 3.48 -3.05
N ILE D 195 5.26 2.71 -2.88
CA ILE D 195 3.99 3.25 -2.40
C ILE D 195 3.53 2.36 -1.26
N ASN D 196 4.04 2.65 -0.06
CA ASN D 196 3.74 1.85 1.13
C ASN D 196 3.86 2.76 2.35
N PRO D 197 2.92 2.66 3.31
CA PRO D 197 1.74 1.79 3.27
C PRO D 197 0.63 2.39 2.43
N ILE D 198 -0.41 1.61 2.17
CA ILE D 198 -1.61 2.08 1.48
C ILE D 198 -2.77 1.88 2.45
N LEU D 199 -3.19 2.95 3.10
CA LEU D 199 -4.20 2.88 4.15
C LEU D 199 -5.59 2.94 3.54
N ILE D 200 -6.51 2.23 4.17
CA ILE D 200 -7.91 2.22 3.75
C ILE D 200 -8.76 2.46 4.99
N VAL D 201 -9.66 3.43 4.92
CA VAL D 201 -10.63 3.70 5.97
C VAL D 201 -11.99 3.63 5.30
N GLY D 202 -12.71 2.53 5.51
CA GLY D 202 -14.00 2.35 4.87
C GLY D 202 -13.81 2.22 3.38
N ARG D 203 -14.12 3.29 2.65
CA ARG D 203 -13.97 3.33 1.20
C ARG D 203 -13.02 4.42 0.75
N TYR D 204 -12.22 4.98 1.65
CA TYR D 204 -11.27 6.03 1.31
C TYR D 204 -9.86 5.47 1.45
N VAL D 205 -9.03 5.72 0.45
CA VAL D 205 -7.69 5.14 0.36
C VAL D 205 -6.64 6.25 0.46
N TYR D 206 -5.58 5.97 1.22
CA TYR D 206 -4.49 6.91 1.47
C TYR D 206 -3.19 6.23 1.06
N PRO D 207 -2.81 6.29 -0.23
CA PRO D 207 -1.56 5.65 -0.66
C PRO D 207 -0.36 6.57 -0.47
N ARG D 208 0.66 6.10 0.25
CA ARG D 208 1.80 6.94 0.57
C ARG D 208 2.84 6.81 -0.54
N PHE D 209 2.89 7.82 -1.43
CA PHE D 209 3.93 7.87 -2.45
C PHE D 209 5.27 8.21 -1.82
N VAL D 210 6.27 7.38 -2.06
CA VAL D 210 7.62 7.59 -1.52
C VAL D 210 8.52 7.98 -2.68
N TYR D 211 9.16 9.14 -2.57
CA TYR D 211 10.00 9.67 -3.63
C TYR D 211 11.40 9.93 -3.10
N LYS D 212 12.38 9.84 -4.00
CA LYS D 212 13.71 10.39 -3.80
C LYS D 212 13.75 11.74 -4.50
N THR D 213 14.13 12.80 -3.77
CA THR D 213 14.08 14.15 -4.31
C THR D 213 15.46 14.72 -4.61
N GLY D 214 16.51 13.94 -4.47
CA GLY D 214 17.84 14.48 -4.72
C GLY D 214 18.21 15.48 -3.64
N ASP D 215 18.64 16.67 -4.08
CA ASP D 215 19.10 17.69 -3.14
C ASP D 215 18.00 18.64 -2.70
N ALA D 216 16.83 18.58 -3.31
CA ALA D 216 15.74 19.45 -2.94
C ALA D 216 14.92 18.83 -1.82
N MET D 217 14.15 19.69 -1.14
CA MET D 217 13.19 19.19 -0.17
C MET D 217 12.02 18.51 -0.88
N GLY D 218 11.66 19.00 -2.07
CA GLY D 218 10.70 18.31 -2.89
C GLY D 218 9.26 18.58 -2.53
N MET D 219 8.97 19.75 -1.96
CA MET D 219 7.59 20.08 -1.60
C MET D 219 6.69 19.98 -2.82
N ASN D 220 6.96 20.81 -3.83
CA ASN D 220 6.14 20.85 -5.03
C ASN D 220 6.47 19.71 -6.00
N MET D 221 7.72 19.23 -6.00
CA MET D 221 8.10 18.15 -6.90
C MET D 221 7.22 16.92 -6.72
N VAL D 222 7.04 16.47 -5.48
CA VAL D 222 6.28 15.25 -5.27
C VAL D 222 4.81 15.49 -5.57
N THR D 223 4.35 16.73 -5.44
CA THR D 223 2.97 17.06 -5.77
C THR D 223 2.71 16.92 -7.27
N ILE D 224 3.59 17.50 -8.09
CA ILE D 224 3.43 17.39 -9.55
C ILE D 224 3.49 15.94 -9.99
N ALA D 225 4.47 15.19 -9.50
CA ALA D 225 4.59 13.79 -9.87
C ALA D 225 3.35 13.00 -9.43
N THR D 226 2.92 13.23 -8.19
CA THR D 226 1.77 12.50 -7.66
C THR D 226 0.50 12.85 -8.42
N GLU D 227 0.35 14.10 -8.85
CA GLU D 227 -0.86 14.50 -9.57
C GLU D 227 -1.02 13.68 -10.85
N LYS D 228 0.03 13.59 -11.66
CA LYS D 228 -0.08 12.83 -12.90
C LYS D 228 -0.24 11.34 -12.60
N ALA D 229 0.39 10.85 -11.54
CA ALA D 229 0.23 9.44 -11.18
C ALA D 229 -1.21 9.17 -10.78
N CYS D 230 -1.84 10.12 -10.09
CA CYS D 230 -3.22 9.94 -9.66
C CYS D 230 -4.18 9.98 -10.85
N ASN D 231 -3.98 10.92 -11.77
CA ASN D 231 -4.80 10.96 -12.98
C ASN D 231 -4.62 9.69 -13.81
N PHE D 232 -3.39 9.18 -13.88
CA PHE D 232 -3.13 7.94 -14.60
C PHE D 232 -3.83 6.76 -13.93
N ILE D 233 -3.71 6.68 -12.61
CA ILE D 233 -4.42 5.65 -11.86
C ILE D 233 -5.91 5.81 -12.05
N GLU D 234 -6.39 7.06 -12.06
CA GLU D 234 -7.81 7.33 -12.20
C GLU D 234 -8.35 6.77 -13.51
N GLU D 235 -7.62 7.02 -14.61
CA GLU D 235 -8.08 6.59 -15.92
C GLU D 235 -8.03 5.07 -16.09
N GLU D 236 -6.92 4.45 -15.71
CA GLU D 236 -6.75 3.03 -15.98
C GLU D 236 -7.78 2.18 -15.24
N LEU D 237 -8.22 2.62 -14.05
CA LEU D 237 -9.28 1.90 -13.37
C LEU D 237 -10.63 2.12 -14.03
N LYS D 238 -10.85 3.30 -14.61
CA LYS D 238 -12.08 3.54 -15.34
C LYS D 238 -12.26 2.53 -16.47
N LYS D 239 -11.15 2.06 -17.05
CA LYS D 239 -11.19 1.06 -18.10
C LYS D 239 -11.66 -0.31 -17.60
N GLU D 240 -11.77 -0.49 -16.28
CA GLU D 240 -12.20 -1.76 -15.70
C GLU D 240 -13.46 -1.57 -14.87
N ASN D 241 -14.25 -0.54 -15.18
CA ASN D 241 -15.57 -0.33 -14.57
C ASN D 241 -15.46 -0.08 -13.07
N ILE D 242 -14.41 0.62 -12.66
CA ILE D 242 -14.16 0.94 -11.26
C ILE D 242 -13.94 2.45 -11.18
N ASN D 243 -14.91 3.16 -10.61
CA ASN D 243 -14.90 4.61 -10.59
C ASN D 243 -14.29 5.12 -9.29
N ILE D 244 -13.23 5.92 -9.43
CA ILE D 244 -12.54 6.56 -8.32
C ILE D 244 -12.25 8.00 -8.72
N HIS D 245 -11.89 8.81 -7.73
CA HIS D 245 -11.45 10.16 -8.03
C HIS D 245 -10.70 10.71 -6.81
N THR D 246 -9.65 11.49 -7.09
CA THR D 246 -8.81 12.07 -6.04
C THR D 246 -9.48 13.29 -5.45
N VAL D 247 -9.70 13.28 -4.13
CA VAL D 247 -10.28 14.43 -3.44
C VAL D 247 -9.22 15.50 -3.23
N ALA D 248 -8.04 15.10 -2.74
CA ALA D 248 -6.95 16.03 -2.53
C ALA D 248 -5.62 15.29 -2.59
N LEU D 249 -4.59 15.98 -3.09
CA LEU D 249 -3.26 15.37 -3.22
C LEU D 249 -2.56 15.27 -1.87
N SER D 250 -2.90 16.13 -0.91
CA SER D 250 -2.36 16.05 0.45
C SER D 250 -3.49 15.56 1.35
N GLY D 251 -3.46 14.28 1.69
CA GLY D 251 -4.53 13.66 2.46
C GLY D 251 -4.32 13.60 3.95
N ASN D 252 -3.39 14.39 4.48
CA ASN D 252 -3.06 14.42 5.90
C ASN D 252 -2.51 13.08 6.41
N ALA D 253 -2.12 12.18 5.51
CA ALA D 253 -1.34 11.00 5.85
C ALA D 253 0.10 11.11 5.34
N CYS D 254 0.50 12.31 4.91
CA CYS D 254 1.78 12.56 4.28
C CYS D 254 2.97 12.30 5.25
N VAL D 255 3.00 12.85 6.46
CA VAL D 255 2.13 13.93 6.94
C VAL D 255 2.95 15.20 6.88
N ASP D 256 2.35 16.30 6.42
CA ASP D 256 3.09 17.53 6.13
C ASP D 256 2.80 18.58 7.20
N LYS D 257 3.85 19.03 7.88
CA LYS D 257 3.76 20.17 8.80
C LYS D 257 2.76 19.90 9.92
N LYS D 258 2.72 18.66 10.38
CA LYS D 258 1.91 18.24 11.52
C LYS D 258 2.67 17.14 12.24
N PRO D 259 2.49 17.00 13.55
CA PRO D 259 3.12 15.89 14.29
C PRO D 259 2.27 14.64 14.19
N ALA D 260 2.82 13.58 13.60
CA ALA D 260 2.05 12.37 13.35
C ALA D 260 2.91 11.14 13.61
N GLY D 261 2.25 10.07 14.04
CA GLY D 261 2.96 8.83 14.32
C GLY D 261 3.57 8.20 13.08
N ILE D 262 2.88 8.30 11.94
CA ILE D 262 3.42 7.72 10.71
C ILE D 262 4.79 8.29 10.41
N ASN D 263 5.03 9.56 10.76
CA ASN D 263 6.32 10.19 10.55
C ASN D 263 7.35 9.78 11.59
N LEU D 264 6.91 9.33 12.77
CA LEU D 264 7.83 8.86 13.78
C LEU D 264 8.32 7.45 13.49
N ILE D 265 7.46 6.62 12.90
CA ILE D 265 7.76 5.21 12.62
C ILE D 265 8.40 5.08 11.24
N GLU D 266 7.60 5.35 10.20
CA GLU D 266 8.04 5.18 8.83
C GLU D 266 9.03 6.27 8.39
N GLY D 267 9.09 7.38 9.11
CA GLY D 267 10.01 8.45 8.77
C GLY D 267 9.52 9.32 7.63
N ARG D 268 10.16 10.48 7.49
CA ARG D 268 9.88 11.40 6.39
C ARG D 268 11.05 12.37 6.25
N GLY D 269 11.26 12.85 5.03
CA GLY D 269 12.46 13.64 4.78
C GLY D 269 13.70 12.83 5.09
N LYS D 270 14.65 13.48 5.77
CA LYS D 270 15.88 12.81 6.17
C LYS D 270 15.72 12.30 7.58
N SER D 271 15.94 11.00 7.78
CA SER D 271 15.96 10.39 9.10
C SER D 271 17.40 10.33 9.56
N ILE D 272 17.71 11.02 10.65
CA ILE D 272 19.09 11.25 11.07
C ILE D 272 19.28 10.65 12.46
N ILE D 273 20.47 10.09 12.68
CA ILE D 273 20.92 9.66 14.00
C ILE D 273 22.33 10.18 14.22
N ALA D 274 22.56 10.80 15.37
CA ALA D 274 23.88 11.25 15.77
C ALA D 274 24.19 10.67 17.14
N GLU D 275 25.47 10.43 17.42
CA GLU D 275 25.87 9.77 18.66
C GLU D 275 27.29 10.18 19.01
N VAL D 276 27.60 10.08 20.31
CA VAL D 276 28.95 10.31 20.81
C VAL D 276 29.21 9.37 21.98
N PHE D 277 30.49 9.03 22.16
CA PHE D 277 30.96 8.27 23.30
C PHE D 277 31.91 9.15 24.10
N LEU D 278 31.52 9.50 25.32
CA LEU D 278 32.33 10.33 26.20
C LEU D 278 32.92 9.51 27.34
N LYS D 279 34.18 9.79 27.67
CA LYS D 279 34.86 9.13 28.79
C LYS D 279 34.54 9.89 30.07
N GLU D 280 34.48 9.16 31.18
CA GLU D 280 34.12 9.77 32.45
C GLU D 280 35.01 10.97 32.76
N GLU D 281 36.27 10.93 32.34
CA GLU D 281 37.17 12.06 32.54
C GLU D 281 36.71 13.30 31.78
N GLU D 282 36.29 13.11 30.53
CA GLU D 282 35.81 14.24 29.73
C GLU D 282 34.54 14.83 30.31
N ILE D 283 33.65 13.99 30.84
CA ILE D 283 32.39 14.48 31.41
C ILE D 283 32.67 15.36 32.62
N LYS D 284 33.62 14.95 33.47
CA LYS D 284 33.93 15.74 34.66
C LYS D 284 34.73 16.98 34.30
N LYS D 285 35.55 16.92 33.25
CA LYS D 285 36.40 18.05 32.89
C LYS D 285 35.59 19.15 32.20
N TYR D 286 34.78 18.79 31.21
CA TYR D 286 34.09 19.78 30.38
C TYR D 286 32.64 20.00 30.81
N LEU D 287 31.89 18.94 31.09
CA LEU D 287 30.49 19.07 31.47
C LEU D 287 30.28 19.24 32.97
N LYS D 288 31.31 19.02 33.77
CA LYS D 288 31.25 19.30 35.21
C LYS D 288 30.17 18.47 35.89
N THR D 289 29.99 17.23 35.42
CA THR D 289 28.96 16.35 35.96
C THR D 289 29.44 14.91 35.86
N THR D 290 28.55 13.96 36.14
CA THR D 290 28.85 12.54 36.04
C THR D 290 27.91 11.88 35.05
N SER D 291 28.30 10.68 34.61
CA SER D 291 27.53 9.96 33.59
C SER D 291 26.15 9.57 34.10
N LYS D 292 26.08 8.90 35.25
CA LYS D 292 24.79 8.49 35.80
C LYS D 292 23.86 9.66 36.06
N ALA D 293 24.41 10.87 36.22
CA ALA D 293 23.55 12.04 36.35
C ALA D 293 22.92 12.41 35.02
N ILE D 294 23.69 12.28 33.93
CA ILE D 294 23.16 12.48 32.59
C ILE D 294 22.12 11.43 32.27
N GLU D 295 22.42 10.16 32.57
CA GLU D 295 21.46 9.09 32.33
C GLU D 295 20.17 9.33 33.08
N GLN D 296 20.27 9.77 34.34
CA GLN D 296 19.09 9.97 35.17
C GLN D 296 18.23 11.12 34.64
N VAL D 297 18.86 12.27 34.34
CA VAL D 297 18.13 13.40 33.78
C VAL D 297 17.39 12.98 32.52
N ASN D 298 18.09 12.30 31.61
CA ASN D 298 17.49 11.91 30.35
C ASN D 298 16.32 10.96 30.56
N MET D 299 16.43 10.07 31.54
CA MET D 299 15.38 9.07 31.78
C MET D 299 14.14 9.69 32.39
N TYR D 300 14.32 10.50 33.44
CA TYR D 300 13.15 11.10 34.10
C TYR D 300 12.46 12.12 33.21
N LYS D 301 13.25 12.90 32.47
CA LYS D 301 12.72 14.00 31.66
C LYS D 301 12.34 13.54 30.26
N ASN D 302 13.34 13.17 29.46
CA ASN D 302 13.09 12.91 28.03
C ASN D 302 12.27 11.65 27.82
N LEU D 303 12.43 10.64 28.67
CA LEU D 303 11.72 9.37 28.49
C LEU D 303 10.43 9.34 29.31
N ILE D 304 10.54 9.24 30.64
CA ILE D 304 9.35 9.10 31.46
C ILE D 304 8.49 10.36 31.39
N GLY D 305 9.13 11.54 31.48
CA GLY D 305 8.37 12.77 31.42
C GLY D 305 7.55 12.90 30.16
N SER D 306 8.18 12.68 29.01
CA SER D 306 7.45 12.75 27.75
C SER D 306 6.40 11.65 27.65
N ALA D 307 6.66 10.51 28.27
CA ALA D 307 5.73 9.39 28.18
C ALA D 307 4.45 9.67 28.93
N ILE D 308 4.56 10.10 30.19
CA ILE D 308 3.35 10.29 30.99
C ILE D 308 2.53 11.47 30.47
N SER D 309 3.18 12.49 29.93
CA SER D 309 2.48 13.61 29.32
C SER D 309 2.03 13.32 27.89
N ASN D 310 2.21 12.07 27.43
CA ASN D 310 1.82 11.64 26.09
C ASN D 310 2.40 12.56 25.02
N SER D 311 3.71 12.74 25.09
CA SER D 311 4.44 13.50 24.08
C SER D 311 4.99 12.56 23.02
N MET D 312 5.14 13.09 21.81
CA MET D 312 5.86 12.42 20.74
C MET D 312 7.29 12.91 20.62
N GLY D 313 7.66 13.92 21.40
CA GLY D 313 9.03 14.38 21.42
C GLY D 313 9.72 13.95 22.70
N PHE D 314 10.44 12.83 22.62
CA PHE D 314 11.19 12.31 23.76
C PHE D 314 12.57 12.97 23.83
N ASN D 315 12.59 14.28 23.64
CA ASN D 315 13.82 15.05 23.63
C ASN D 315 13.62 16.32 24.46
N ALA D 316 14.61 17.20 24.44
CA ALA D 316 14.55 18.44 25.21
C ALA D 316 14.68 19.68 24.35
N HIS D 317 15.44 19.64 23.26
CA HIS D 317 15.86 20.85 22.58
C HIS D 317 15.72 20.79 21.06
N TYR D 318 15.32 19.65 20.48
CA TYR D 318 15.35 19.49 19.03
C TYR D 318 14.77 20.72 18.32
N ALA D 319 13.53 21.07 18.67
CA ALA D 319 12.85 22.15 17.94
C ALA D 319 13.64 23.45 18.01
N ASN D 320 14.18 23.79 19.19
CA ASN D 320 14.93 25.03 19.34
C ASN D 320 16.12 25.08 18.39
N ILE D 321 16.89 24.00 18.34
CA ILE D 321 18.08 23.98 17.48
C ILE D 321 17.68 23.90 16.02
N ILE D 322 16.72 23.04 15.70
CA ILE D 322 16.19 22.97 14.33
C ILE D 322 15.78 24.37 13.86
N GLY D 323 15.03 25.09 14.69
CA GLY D 323 14.50 26.37 14.27
C GLY D 323 15.58 27.35 13.88
N ALA D 324 16.56 27.57 14.75
CA ALA D 324 17.60 28.55 14.47
C ALA D 324 18.38 28.19 13.21
N LEU D 325 18.69 26.91 13.04
CA LEU D 325 19.42 26.48 11.85
C LEU D 325 18.54 26.50 10.61
N PHE D 326 17.23 26.21 10.76
CA PHE D 326 16.32 26.27 9.63
C PHE D 326 16.16 27.69 9.11
N LEU D 327 16.05 28.66 10.02
CA LEU D 327 15.88 30.04 9.62
C LEU D 327 17.08 30.56 8.85
N ALA D 328 18.29 30.21 9.30
CA ALA D 328 19.50 30.74 8.68
C ALA D 328 19.67 30.25 7.25
N THR D 329 19.29 28.99 6.97
CA THR D 329 19.54 28.38 5.67
C THR D 329 18.33 28.39 4.76
N GLY D 330 17.23 29.02 5.17
CA GLY D 330 16.09 29.17 4.29
C GLY D 330 15.25 27.92 4.13
N GLN D 331 15.08 27.14 5.20
CA GLN D 331 14.18 26.01 5.16
C GLN D 331 12.75 26.47 5.40
N ASP D 332 11.80 25.54 5.27
CA ASP D 332 10.40 25.88 5.53
C ASP D 332 10.18 25.96 7.04
N GLU D 333 9.76 27.14 7.50
CA GLU D 333 9.59 27.37 8.94
C GLU D 333 8.64 26.35 9.55
N ALA D 334 7.55 26.03 8.84
CA ALA D 334 6.52 25.16 9.38
C ALA D 334 7.02 23.74 9.60
N HIS D 335 8.12 23.33 8.95
CA HIS D 335 8.62 21.98 9.15
C HIS D 335 9.35 21.81 10.48
N ILE D 336 9.54 22.89 11.23
CA ILE D 336 10.05 22.74 12.60
C ILE D 336 9.13 21.82 13.39
N VAL D 337 7.84 21.81 13.05
CA VAL D 337 6.90 20.86 13.64
C VAL D 337 7.46 19.45 13.56
N GLU D 338 7.86 19.04 12.35
CA GLU D 338 8.32 17.68 12.13
C GLU D 338 9.67 17.41 12.78
N GLY D 339 10.54 18.42 12.84
CA GLY D 339 11.86 18.27 13.43
C GLY D 339 11.86 18.08 14.92
N SER D 340 10.74 18.35 15.60
CA SER D 340 10.68 18.18 17.05
C SER D 340 10.51 16.72 17.48
N LEU D 341 10.12 15.83 16.58
CA LEU D 341 10.02 14.42 16.93
C LEU D 341 11.39 13.77 16.98
N GLY D 342 11.51 12.77 17.84
CA GLY D 342 12.75 12.06 17.99
C GLY D 342 12.99 11.70 19.42
N ILE D 343 13.94 10.79 19.65
CA ILE D 343 14.24 10.26 20.97
C ILE D 343 15.71 10.54 21.30
N THR D 344 15.97 11.00 22.51
CA THR D 344 17.33 11.15 23.03
C THR D 344 17.62 9.97 23.94
N VAL D 345 18.69 9.24 23.67
CA VAL D 345 19.09 8.08 24.46
C VAL D 345 20.44 8.39 25.09
N ALA D 346 20.48 8.37 26.42
CA ALA D 346 21.72 8.52 27.18
C ALA D 346 21.86 7.32 28.11
N GLU D 347 22.94 6.58 27.94
CA GLU D 347 23.17 5.38 28.73
C GLU D 347 24.53 5.33 29.40
N CYS D 348 24.54 4.88 30.65
CA CYS D 348 25.76 4.74 31.43
C CYS D 348 26.54 3.53 30.92
N THR D 349 27.72 3.77 30.34
CA THR D 349 28.61 2.70 29.92
C THR D 349 29.72 2.51 30.96
N GLU D 350 30.56 1.51 30.74
CA GLU D 350 31.62 1.21 31.71
C GLU D 350 32.68 2.31 31.69
N ASP D 351 32.96 2.87 30.53
CA ASP D 351 33.99 3.90 30.39
C ASP D 351 33.44 5.31 30.59
N GLY D 352 32.17 5.54 30.25
CA GLY D 352 31.56 6.83 30.46
C GLY D 352 30.09 6.82 30.16
N VAL D 353 29.68 7.42 29.06
CA VAL D 353 28.28 7.51 28.66
C VAL D 353 28.17 7.37 27.15
N TYR D 354 27.03 6.85 26.70
CA TYR D 354 26.65 6.83 25.30
C TYR D 354 25.49 7.80 25.11
N PHE D 355 25.66 8.78 24.24
CA PHE D 355 24.69 9.85 24.05
C PHE D 355 24.33 9.93 22.58
N SER D 356 23.05 9.76 22.27
CA SER D 356 22.59 9.76 20.89
C SER D 356 21.25 10.49 20.79
N VAL D 357 21.01 11.02 19.59
CA VAL D 357 19.75 11.67 19.23
C VAL D 357 19.26 11.06 17.94
N THR D 358 17.95 10.81 17.86
CA THR D 358 17.32 10.16 16.72
C THR D 358 16.20 11.07 16.23
N LEU D 359 16.34 11.61 15.02
CA LEU D 359 15.39 12.54 14.43
C LEU D 359 14.83 11.86 13.18
N PRO D 360 13.73 11.09 13.31
CA PRO D 360 13.20 10.34 12.16
C PRO D 360 12.51 11.20 11.11
N ASP D 361 12.36 12.50 11.32
CA ASP D 361 11.57 13.35 10.42
C ASP D 361 12.22 14.72 10.29
N VAL D 362 13.02 14.90 9.24
CA VAL D 362 13.72 16.18 9.02
C VAL D 362 13.73 16.51 7.54
N PRO D 363 12.75 17.22 7.01
CA PRO D 363 12.73 17.58 5.58
C PRO D 363 13.61 18.80 5.30
N VAL D 364 14.70 18.58 4.58
CA VAL D 364 15.63 19.65 4.25
C VAL D 364 15.99 19.60 2.77
N GLY D 365 16.54 20.70 2.29
CA GLY D 365 17.04 20.78 0.93
C GLY D 365 18.09 21.87 0.82
N THR D 366 18.95 21.73 -0.19
CA THR D 366 19.99 22.72 -0.46
C THR D 366 19.76 23.48 -1.75
N VAL D 367 18.66 23.22 -2.45
CA VAL D 367 18.31 23.96 -3.65
C VAL D 367 16.81 24.22 -3.63
N GLY D 368 16.40 25.38 -4.14
CA GLY D 368 15.01 25.75 -4.19
C GLY D 368 14.47 26.30 -2.89
N GLY D 369 13.22 26.74 -2.96
CA GLY D 369 12.54 27.26 -1.79
C GLY D 369 13.22 28.52 -1.28
N GLY D 370 13.44 28.56 0.03
CA GLY D 370 14.04 29.71 0.67
C GLY D 370 15.55 29.75 0.66
N THR D 371 16.21 28.72 0.12
CA THR D 371 17.66 28.74 0.03
C THR D 371 18.16 29.70 -1.05
N ARG D 372 17.28 30.12 -1.97
CA ARG D 372 17.67 31.10 -2.98
C ARG D 372 17.75 32.51 -2.42
N VAL D 373 17.10 32.79 -1.30
CA VAL D 373 17.11 34.13 -0.73
C VAL D 373 18.54 34.48 -0.32
N GLU D 374 18.98 35.69 -0.66
CA GLU D 374 20.39 36.05 -0.59
C GLU D 374 21.02 35.71 0.76
N THR D 375 20.48 36.27 1.85
CA THR D 375 21.11 36.06 3.16
C THR D 375 21.14 34.59 3.51
N GLN D 376 20.07 33.85 3.21
CA GLN D 376 20.03 32.43 3.51
C GLN D 376 20.97 31.64 2.62
N LYS D 377 21.11 32.07 1.36
CA LYS D 377 22.08 31.44 0.46
C LYS D 377 23.50 31.54 1.01
N GLU D 378 23.82 32.64 1.69
CA GLU D 378 25.18 32.83 2.19
C GLU D 378 25.48 31.88 3.35
N CYS D 379 24.51 31.66 4.22
CA CYS D 379 24.75 30.77 5.36
C CYS D 379 25.05 29.35 4.90
N LEU D 380 24.37 28.88 3.86
CA LEU D 380 24.68 27.56 3.32
C LEU D 380 26.10 27.52 2.77
N GLU D 381 26.53 28.59 2.11
CA GLU D 381 27.88 28.62 1.56
C GLU D 381 28.94 28.64 2.65
N LEU D 382 28.64 29.24 3.80
CA LEU D 382 29.57 29.20 4.92
C LEU D 382 29.72 27.80 5.48
N LEU D 383 28.80 26.90 5.15
CA LEU D 383 28.91 25.48 5.48
C LEU D 383 29.48 24.66 4.33
N GLY D 384 29.55 25.22 3.13
CA GLY D 384 29.89 24.46 1.95
C GLY D 384 28.75 23.58 1.47
N CYS D 385 27.50 24.02 1.66
CA CYS D 385 26.34 23.17 1.45
C CYS D 385 25.31 23.74 0.50
N HIS D 386 25.60 24.82 -0.22
CA HIS D 386 24.65 25.36 -1.19
C HIS D 386 24.86 24.68 -2.53
N GLY D 387 23.78 24.11 -3.07
CA GLY D 387 23.80 23.52 -4.40
C GLY D 387 23.58 22.02 -4.38
N GLY D 388 23.92 21.40 -5.50
CA GLY D 388 23.70 19.97 -5.68
C GLY D 388 24.72 19.11 -4.97
N ASP D 389 24.34 17.85 -4.77
CA ASP D 389 25.17 16.86 -4.08
C ASP D 389 25.64 17.40 -2.72
N LYS D 390 24.75 18.11 -2.03
CA LYS D 390 25.06 18.67 -0.73
C LYS D 390 23.93 18.54 0.28
N ALA D 391 22.78 17.99 -0.09
CA ALA D 391 21.68 17.85 0.86
C ALA D 391 22.02 16.89 1.99
N LEU D 392 22.61 15.74 1.67
CA LEU D 392 22.99 14.80 2.71
C LEU D 392 24.07 15.38 3.62
N LYS D 393 25.00 16.14 3.03
CA LYS D 393 25.99 16.84 3.84
C LYS D 393 25.32 17.78 4.82
N PHE D 394 24.29 18.50 4.36
CA PHE D 394 23.56 19.39 5.25
C PHE D 394 22.84 18.61 6.34
N ALA D 395 22.22 17.49 5.98
CA ALA D 395 21.49 16.68 6.96
C ALA D 395 22.43 16.15 8.04
N GLU D 396 23.67 15.86 7.70
CA GLU D 396 24.62 15.41 8.72
C GLU D 396 25.05 16.54 9.62
N ILE D 397 25.08 17.77 9.10
CA ILE D 397 25.36 18.92 9.95
C ILE D 397 24.18 19.20 10.88
N VAL D 398 22.95 19.12 10.35
CA VAL D 398 21.76 19.31 11.18
C VAL D 398 21.80 18.36 12.37
N GLY D 399 22.02 17.06 12.10
CA GLY D 399 22.02 16.10 13.19
C GLY D 399 23.12 16.37 14.20
N ALA D 400 24.29 16.77 13.72
CA ALA D 400 25.41 17.03 14.61
C ALA D 400 25.15 18.24 15.48
N THR D 401 24.59 19.30 14.90
CA THR D 401 24.28 20.50 15.67
C THR D 401 23.24 20.21 16.75
N VAL D 402 22.24 19.37 16.44
CA VAL D 402 21.22 19.02 17.43
C VAL D 402 21.86 18.31 18.62
N LEU D 403 22.70 17.32 18.36
CA LEU D 403 23.33 16.59 19.45
C LEU D 403 24.16 17.51 20.34
N ALA D 404 24.87 18.47 19.74
CA ALA D 404 25.66 19.41 20.53
C ALA D 404 24.77 20.19 21.50
N GLY D 405 23.69 20.77 21.00
CA GLY D 405 22.81 21.53 21.87
C GLY D 405 22.12 20.65 22.88
N GLU D 406 21.64 19.48 22.46
CA GLU D 406 20.98 18.58 23.38
C GLU D 406 21.92 18.16 24.48
N LEU D 407 23.16 17.83 24.13
CA LEU D 407 24.14 17.42 25.14
C LEU D 407 24.45 18.57 26.09
N SER D 408 24.66 19.77 25.54
CA SER D 408 24.93 20.93 26.37
C SER D 408 23.83 21.12 27.42
N LEU D 409 22.56 20.97 27.00
CA LEU D 409 21.45 21.24 27.91
C LEU D 409 21.30 20.12 28.94
N ILE D 410 21.22 18.87 28.50
CA ILE D 410 21.11 17.77 29.47
C ILE D 410 22.26 17.83 30.45
N GLY D 411 23.45 18.17 29.98
CA GLY D 411 24.60 18.27 30.87
C GLY D 411 24.44 19.39 31.88
N ALA D 412 23.90 20.53 31.45
CA ALA D 412 23.66 21.62 32.38
C ALA D 412 22.58 21.24 33.40
N LEU D 413 21.54 20.54 32.96
CA LEU D 413 20.49 20.12 33.89
C LEU D 413 21.04 19.09 34.88
N SER D 414 21.94 18.22 34.44
CA SER D 414 22.49 17.21 35.33
C SER D 414 23.39 17.83 36.38
N VAL D 415 24.03 18.97 36.07
CA VAL D 415 24.82 19.67 37.08
C VAL D 415 23.92 20.10 38.24
N GLY D 416 22.79 20.73 37.92
CA GLY D 416 21.85 21.07 38.96
C GLY D 416 21.28 19.87 39.67
N HIS D 417 21.09 18.77 38.94
CA HIS D 417 20.62 17.53 39.56
C HIS D 417 21.60 17.03 40.60
N LEU D 418 22.91 17.18 40.34
CA LEU D 418 23.93 16.74 41.30
C LEU D 418 23.98 17.66 42.51
N ALA D 419 23.98 18.98 42.30
CA ALA D 419 24.07 19.92 43.41
C ALA D 419 22.89 19.72 44.37
N ARG D 420 21.67 19.78 43.84
CA ARG D 420 20.48 19.61 44.68
C ARG D 420 20.43 18.22 45.29
N ALA D 421 21.14 17.25 44.72
CA ALA D 421 21.15 15.90 45.28
C ALA D 421 21.83 15.86 46.65
N HIS D 422 22.65 16.85 46.96
CA HIS D 422 23.33 16.93 48.25
C HIS D 422 22.80 18.12 49.02
N ASN E 27 33.64 -2.01 -57.02
CA ASN E 27 33.41 -3.21 -57.80
C ASN E 27 34.52 -4.24 -57.55
N GLU E 28 35.63 -3.79 -56.97
CA GLU E 28 36.66 -4.72 -56.51
C GLU E 28 36.12 -5.64 -55.43
N ILE E 29 35.18 -5.15 -54.63
CA ILE E 29 34.55 -5.99 -53.61
C ILE E 29 33.72 -7.10 -54.25
N LEU E 30 33.03 -6.78 -55.34
CA LEU E 30 32.16 -7.75 -56.00
C LEU E 30 32.94 -8.99 -56.43
N GLU E 31 34.19 -8.83 -56.86
CA GLU E 31 34.96 -9.98 -57.33
C GLU E 31 35.41 -10.86 -56.17
N LYS E 32 35.71 -10.27 -55.01
CA LYS E 32 36.12 -11.08 -53.86
C LYS E 32 34.99 -11.95 -53.35
N LEU E 33 33.74 -11.48 -53.46
CA LEU E 33 32.60 -12.31 -53.06
C LEU E 33 32.43 -13.49 -54.01
N LEU E 34 32.66 -13.28 -55.31
CA LEU E 34 32.51 -14.38 -56.27
C LEU E 34 33.57 -15.44 -56.05
N LYS E 35 34.81 -15.03 -55.76
CA LYS E 35 35.87 -15.97 -55.41
C LYS E 35 35.73 -16.54 -54.00
N LYS E 36 34.69 -16.14 -53.26
CA LYS E 36 34.50 -16.56 -51.88
C LYS E 36 35.70 -16.17 -51.02
N GLU E 37 36.28 -15.00 -51.32
CA GLU E 37 37.32 -14.43 -50.47
C GLU E 37 36.72 -13.85 -49.20
N ILE E 38 35.63 -13.10 -49.33
CA ILE E 38 34.90 -12.55 -48.21
C ILE E 38 33.46 -13.01 -48.27
N LYS E 39 32.83 -13.14 -47.10
CA LYS E 39 31.46 -13.61 -47.01
C LYS E 39 30.49 -12.44 -46.99
N PRO E 40 29.22 -12.67 -47.32
CA PRO E 40 28.26 -11.55 -47.36
C PRO E 40 27.98 -10.93 -46.00
N TYR E 41 28.23 -11.63 -44.90
CA TYR E 41 27.92 -11.07 -43.58
C TYR E 41 29.01 -10.12 -43.09
N GLN E 42 30.19 -10.15 -43.68
CA GLN E 42 31.24 -9.18 -43.38
C GLN E 42 31.16 -7.94 -44.25
N LEU E 43 30.19 -7.87 -45.16
CA LEU E 43 30.10 -6.72 -46.06
C LEU E 43 29.64 -5.47 -45.33
N ASP E 44 28.82 -5.62 -44.28
CA ASP E 44 28.31 -4.46 -43.55
C ASP E 44 29.43 -3.73 -42.80
N ASP E 45 30.43 -4.45 -42.32
CA ASP E 45 31.52 -3.82 -41.58
C ASP E 45 32.51 -3.13 -42.51
N LEU E 46 32.84 -3.75 -43.64
CA LEU E 46 33.74 -3.12 -44.60
C LEU E 46 33.12 -1.88 -45.21
N VAL E 47 32.01 -2.05 -45.92
CA VAL E 47 31.30 -0.93 -46.55
C VAL E 47 30.03 -0.67 -45.76
N GLY E 48 29.52 0.57 -45.89
CA GLY E 48 28.30 0.97 -45.23
C GLY E 48 27.14 0.01 -45.44
N GLU E 49 26.26 -0.09 -44.44
CA GLU E 49 25.14 -1.03 -44.52
C GLU E 49 24.28 -0.76 -45.74
N LYS E 50 24.06 0.52 -46.07
CA LYS E 50 23.20 0.85 -47.21
C LYS E 50 23.79 0.33 -48.51
N GLU E 51 25.11 0.46 -48.68
CA GLU E 51 25.78 -0.06 -49.86
C GLU E 51 26.01 -1.56 -49.79
N ALA E 52 26.17 -2.12 -48.59
CA ALA E 52 26.31 -3.57 -48.46
C ALA E 52 25.09 -4.30 -48.97
N ILE E 53 23.92 -3.68 -48.89
CA ILE E 53 22.70 -4.29 -49.44
C ILE E 53 22.71 -4.22 -50.96
N GLU E 54 23.14 -3.08 -51.51
CA GLU E 54 23.24 -2.96 -52.96
C GLU E 54 24.25 -3.95 -53.54
N LEU E 55 25.28 -4.30 -52.76
CA LEU E 55 26.36 -5.13 -53.28
C LEU E 55 25.94 -6.60 -53.34
N ARG E 56 25.39 -7.15 -52.26
CA ARG E 56 24.98 -8.54 -52.27
C ARG E 56 23.74 -8.75 -53.13
N ARG E 57 22.92 -7.71 -53.34
CA ARG E 57 21.82 -7.83 -54.28
C ARG E 57 22.34 -8.06 -55.69
N LYS E 58 23.46 -7.43 -56.03
CA LYS E 58 24.12 -7.68 -57.31
C LYS E 58 24.93 -8.96 -57.29
N TYR E 59 25.35 -9.44 -56.12
CA TYR E 59 26.07 -10.71 -56.04
C TYR E 59 25.16 -11.88 -56.39
N ILE E 60 23.90 -11.82 -55.98
CA ILE E 60 22.96 -12.88 -56.33
C ILE E 60 22.46 -12.72 -57.75
N GLU E 61 22.40 -11.47 -58.24
CA GLU E 61 22.03 -11.25 -59.63
C GLU E 61 23.04 -11.90 -60.58
N LYS E 62 24.31 -11.97 -60.16
CA LYS E 62 25.34 -12.58 -60.99
C LYS E 62 25.30 -14.10 -60.92
N ILE E 63 25.16 -14.66 -59.72
CA ILE E 63 25.17 -16.12 -59.56
C ILE E 63 23.98 -16.73 -60.30
N SER E 64 22.78 -16.18 -60.09
CA SER E 64 21.59 -16.70 -60.75
C SER E 64 21.44 -16.21 -62.18
N GLN E 65 22.13 -15.12 -62.55
CA GLN E 65 22.08 -14.58 -63.91
C GLN E 65 20.68 -14.10 -64.28
N VAL E 66 20.11 -13.24 -63.41
CA VAL E 66 18.84 -12.60 -63.68
C VAL E 66 18.88 -11.20 -63.07
N GLU E 67 18.19 -10.27 -63.69
CA GLU E 67 18.19 -8.87 -63.27
C GLU E 67 16.91 -8.55 -62.51
N THR E 68 17.08 -7.89 -61.35
CA THR E 68 15.97 -7.51 -60.50
C THR E 68 15.76 -6.01 -60.55
N LYS E 69 14.48 -5.61 -60.42
CA LYS E 69 14.08 -4.20 -60.49
C LYS E 69 13.31 -3.74 -59.27
N HIS E 70 12.38 -4.56 -58.76
CA HIS E 70 11.42 -4.10 -57.75
C HIS E 70 11.96 -4.23 -56.33
N ILE E 71 12.51 -5.39 -55.97
CA ILE E 71 13.01 -5.60 -54.62
C ILE E 71 14.09 -4.58 -54.26
N GLY E 72 14.76 -3.99 -55.25
CA GLY E 72 15.74 -2.95 -54.95
C GLY E 72 15.13 -1.71 -54.35
N HIS E 73 13.81 -1.52 -54.50
CA HIS E 73 13.11 -0.36 -53.95
C HIS E 73 12.59 -0.68 -52.55
N TYR E 74 12.91 0.18 -51.59
CA TYR E 74 12.39 0.07 -50.24
C TYR E 74 12.58 1.40 -49.53
N THR E 75 11.56 1.82 -48.79
CA THR E 75 11.62 3.05 -48.00
C THR E 75 11.98 2.79 -46.54
N ILE E 76 12.03 1.52 -46.12
CA ILE E 76 12.33 1.20 -44.72
C ILE E 76 13.79 1.48 -44.43
N ASP E 77 14.07 1.82 -43.17
CA ASP E 77 15.44 2.11 -42.75
C ASP E 77 16.26 0.83 -42.74
N GLU E 78 17.29 0.77 -43.58
CA GLU E 78 18.10 -0.43 -43.71
C GLU E 78 19.02 -0.64 -42.51
N LYS E 79 19.30 0.40 -41.73
CA LYS E 79 20.20 0.26 -40.58
C LYS E 79 19.51 -0.48 -39.45
N GLU E 80 18.35 -0.01 -39.02
CA GLU E 80 17.63 -0.66 -37.92
C GLU E 80 17.08 -2.02 -38.34
N ALA E 81 16.83 -2.22 -39.63
CA ALA E 81 16.34 -3.51 -40.10
C ALA E 81 17.42 -4.59 -39.96
N MET E 82 18.65 -4.29 -40.38
CA MET E 82 19.74 -5.23 -40.24
C MET E 82 20.07 -5.52 -38.78
N LYS E 83 19.70 -4.62 -37.86
CA LYS E 83 20.04 -4.78 -36.46
C LYS E 83 19.05 -5.63 -35.68
N LYS E 84 17.77 -5.62 -36.06
CA LYS E 84 16.72 -6.24 -35.25
C LYS E 84 15.76 -7.13 -36.02
N ASN E 85 15.80 -7.18 -37.36
CA ASN E 85 14.74 -7.86 -38.09
C ASN E 85 15.21 -8.80 -39.21
N ILE E 86 16.39 -8.57 -39.81
CA ILE E 86 16.80 -9.33 -40.99
C ILE E 86 18.30 -9.50 -40.99
N GLU E 87 18.77 -10.47 -41.78
CA GLU E 87 20.18 -10.70 -42.04
C GLU E 87 20.37 -10.93 -43.53
N ASN E 88 21.55 -10.56 -44.03
CA ASN E 88 21.87 -10.70 -45.45
C ASN E 88 20.80 -10.01 -46.32
N MET E 89 20.45 -8.79 -45.95
CA MET E 89 19.40 -8.06 -46.63
C MET E 89 19.80 -7.72 -48.06
N ILE E 90 18.87 -7.91 -48.99
CA ILE E 90 19.06 -7.56 -50.40
C ILE E 90 17.99 -6.60 -50.91
N GLY E 91 17.03 -6.24 -50.10
CA GLY E 91 15.93 -5.39 -50.52
C GLY E 91 14.71 -5.65 -49.65
N ALA E 92 13.54 -5.64 -50.30
CA ALA E 92 12.29 -5.82 -49.58
C ALA E 92 11.24 -6.39 -50.51
N VAL E 93 10.34 -7.20 -49.94
CA VAL E 93 9.20 -7.76 -50.66
C VAL E 93 7.98 -6.92 -50.33
N GLN E 94 7.16 -6.66 -51.34
CA GLN E 94 6.00 -5.77 -51.21
C GLN E 94 4.72 -6.59 -51.24
N ILE E 95 3.96 -6.53 -50.16
CA ILE E 95 2.66 -7.20 -50.05
C ILE E 95 1.57 -6.16 -50.28
N PRO E 96 0.62 -6.39 -51.19
CA PRO E 96 -0.46 -5.40 -51.38
C PRO E 96 -1.24 -5.20 -50.10
N LEU E 97 -1.49 -3.93 -49.76
CA LEU E 97 -2.17 -3.56 -48.53
C LEU E 97 -3.55 -2.99 -48.85
N GLY E 98 -4.57 -3.58 -48.23
CA GLY E 98 -5.93 -3.07 -48.35
C GLY E 98 -6.52 -2.78 -46.98
N PHE E 99 -7.83 -2.50 -46.92
CA PHE E 99 -8.46 -2.24 -45.64
C PHE E 99 -9.93 -2.67 -45.71
N ALA E 100 -10.49 -2.95 -44.53
CA ALA E 100 -11.88 -3.32 -44.39
C ALA E 100 -12.54 -2.43 -43.35
N GLY E 101 -13.75 -1.98 -43.64
CA GLY E 101 -14.49 -1.13 -42.74
C GLY E 101 -15.77 -0.56 -43.35
N PRO E 102 -16.55 0.18 -42.55
CA PRO E 102 -16.27 0.45 -41.13
C PRO E 102 -16.65 -0.72 -40.22
N LEU E 103 -15.96 -0.84 -39.08
CA LEU E 103 -16.15 -1.95 -38.14
C LEU E 103 -16.39 -1.37 -36.75
N LYS E 104 -17.65 -1.38 -36.31
CA LYS E 104 -18.00 -0.93 -34.97
C LYS E 104 -17.61 -2.01 -33.95
N ILE E 105 -16.76 -1.65 -33.00
CA ILE E 105 -16.26 -2.59 -31.99
C ILE E 105 -16.80 -2.17 -30.64
N ASN E 106 -17.40 -3.11 -29.92
CA ASN E 106 -17.93 -2.89 -28.58
C ASN E 106 -17.06 -3.67 -27.59
N GLY E 107 -15.85 -3.16 -27.37
CA GLY E 107 -14.88 -3.81 -26.50
C GLY E 107 -14.72 -3.10 -25.16
N LYS E 108 -13.75 -3.59 -24.40
CA LYS E 108 -13.38 -3.00 -23.12
C LYS E 108 -12.23 -2.01 -23.24
N TYR E 109 -11.40 -2.15 -24.27
CA TYR E 109 -10.30 -1.23 -24.53
C TYR E 109 -10.36 -0.59 -25.91
N ALA E 110 -11.18 -1.11 -26.82
CA ALA E 110 -11.35 -0.55 -28.16
C ALA E 110 -12.83 -0.29 -28.38
N ASN E 111 -13.18 0.96 -28.68
CA ASN E 111 -14.56 1.33 -28.92
C ASN E 111 -14.66 2.28 -30.09
N GLY E 112 -15.74 2.15 -30.84
CA GLY E 112 -16.03 3.00 -31.99
C GLY E 112 -15.83 2.25 -33.29
N GLU E 113 -16.05 2.99 -34.39
CA GLU E 113 -15.90 2.44 -35.72
C GLU E 113 -14.44 2.51 -36.14
N PHE E 114 -13.94 1.41 -36.70
CA PHE E 114 -12.54 1.29 -37.09
C PHE E 114 -12.45 0.92 -38.57
N TYR E 115 -11.25 1.11 -39.11
CA TYR E 115 -10.92 0.67 -40.47
C TYR E 115 -9.65 -0.16 -40.37
N VAL E 116 -9.79 -1.48 -40.56
CA VAL E 116 -8.75 -2.44 -40.25
C VAL E 116 -7.85 -2.58 -41.48
N PRO E 117 -6.54 -2.37 -41.38
CA PRO E 117 -5.67 -2.60 -42.53
C PRO E 117 -5.32 -4.08 -42.67
N LEU E 118 -5.44 -4.59 -43.89
CA LEU E 118 -5.18 -6.00 -44.19
C LEU E 118 -4.23 -6.09 -45.36
N ALA E 119 -3.17 -6.89 -45.21
CA ALA E 119 -2.16 -7.08 -46.24
C ALA E 119 -2.17 -8.53 -46.67
N THR E 120 -2.51 -8.78 -47.94
CA THR E 120 -2.60 -10.14 -48.43
C THR E 120 -2.32 -10.15 -49.93
N THR E 121 -1.97 -11.33 -50.45
CA THR E 121 -1.85 -11.56 -51.87
C THR E 121 -3.02 -12.35 -52.42
N GLU E 122 -4.02 -12.67 -51.59
CA GLU E 122 -5.16 -13.47 -52.00
C GLU E 122 -6.33 -12.55 -52.34
N GLY E 123 -6.90 -12.74 -53.51
CA GLY E 123 -8.07 -11.97 -53.88
C GLY E 123 -9.30 -12.40 -53.10
N ALA E 124 -10.29 -11.51 -53.06
CA ALA E 124 -11.57 -11.78 -52.42
C ALA E 124 -11.47 -11.83 -50.90
N LEU E 125 -10.25 -11.83 -50.34
CA LEU E 125 -10.11 -11.92 -48.89
C LEU E 125 -10.51 -10.61 -48.23
N VAL E 126 -9.94 -9.49 -48.70
CA VAL E 126 -10.30 -8.18 -48.14
C VAL E 126 -11.77 -7.88 -48.44
N ALA E 127 -12.25 -8.27 -49.62
CA ALA E 127 -13.67 -8.07 -49.94
C ALA E 127 -14.55 -8.81 -48.95
N SER E 128 -14.18 -10.04 -48.60
CA SER E 128 -14.97 -10.82 -47.66
C SER E 128 -15.06 -10.11 -46.31
N VAL E 129 -13.91 -9.66 -45.78
CA VAL E 129 -13.91 -9.00 -44.47
C VAL E 129 -14.66 -7.67 -44.55
N ASN E 130 -14.50 -6.94 -45.65
CA ASN E 130 -15.16 -5.64 -45.79
C ASN E 130 -16.67 -5.79 -45.82
N ARG E 131 -17.17 -6.85 -46.47
CA ARG E 131 -18.61 -7.10 -46.49
C ARG E 131 -19.13 -7.37 -45.08
N GLY E 132 -18.43 -8.24 -44.34
CA GLY E 132 -18.83 -8.52 -42.97
C GLY E 132 -18.74 -7.32 -42.06
N CYS E 133 -17.76 -6.43 -42.29
CA CYS E 133 -17.64 -5.22 -41.49
C CYS E 133 -18.88 -4.35 -41.62
N SER E 134 -19.36 -4.16 -42.86
CA SER E 134 -20.51 -3.29 -43.09
C SER E 134 -21.77 -3.90 -42.49
N ILE E 135 -22.00 -5.19 -42.71
CA ILE E 135 -23.17 -5.85 -42.14
C ILE E 135 -23.15 -5.72 -40.62
N VAL E 136 -22.02 -6.02 -40.00
CA VAL E 136 -21.91 -6.01 -38.55
C VAL E 136 -22.14 -4.60 -38.00
N THR E 137 -21.65 -3.58 -38.71
CA THR E 137 -21.77 -2.22 -38.22
C THR E 137 -23.21 -1.74 -38.27
N LYS E 138 -23.96 -2.18 -39.28
CA LYS E 138 -25.37 -1.82 -39.38
C LYS E 138 -26.24 -2.59 -38.39
N CYS E 139 -25.67 -3.49 -37.59
CA CYS E 139 -26.44 -4.25 -36.61
C CYS E 139 -25.98 -4.04 -35.18
N GLY E 140 -25.23 -2.98 -34.90
CA GLY E 140 -24.85 -2.63 -33.53
C GLY E 140 -23.40 -2.89 -33.18
N GLY E 141 -22.64 -3.60 -34.00
CA GLY E 141 -21.23 -3.83 -33.73
C GLY E 141 -20.95 -5.14 -33.02
N VAL E 142 -19.65 -5.42 -32.85
CA VAL E 142 -19.18 -6.67 -32.26
C VAL E 142 -18.87 -6.42 -30.79
N THR E 143 -19.31 -7.34 -29.93
CA THR E 143 -18.93 -7.36 -28.53
C THR E 143 -17.77 -8.34 -28.39
N VAL E 144 -16.59 -7.84 -28.03
CA VAL E 144 -15.37 -8.64 -27.98
C VAL E 144 -14.69 -8.41 -26.64
N ARG E 145 -14.19 -9.48 -26.05
CA ARG E 145 -13.46 -9.44 -24.78
C ARG E 145 -12.20 -10.29 -24.88
N VAL E 146 -11.15 -9.82 -24.20
CA VAL E 146 -9.91 -10.58 -24.10
C VAL E 146 -10.00 -11.47 -22.86
N ILE E 147 -10.09 -12.78 -23.10
CA ILE E 147 -10.31 -13.72 -21.99
C ILE E 147 -9.02 -13.97 -21.22
N ASP E 148 -7.88 -13.88 -21.90
CA ASP E 148 -6.60 -14.21 -21.29
C ASP E 148 -5.50 -13.61 -22.13
N ASP E 149 -4.36 -13.35 -21.49
CA ASP E 149 -3.20 -12.78 -22.16
C ASP E 149 -1.96 -13.37 -21.49
N LYS E 150 -1.20 -14.19 -22.21
CA LYS E 150 -0.03 -14.80 -21.60
C LYS E 150 0.88 -15.36 -22.66
N MET E 151 2.18 -15.32 -22.38
CA MET E 151 3.22 -15.88 -23.23
C MET E 151 4.00 -16.91 -22.41
N THR E 152 4.21 -18.09 -22.98
CA THR E 152 4.78 -19.20 -22.23
C THR E 152 6.09 -19.66 -22.85
N ARG E 153 6.89 -20.35 -22.03
CA ARG E 153 8.14 -20.95 -22.45
C ARG E 153 8.37 -22.20 -21.61
N ALA E 154 8.45 -23.36 -22.25
CA ALA E 154 8.51 -24.64 -21.53
C ALA E 154 9.78 -25.40 -21.87
N PRO E 155 10.81 -25.35 -21.04
CA PRO E 155 12.03 -26.12 -21.31
C PRO E 155 11.89 -27.59 -20.94
N VAL E 156 12.82 -28.39 -21.46
CA VAL E 156 12.99 -29.78 -21.04
C VAL E 156 14.22 -29.86 -20.15
N ILE E 157 14.03 -30.39 -18.96
CA ILE E 157 15.09 -30.50 -17.97
C ILE E 157 15.34 -31.98 -17.72
N LYS E 158 16.60 -32.39 -17.83
CA LYS E 158 16.97 -33.78 -17.64
C LYS E 158 17.35 -34.01 -16.18
N THR E 159 16.75 -35.03 -15.58
CA THR E 159 17.07 -35.47 -14.23
C THR E 159 17.56 -36.91 -14.31
N GLU E 160 18.16 -37.37 -13.20
CA GLU E 160 18.73 -38.70 -13.20
C GLU E 160 17.65 -39.78 -13.12
N SER E 161 16.55 -39.52 -12.41
CA SER E 161 15.52 -40.53 -12.23
C SER E 161 14.20 -39.84 -11.94
N VAL E 162 13.13 -40.63 -11.94
CA VAL E 162 11.81 -40.10 -11.60
C VAL E 162 11.78 -39.57 -10.17
N ILE E 163 12.58 -40.17 -9.29
CA ILE E 163 12.63 -39.70 -7.90
C ILE E 163 13.06 -38.24 -7.86
N ASP E 164 14.12 -37.92 -8.62
CA ASP E 164 14.59 -36.54 -8.70
C ASP E 164 13.59 -35.65 -9.43
N ALA E 165 12.89 -36.19 -10.43
CA ALA E 165 11.91 -35.39 -11.17
C ALA E 165 10.77 -34.95 -10.28
N VAL E 166 10.23 -35.88 -9.47
CA VAL E 166 9.16 -35.52 -8.54
C VAL E 166 9.66 -34.46 -7.58
N LYS E 167 10.90 -34.60 -7.09
CA LYS E 167 11.47 -33.59 -6.22
C LYS E 167 11.59 -32.25 -6.91
N LEU E 168 11.97 -32.25 -8.20
CA LEU E 168 12.07 -31.00 -8.94
C LEU E 168 10.70 -30.33 -9.08
N LYS E 169 9.66 -31.12 -9.37
CA LYS E 169 8.32 -30.55 -9.46
C LYS E 169 7.92 -29.91 -8.14
N GLU E 170 8.16 -30.61 -7.03
CA GLU E 170 7.79 -30.08 -5.72
C GLU E 170 8.60 -28.84 -5.37
N TRP E 171 9.92 -28.85 -5.63
CA TRP E 171 10.74 -27.71 -5.27
C TRP E 171 10.29 -26.45 -6.00
N ILE E 172 9.97 -26.57 -7.29
CA ILE E 172 9.52 -25.41 -8.06
C ILE E 172 8.24 -24.84 -7.47
N LYS E 173 7.33 -25.70 -7.02
CA LYS E 173 6.06 -25.23 -6.48
C LYS E 173 6.28 -24.48 -5.16
N GLU E 174 7.15 -25.00 -4.29
CA GLU E 174 7.35 -24.39 -2.98
C GLU E 174 8.11 -23.07 -3.09
N ASN E 175 9.14 -23.02 -3.93
CA ASN E 175 9.98 -21.84 -4.06
C ASN E 175 9.58 -20.95 -5.22
N PHE E 176 8.28 -20.90 -5.56
CA PHE E 176 7.85 -20.09 -6.69
C PHE E 176 8.25 -18.63 -6.50
N GLN E 177 8.01 -18.08 -5.31
CA GLN E 177 8.29 -16.67 -5.09
C GLN E 177 9.75 -16.33 -5.38
N ARG E 178 10.70 -17.19 -4.98
CA ARG E 178 12.09 -16.92 -5.33
C ARG E 178 12.31 -16.97 -6.84
N ILE E 179 11.78 -17.99 -7.50
CA ILE E 179 11.93 -18.06 -8.95
C ILE E 179 11.34 -16.82 -9.60
N LYS E 180 10.20 -16.36 -9.07
CA LYS E 180 9.58 -15.14 -9.57
C LYS E 180 10.53 -13.96 -9.49
N GLU E 181 11.17 -13.77 -8.33
CA GLU E 181 12.09 -12.65 -8.18
C GLU E 181 13.23 -12.72 -9.19
N VAL E 182 13.80 -13.92 -9.37
CA VAL E 182 14.93 -14.08 -10.29
C VAL E 182 14.52 -13.75 -11.72
N ALA E 183 13.37 -14.30 -12.16
CA ALA E 183 12.95 -14.11 -13.55
C ALA E 183 12.67 -12.63 -13.84
N GLU E 184 11.93 -11.97 -12.95
CA GLU E 184 11.55 -10.58 -13.19
C GLU E 184 12.71 -9.60 -13.08
N SER E 185 13.87 -10.05 -12.59
CA SER E 185 15.03 -9.18 -12.51
C SER E 185 15.65 -8.91 -13.88
N THR E 186 15.32 -9.73 -14.89
CA THR E 186 15.88 -9.56 -16.22
C THR E 186 15.14 -8.53 -17.05
N THR E 187 13.93 -8.15 -16.64
CA THR E 187 13.12 -7.23 -17.43
C THR E 187 12.23 -6.42 -16.49
N ARG E 188 11.85 -5.23 -16.96
CA ARG E 188 11.07 -4.31 -16.16
C ARG E 188 9.57 -4.50 -16.32
N HIS E 189 9.11 -4.87 -17.52
CA HIS E 189 7.68 -4.99 -17.80
C HIS E 189 7.15 -6.40 -17.57
N GLY E 190 7.98 -7.43 -17.75
CA GLY E 190 7.50 -8.79 -17.61
C GLY E 190 7.20 -9.17 -16.18
N LYS E 191 6.41 -10.24 -16.03
CA LYS E 191 5.91 -10.64 -14.71
C LYS E 191 5.56 -12.12 -14.79
N LEU E 192 6.43 -12.98 -14.25
CA LEU E 192 6.11 -14.39 -14.12
C LEU E 192 4.92 -14.54 -13.17
N ILE E 193 3.84 -15.14 -13.67
CA ILE E 193 2.61 -15.25 -12.89
C ILE E 193 2.33 -16.66 -12.40
N ASP E 194 2.91 -17.68 -13.04
CA ASP E 194 2.68 -19.06 -12.63
C ASP E 194 3.67 -19.94 -13.36
N ILE E 195 3.82 -21.16 -12.85
CA ILE E 195 4.56 -22.20 -13.56
C ILE E 195 3.66 -23.43 -13.58
N ASN E 196 2.72 -23.45 -14.52
CA ASN E 196 1.74 -24.52 -14.61
C ASN E 196 1.28 -24.71 -16.05
N PRO E 197 1.16 -25.97 -16.52
CA PRO E 197 1.47 -27.21 -15.77
C PRO E 197 2.96 -27.52 -15.76
N ILE E 198 3.36 -28.50 -14.96
CA ILE E 198 4.74 -28.99 -14.94
C ILE E 198 4.66 -30.48 -15.31
N LEU E 199 4.95 -30.77 -16.57
CA LEU E 199 4.80 -32.13 -17.09
C LEU E 199 6.08 -32.92 -16.86
N ILE E 200 5.91 -34.22 -16.60
CA ILE E 200 7.02 -35.14 -16.39
C ILE E 200 6.80 -36.35 -17.28
N VAL E 201 7.81 -36.68 -18.07
CA VAL E 201 7.81 -37.90 -18.89
C VAL E 201 9.09 -38.65 -18.51
N GLY E 202 8.95 -39.70 -17.72
CA GLY E 202 10.09 -40.45 -17.25
C GLY E 202 10.95 -39.64 -16.30
N ARG E 203 12.09 -39.14 -16.79
CA ARG E 203 13.00 -38.33 -15.99
C ARG E 203 13.23 -36.94 -16.59
N TYR E 204 12.39 -36.54 -17.53
CA TYR E 204 12.49 -35.23 -18.16
C TYR E 204 11.28 -34.39 -17.74
N VAL E 205 11.53 -33.15 -17.38
CA VAL E 205 10.50 -32.26 -16.83
C VAL E 205 10.24 -31.13 -17.80
N TYR E 206 8.95 -30.81 -17.99
CA TYR E 206 8.49 -29.77 -18.92
C TYR E 206 7.66 -28.77 -18.12
N PRO E 207 8.31 -27.79 -17.46
CA PRO E 207 7.53 -26.79 -16.72
C PRO E 207 7.14 -25.61 -17.60
N ARG E 208 5.86 -25.28 -17.63
CA ARG E 208 5.34 -24.21 -18.47
C ARG E 208 5.44 -22.91 -17.68
N PHE E 209 6.48 -22.13 -17.95
CA PHE E 209 6.60 -20.81 -17.36
C PHE E 209 5.59 -19.89 -18.05
N VAL E 210 4.71 -19.28 -17.27
CA VAL E 210 3.68 -18.40 -17.80
C VAL E 210 4.02 -16.96 -17.42
N TYR E 211 4.12 -16.10 -18.43
CA TYR E 211 4.47 -14.71 -18.25
C TYR E 211 3.39 -13.83 -18.86
N LYS E 212 3.11 -12.70 -18.22
CA LYS E 212 2.37 -11.61 -18.85
C LYS E 212 3.37 -10.54 -19.23
N THR E 213 3.39 -10.16 -20.50
CA THR E 213 4.46 -9.35 -21.05
C THR E 213 4.07 -7.89 -21.28
N GLY E 214 2.89 -7.48 -20.83
CA GLY E 214 2.45 -6.13 -21.12
C GLY E 214 2.05 -5.99 -22.58
N ASP E 215 2.65 -5.03 -23.28
CA ASP E 215 2.25 -4.73 -24.65
C ASP E 215 3.03 -5.49 -25.72
N ALA E 216 4.11 -6.19 -25.35
CA ALA E 216 4.92 -6.89 -26.32
C ALA E 216 4.41 -8.30 -26.57
N MET E 217 4.84 -8.89 -27.68
CA MET E 217 4.59 -10.31 -27.92
C MET E 217 5.41 -11.16 -26.96
N GLY E 218 6.63 -10.72 -26.63
CA GLY E 218 7.39 -11.35 -25.58
C GLY E 218 8.16 -12.59 -25.98
N MET E 219 8.53 -12.71 -27.25
CA MET E 219 9.31 -13.86 -27.69
C MET E 219 10.61 -13.95 -26.90
N ASN E 220 11.46 -12.93 -27.03
CA ASN E 220 12.77 -12.93 -26.39
C ASN E 220 12.69 -12.61 -24.91
N MET E 221 11.69 -11.84 -24.49
CA MET E 221 11.54 -11.47 -23.09
C MET E 221 11.47 -12.69 -22.18
N VAL E 222 10.60 -13.65 -22.52
CA VAL E 222 10.41 -14.82 -21.66
C VAL E 222 11.62 -15.73 -21.74
N THR E 223 12.36 -15.71 -22.85
CA THR E 223 13.55 -16.54 -22.97
C THR E 223 14.63 -16.09 -21.99
N ILE E 224 14.91 -14.78 -21.96
CA ILE E 224 15.92 -14.26 -21.05
C ILE E 224 15.51 -14.53 -19.61
N ALA E 225 14.24 -14.28 -19.27
CA ALA E 225 13.77 -14.48 -17.91
C ALA E 225 13.89 -15.94 -17.49
N THR E 226 13.45 -16.86 -18.35
CA THR E 226 13.48 -18.28 -17.98
C THR E 226 14.91 -18.80 -17.88
N GLU E 227 15.81 -18.31 -18.74
CA GLU E 227 17.19 -18.77 -18.69
C GLU E 227 17.80 -18.49 -17.32
N LYS E 228 17.64 -17.26 -16.82
CA LYS E 228 18.16 -16.93 -15.50
C LYS E 228 17.42 -17.69 -14.41
N ALA E 229 16.12 -17.93 -14.60
CA ALA E 229 15.36 -18.72 -13.64
C ALA E 229 15.85 -20.16 -13.61
N CYS E 230 16.21 -20.70 -14.78
CA CYS E 230 16.71 -22.06 -14.84
C CYS E 230 18.10 -22.18 -14.23
N ASN E 231 18.98 -21.20 -14.51
CA ASN E 231 20.29 -21.20 -13.88
C ASN E 231 20.17 -21.16 -12.36
N PHE E 232 19.19 -20.41 -11.86
CA PHE E 232 18.92 -20.38 -10.43
C PHE E 232 18.45 -21.74 -9.94
N ILE E 233 17.49 -22.34 -10.65
CA ILE E 233 17.00 -23.66 -10.26
C ILE E 233 18.12 -24.69 -10.32
N GLU E 234 18.97 -24.60 -11.35
CA GLU E 234 20.07 -25.55 -11.49
C GLU E 234 21.00 -25.50 -10.29
N GLU E 235 21.38 -24.30 -9.86
CA GLU E 235 22.31 -24.16 -8.75
C GLU E 235 21.68 -24.56 -7.43
N GLU E 236 20.46 -24.07 -7.17
CA GLU E 236 19.83 -24.31 -5.88
C GLU E 236 19.59 -25.80 -5.64
N LEU E 237 19.30 -26.54 -6.69
CA LEU E 237 19.08 -27.98 -6.54
C LEU E 237 20.40 -28.71 -6.33
N LYS E 238 21.49 -28.24 -6.93
CA LYS E 238 22.80 -28.82 -6.68
C LYS E 238 23.15 -28.76 -5.21
N LYS E 239 22.67 -27.73 -4.50
CA LYS E 239 22.89 -27.62 -3.06
C LYS E 239 22.16 -28.69 -2.27
N GLU E 240 21.24 -29.43 -2.91
CA GLU E 240 20.51 -30.52 -2.27
C GLU E 240 20.89 -31.88 -2.86
N ASN E 241 22.08 -31.98 -3.44
CA ASN E 241 22.60 -33.24 -3.98
C ASN E 241 21.74 -33.78 -5.11
N ILE E 242 21.08 -32.90 -5.86
CA ILE E 242 20.20 -33.29 -6.95
C ILE E 242 20.70 -32.60 -8.21
N ASN E 243 21.29 -33.38 -9.12
CA ASN E 243 21.93 -32.85 -10.32
C ASN E 243 20.92 -32.86 -11.46
N ILE E 244 20.63 -31.69 -12.01
CA ILE E 244 19.73 -31.54 -13.14
C ILE E 244 20.38 -30.54 -14.10
N HIS E 245 19.88 -30.50 -15.33
CA HIS E 245 20.40 -29.50 -16.26
C HIS E 245 19.42 -29.33 -17.40
N THR E 246 19.29 -28.09 -17.87
CA THR E 246 18.36 -27.76 -18.93
C THR E 246 18.94 -28.18 -20.27
N VAL E 247 18.21 -29.02 -20.99
CA VAL E 247 18.63 -29.43 -22.33
C VAL E 247 18.39 -28.31 -23.34
N ALA E 248 17.19 -27.71 -23.29
CA ALA E 248 16.86 -26.61 -24.16
C ALA E 248 15.77 -25.77 -23.50
N LEU E 249 15.81 -24.46 -23.74
CA LEU E 249 14.85 -23.56 -23.11
C LEU E 249 13.47 -23.70 -23.74
N SER E 250 13.40 -24.12 -25.00
CA SER E 250 12.14 -24.38 -25.69
C SER E 250 12.02 -25.89 -25.88
N GLY E 251 11.20 -26.51 -25.04
CA GLY E 251 11.07 -27.95 -25.03
C GLY E 251 9.93 -28.49 -25.86
N ASN E 252 9.42 -27.69 -26.80
CA ASN E 252 8.30 -28.06 -27.66
C ASN E 252 7.03 -28.31 -26.88
N ALA E 253 6.97 -27.88 -25.62
CA ALA E 253 5.73 -27.83 -24.86
C ALA E 253 5.26 -26.40 -24.65
N CYS E 254 5.85 -25.44 -25.36
CA CYS E 254 5.56 -24.04 -25.13
C CYS E 254 4.08 -23.71 -25.31
N VAL E 255 3.46 -23.99 -26.46
CA VAL E 255 4.08 -24.47 -27.70
C VAL E 255 4.18 -23.28 -28.65
N ASP E 256 5.31 -23.14 -29.32
CA ASP E 256 5.59 -21.96 -30.15
C ASP E 256 5.57 -22.37 -31.62
N LYS E 257 4.71 -21.71 -32.39
CA LYS E 257 4.69 -21.86 -33.85
C LYS E 257 4.42 -23.29 -34.27
N LYS E 258 3.56 -23.96 -33.52
CA LYS E 258 3.09 -25.30 -33.85
C LYS E 258 1.66 -25.44 -33.36
N PRO E 259 0.83 -26.26 -34.01
CA PRO E 259 -0.54 -26.48 -33.50
C PRO E 259 -0.53 -27.57 -32.44
N ALA E 260 -0.94 -27.20 -31.22
CA ALA E 260 -0.89 -28.12 -30.09
C ALA E 260 -2.13 -27.92 -29.23
N GLY E 261 -2.56 -29.01 -28.58
CA GLY E 261 -3.73 -28.95 -27.72
C GLY E 261 -3.52 -28.06 -26.50
N ILE E 262 -2.31 -28.06 -25.96
CA ILE E 262 -2.04 -27.24 -24.77
C ILE E 262 -2.33 -25.78 -25.06
N ASN E 263 -2.13 -25.34 -26.31
CA ASN E 263 -2.47 -23.98 -26.69
C ASN E 263 -3.95 -23.79 -26.91
N LEU E 264 -4.69 -24.86 -27.21
CA LEU E 264 -6.13 -24.79 -27.38
C LEU E 264 -6.85 -24.78 -26.04
N ILE E 265 -6.31 -25.50 -25.05
CA ILE E 265 -6.94 -25.61 -23.73
C ILE E 265 -6.44 -24.51 -22.81
N GLU E 266 -5.16 -24.58 -22.43
CA GLU E 266 -4.61 -23.62 -21.49
C GLU E 266 -4.41 -22.24 -22.10
N GLY E 267 -4.43 -22.12 -23.42
CA GLY E 267 -4.27 -20.85 -24.08
C GLY E 267 -2.83 -20.38 -24.13
N ARG E 268 -2.59 -19.41 -25.01
CA ARG E 268 -1.28 -18.81 -25.18
C ARG E 268 -1.47 -17.48 -25.89
N GLY E 269 -0.57 -16.54 -25.62
CA GLY E 269 -0.79 -15.19 -26.12
C GLY E 269 -2.09 -14.65 -25.60
N LYS E 270 -2.83 -13.97 -26.48
CA LYS E 270 -4.13 -13.40 -26.14
C LYS E 270 -5.23 -14.37 -26.56
N SER E 271 -6.09 -14.75 -25.61
CA SER E 271 -7.27 -15.55 -25.90
C SER E 271 -8.46 -14.61 -26.02
N ILE E 272 -9.07 -14.58 -27.20
CA ILE E 272 -10.08 -13.57 -27.54
C ILE E 272 -11.37 -14.28 -27.93
N ILE E 273 -12.50 -13.67 -27.56
CA ILE E 273 -13.82 -14.11 -27.99
C ILE E 273 -14.61 -12.89 -28.45
N ALA E 274 -15.23 -13.00 -29.64
CA ALA E 274 -16.11 -11.99 -30.17
C ALA E 274 -17.46 -12.62 -30.50
N GLU E 275 -18.52 -11.80 -30.45
CA GLU E 275 -19.87 -12.31 -30.64
C GLU E 275 -20.78 -11.22 -31.15
N VAL E 276 -21.88 -11.63 -31.81
CA VAL E 276 -22.92 -10.72 -32.27
C VAL E 276 -24.28 -11.38 -32.14
N PHE E 277 -25.31 -10.57 -31.91
CA PHE E 277 -26.70 -11.00 -31.89
C PHE E 277 -27.46 -10.32 -33.03
N LEU E 278 -27.88 -11.11 -34.01
CA LEU E 278 -28.58 -10.59 -35.19
C LEU E 278 -30.06 -10.97 -35.13
N LYS E 279 -30.91 -10.03 -35.56
CA LYS E 279 -32.34 -10.29 -35.68
C LYS E 279 -32.65 -10.90 -37.05
N GLU E 280 -33.68 -11.74 -37.10
CA GLU E 280 -34.03 -12.43 -38.33
C GLU E 280 -34.22 -11.46 -39.49
N GLU E 281 -34.67 -10.23 -39.21
CA GLU E 281 -34.83 -9.24 -40.28
C GLU E 281 -33.48 -8.77 -40.80
N GLU E 282 -32.46 -8.74 -39.94
CA GLU E 282 -31.13 -8.34 -40.37
C GLU E 282 -30.48 -9.44 -41.22
N ILE E 283 -30.72 -10.70 -40.87
CA ILE E 283 -30.13 -11.81 -41.63
C ILE E 283 -30.67 -11.81 -43.06
N LYS E 284 -31.97 -11.57 -43.21
CA LYS E 284 -32.59 -11.56 -44.54
C LYS E 284 -32.23 -10.30 -45.33
N LYS E 285 -32.06 -9.18 -44.65
CA LYS E 285 -31.81 -7.92 -45.35
C LYS E 285 -30.37 -7.83 -45.87
N TYR E 286 -29.40 -8.15 -45.03
CA TYR E 286 -27.99 -7.96 -45.36
C TYR E 286 -27.31 -9.24 -45.82
N LEU E 287 -27.52 -10.35 -45.10
CA LEU E 287 -26.88 -11.61 -45.45
C LEU E 287 -27.68 -12.44 -46.44
N LYS E 288 -28.94 -12.07 -46.70
CA LYS E 288 -29.74 -12.70 -47.76
C LYS E 288 -29.95 -14.20 -47.48
N THR E 289 -30.10 -14.56 -46.21
CA THR E 289 -30.25 -15.96 -45.83
C THR E 289 -31.13 -16.04 -44.60
N THR E 290 -31.21 -17.24 -44.02
CA THR E 290 -32.00 -17.49 -42.82
C THR E 290 -31.09 -17.96 -41.69
N SER E 291 -31.59 -17.84 -40.46
CA SER E 291 -30.80 -18.19 -39.29
C SER E 291 -30.48 -19.68 -39.26
N LYS E 292 -31.48 -20.53 -39.53
CA LYS E 292 -31.26 -21.97 -39.51
C LYS E 292 -30.27 -22.41 -40.57
N ALA E 293 -30.10 -21.62 -41.63
CA ALA E 293 -29.13 -21.95 -42.67
C ALA E 293 -27.71 -21.64 -42.22
N ILE E 294 -27.54 -20.55 -41.47
CA ILE E 294 -26.25 -20.24 -40.88
C ILE E 294 -25.88 -21.31 -39.86
N GLU E 295 -26.84 -21.68 -39.00
CA GLU E 295 -26.59 -22.71 -38.00
C GLU E 295 -26.22 -24.03 -38.66
N GLN E 296 -26.91 -24.41 -39.74
CA GLN E 296 -26.66 -25.68 -40.39
C GLN E 296 -25.27 -25.72 -41.03
N VAL E 297 -24.92 -24.68 -41.77
CA VAL E 297 -23.59 -24.64 -42.39
C VAL E 297 -22.51 -24.78 -41.33
N ASN E 298 -22.64 -24.03 -40.23
CA ASN E 298 -21.64 -24.08 -39.17
C ASN E 298 -21.54 -25.46 -38.55
N MET E 299 -22.67 -26.16 -38.42
CA MET E 299 -22.66 -27.47 -37.78
C MET E 299 -22.02 -28.52 -38.70
N TYR E 300 -22.45 -28.56 -39.96
CA TYR E 300 -21.93 -29.58 -40.88
C TYR E 300 -20.47 -29.32 -41.23
N LYS E 301 -20.09 -28.06 -41.43
CA LYS E 301 -18.74 -27.72 -41.90
C LYS E 301 -17.81 -27.51 -40.71
N ASN E 302 -18.02 -26.44 -39.94
CA ASN E 302 -17.06 -26.05 -38.92
C ASN E 302 -16.98 -27.06 -37.78
N LEU E 303 -18.09 -27.72 -37.44
CA LEU E 303 -18.08 -28.65 -36.33
C LEU E 303 -17.85 -30.08 -36.81
N ILE E 304 -18.86 -30.68 -37.47
CA ILE E 304 -18.77 -32.08 -37.85
C ILE E 304 -17.64 -32.30 -38.85
N GLY E 305 -17.52 -31.42 -39.84
CA GLY E 305 -16.48 -31.60 -40.85
C GLY E 305 -15.09 -31.65 -40.23
N SER E 306 -14.78 -30.67 -39.39
CA SER E 306 -13.46 -30.64 -38.75
C SER E 306 -13.27 -31.81 -37.81
N ALA E 307 -14.35 -32.32 -37.22
CA ALA E 307 -14.23 -33.42 -36.27
C ALA E 307 -13.80 -34.70 -36.96
N ILE E 308 -14.49 -35.08 -38.04
CA ILE E 308 -14.18 -36.36 -38.69
C ILE E 308 -12.81 -36.31 -39.35
N SER E 309 -12.39 -35.13 -39.80
CA SER E 309 -11.06 -34.95 -40.34
C SER E 309 -10.01 -34.71 -39.25
N ASN E 310 -10.40 -34.82 -37.98
CA ASN E 310 -9.48 -34.64 -36.84
C ASN E 310 -8.70 -33.34 -36.96
N SER E 311 -9.42 -32.24 -37.12
CA SER E 311 -8.81 -30.92 -37.14
C SER E 311 -8.84 -30.30 -35.74
N MET E 312 -7.87 -29.42 -35.48
CA MET E 312 -7.86 -28.60 -34.28
C MET E 312 -8.45 -27.21 -34.52
N GLY E 313 -8.74 -26.88 -35.78
CA GLY E 313 -9.40 -25.63 -36.11
C GLY E 313 -10.85 -25.85 -36.50
N PHE E 314 -11.76 -25.67 -35.55
CA PHE E 314 -13.19 -25.81 -35.81
C PHE E 314 -13.81 -24.54 -36.34
N ASN E 315 -13.12 -23.93 -37.31
CA ASN E 315 -13.54 -22.68 -37.92
C ASN E 315 -13.46 -22.80 -39.43
N ALA E 316 -13.64 -21.69 -40.15
CA ALA E 316 -13.57 -21.67 -41.60
C ALA E 316 -12.53 -20.72 -42.16
N HIS E 317 -12.27 -19.60 -41.48
CA HIS E 317 -11.52 -18.50 -42.07
C HIS E 317 -10.45 -17.91 -41.16
N TYR E 318 -10.33 -18.37 -39.91
CA TYR E 318 -9.44 -17.74 -38.94
C TYR E 318 -8.06 -17.46 -39.55
N ALA E 319 -7.43 -18.50 -40.08
CA ALA E 319 -6.06 -18.35 -40.57
C ALA E 319 -5.95 -17.28 -41.64
N ASN E 320 -6.91 -17.24 -42.57
CA ASN E 320 -6.86 -16.26 -43.65
C ASN E 320 -6.89 -14.83 -43.12
N ILE E 321 -7.79 -14.54 -42.19
CA ILE E 321 -7.93 -13.17 -41.70
C ILE E 321 -6.76 -12.82 -40.79
N ILE E 322 -6.42 -13.73 -39.88
CA ILE E 322 -5.25 -13.55 -39.01
C ILE E 322 -4.03 -13.21 -39.86
N GLY E 323 -3.80 -13.97 -40.93
CA GLY E 323 -2.62 -13.75 -41.75
C GLY E 323 -2.58 -12.34 -42.32
N ALA E 324 -3.68 -11.92 -42.95
CA ALA E 324 -3.73 -10.59 -43.55
C ALA E 324 -3.53 -9.51 -42.49
N LEU E 325 -4.15 -9.68 -41.32
CA LEU E 325 -4.00 -8.72 -40.25
C LEU E 325 -2.62 -8.79 -39.62
N PHE E 326 -2.02 -9.98 -39.58
CA PHE E 326 -0.67 -10.13 -39.03
C PHE E 326 0.38 -9.46 -39.91
N LEU E 327 0.27 -9.62 -41.23
CA LEU E 327 1.26 -9.02 -42.13
C LEU E 327 1.20 -7.51 -42.07
N ALA E 328 0.00 -6.93 -42.04
CA ALA E 328 -0.13 -5.48 -42.09
C ALA E 328 0.48 -4.82 -40.86
N THR E 329 0.36 -5.47 -39.70
CA THR E 329 0.78 -4.87 -38.44
C THR E 329 2.15 -5.36 -37.96
N GLY E 330 2.84 -6.19 -38.73
CA GLY E 330 4.17 -6.60 -38.38
C GLY E 330 4.25 -7.64 -37.29
N GLN E 331 3.31 -8.58 -37.25
CA GLN E 331 3.38 -9.69 -36.33
C GLN E 331 4.26 -10.79 -36.90
N ASP E 332 4.55 -11.79 -36.08
CA ASP E 332 5.35 -12.93 -36.54
C ASP E 332 4.46 -13.82 -37.40
N GLU E 333 4.82 -13.94 -38.68
CA GLU E 333 4.04 -14.76 -39.60
C GLU E 333 3.89 -16.19 -39.10
N ALA E 334 4.94 -16.74 -38.49
CA ALA E 334 4.89 -18.12 -38.03
C ALA E 334 3.81 -18.34 -36.98
N HIS E 335 3.36 -17.27 -36.31
CA HIS E 335 2.31 -17.40 -35.31
C HIS E 335 0.91 -17.51 -35.93
N ILE E 336 0.78 -17.33 -37.25
CA ILE E 336 -0.49 -17.62 -37.90
C ILE E 336 -0.89 -19.07 -37.65
N VAL E 337 0.09 -19.95 -37.48
CA VAL E 337 -0.19 -21.33 -37.09
C VAL E 337 -1.12 -21.34 -35.88
N GLU E 338 -0.75 -20.61 -34.84
CA GLU E 338 -1.50 -20.61 -33.60
C GLU E 338 -2.83 -19.88 -33.74
N GLY E 339 -2.87 -18.85 -34.60
CA GLY E 339 -4.11 -18.12 -34.81
C GLY E 339 -5.17 -18.92 -35.53
N SER E 340 -4.81 -20.04 -36.15
CA SER E 340 -5.76 -20.86 -36.87
C SER E 340 -6.58 -21.77 -35.94
N LEU E 341 -6.20 -21.92 -34.68
CA LEU E 341 -7.00 -22.71 -33.77
C LEU E 341 -8.20 -21.89 -33.30
N GLY E 342 -9.28 -22.56 -33.00
CA GLY E 342 -10.48 -21.91 -32.50
C GLY E 342 -11.74 -22.56 -33.03
N ILE E 343 -12.86 -22.23 -32.38
CA ILE E 343 -14.17 -22.78 -32.69
C ILE E 343 -15.11 -21.63 -33.03
N THR E 344 -15.89 -21.81 -34.08
CA THR E 344 -16.94 -20.87 -34.46
C THR E 344 -18.29 -21.44 -34.02
N VAL E 345 -19.04 -20.66 -33.24
CA VAL E 345 -20.32 -21.09 -32.71
C VAL E 345 -21.41 -20.21 -33.31
N ALA E 346 -22.34 -20.84 -34.03
CA ALA E 346 -23.51 -20.15 -34.56
C ALA E 346 -24.74 -20.94 -34.12
N GLU E 347 -25.62 -20.28 -33.38
CA GLU E 347 -26.82 -20.94 -32.88
C GLU E 347 -28.10 -20.18 -33.18
N CYS E 348 -29.12 -20.92 -33.59
CA CYS E 348 -30.43 -20.35 -33.90
C CYS E 348 -31.14 -19.98 -32.59
N THR E 349 -31.36 -18.69 -32.38
CA THR E 349 -32.11 -18.21 -31.22
C THR E 349 -33.53 -17.84 -31.66
N GLU E 350 -34.35 -17.43 -30.70
CA GLU E 350 -35.75 -17.14 -31.00
C GLU E 350 -35.88 -15.86 -31.84
N ASP E 351 -35.03 -14.87 -31.57
CA ASP E 351 -35.11 -13.60 -32.28
C ASP E 351 -34.34 -13.62 -33.60
N GLY E 352 -33.25 -14.37 -33.66
CA GLY E 352 -32.48 -14.49 -34.87
C GLY E 352 -31.38 -15.51 -34.75
N VAL E 353 -30.13 -15.07 -34.62
CA VAL E 353 -29.00 -15.96 -34.48
C VAL E 353 -27.99 -15.38 -33.51
N TYR E 354 -27.23 -16.26 -32.86
CA TYR E 354 -26.06 -15.90 -32.06
C TYR E 354 -24.83 -16.42 -32.77
N PHE E 355 -23.89 -15.53 -33.07
CA PHE E 355 -22.69 -15.88 -33.82
C PHE E 355 -21.46 -15.42 -33.02
N SER E 356 -20.56 -16.35 -32.74
CA SER E 356 -19.37 -16.06 -31.94
C SER E 356 -18.18 -16.81 -32.51
N VAL E 357 -16.99 -16.27 -32.24
CA VAL E 357 -15.72 -16.89 -32.60
C VAL E 357 -14.84 -16.93 -31.36
N THR E 358 -14.13 -18.04 -31.16
CA THR E 358 -13.29 -18.24 -29.99
C THR E 358 -11.88 -18.60 -30.45
N LEU E 359 -10.93 -17.70 -30.20
CA LEU E 359 -9.54 -17.88 -30.60
C LEU E 359 -8.67 -17.95 -29.35
N PRO E 360 -8.47 -19.14 -28.78
CA PRO E 360 -7.72 -19.23 -27.51
C PRO E 360 -6.22 -18.98 -27.65
N ASP E 361 -5.70 -18.77 -28.86
CA ASP E 361 -4.26 -18.70 -29.06
C ASP E 361 -3.96 -17.66 -30.14
N VAL E 362 -3.62 -16.45 -29.72
CA VAL E 362 -3.31 -15.35 -30.63
C VAL E 362 -2.14 -14.54 -30.06
N PRO E 363 -0.90 -14.88 -30.38
CA PRO E 363 0.25 -14.12 -29.88
C PRO E 363 0.48 -12.85 -30.69
N VAL E 364 0.23 -11.69 -30.07
CA VAL E 364 0.39 -10.40 -30.71
C VAL E 364 1.12 -9.45 -29.78
N GLY E 365 1.63 -8.36 -30.37
CA GLY E 365 2.28 -7.31 -29.62
C GLY E 365 2.23 -6.01 -30.41
N THR E 366 2.32 -4.90 -29.68
CA THR E 366 2.31 -3.58 -30.30
C THR E 366 3.65 -2.86 -30.18
N VAL E 367 4.65 -3.49 -29.57
CA VAL E 367 5.98 -2.91 -29.46
C VAL E 367 7.01 -4.02 -29.69
N GLY E 368 8.11 -3.67 -30.35
CA GLY E 368 9.18 -4.60 -30.60
C GLY E 368 8.90 -5.49 -31.81
N GLY E 369 9.90 -6.29 -32.16
CA GLY E 369 9.74 -7.24 -33.25
C GLY E 369 9.47 -6.55 -34.57
N GLY E 370 8.45 -7.03 -35.28
CA GLY E 370 8.10 -6.51 -36.57
C GLY E 370 7.21 -5.29 -36.56
N THR E 371 6.76 -4.84 -35.38
CA THR E 371 6.01 -3.60 -35.31
C THR E 371 6.91 -2.39 -35.50
N ARG E 372 8.23 -2.59 -35.39
CA ARG E 372 9.18 -1.51 -35.59
C ARG E 372 9.35 -1.14 -37.05
N VAL E 373 9.05 -2.07 -37.97
CA VAL E 373 9.24 -1.79 -39.39
C VAL E 373 8.28 -0.69 -39.82
N GLU E 374 8.79 0.26 -40.60
CA GLU E 374 8.08 1.49 -40.89
C GLU E 374 6.65 1.26 -41.36
N THR E 375 6.49 0.51 -42.46
CA THR E 375 5.16 0.34 -43.04
C THR E 375 4.19 -0.31 -42.05
N GLN E 376 4.67 -1.31 -41.30
CA GLN E 376 3.79 -1.94 -40.33
C GLN E 376 3.50 -1.02 -39.15
N LYS E 377 4.48 -0.19 -38.76
CA LYS E 377 4.23 0.80 -37.70
C LYS E 377 3.08 1.72 -38.08
N GLU E 378 2.94 2.05 -39.38
CA GLU E 378 1.86 2.93 -39.80
C GLU E 378 0.51 2.23 -39.72
N CYS E 379 0.45 0.94 -40.05
CA CYS E 379 -0.80 0.22 -39.97
C CYS E 379 -1.33 0.17 -38.54
N LEU E 380 -0.44 -0.02 -37.57
CA LEU E 380 -0.86 0.02 -36.17
C LEU E 380 -1.37 1.39 -35.78
N GLU E 381 -0.69 2.44 -36.23
CA GLU E 381 -1.15 3.80 -35.92
C GLU E 381 -2.46 4.12 -36.60
N LEU E 382 -2.71 3.54 -37.78
CA LEU E 382 -4.01 3.71 -38.43
C LEU E 382 -5.13 3.05 -37.63
N LEU E 383 -4.78 2.18 -36.69
CA LEU E 383 -5.74 1.64 -35.73
C LEU E 383 -5.68 2.37 -34.40
N GLY E 384 -4.65 3.19 -34.17
CA GLY E 384 -4.43 3.76 -32.86
C GLY E 384 -3.84 2.77 -31.88
N CYS E 385 -3.01 1.84 -32.35
CA CYS E 385 -2.58 0.71 -31.53
C CYS E 385 -1.06 0.57 -31.45
N HIS E 386 -0.29 1.55 -31.92
CA HIS E 386 1.16 1.48 -31.81
C HIS E 386 1.62 2.07 -30.49
N GLY E 387 2.38 1.29 -29.73
CA GLY E 387 2.98 1.75 -28.51
C GLY E 387 2.42 1.05 -27.28
N GLY E 388 2.68 1.67 -26.12
CA GLY E 388 2.25 1.10 -24.87
C GLY E 388 0.77 1.30 -24.61
N ASP E 389 0.25 0.48 -23.69
CA ASP E 389 -1.16 0.52 -23.31
C ASP E 389 -2.07 0.39 -24.54
N LYS E 390 -1.65 -0.46 -25.50
CA LYS E 390 -2.44 -0.65 -26.70
C LYS E 390 -2.49 -2.09 -27.19
N ALA E 391 -1.80 -3.03 -26.54
CA ALA E 391 -1.86 -4.42 -26.99
C ALA E 391 -3.25 -5.01 -26.79
N LEU E 392 -3.87 -4.76 -25.64
CA LEU E 392 -5.22 -5.25 -25.42
C LEU E 392 -6.21 -4.61 -26.39
N LYS E 393 -6.01 -3.33 -26.70
CA LYS E 393 -6.85 -2.69 -27.71
C LYS E 393 -6.71 -3.39 -29.05
N PHE E 394 -5.48 -3.73 -29.44
CA PHE E 394 -5.27 -4.42 -30.71
C PHE E 394 -5.92 -5.80 -30.70
N ALA E 395 -5.79 -6.53 -29.58
CA ALA E 395 -6.37 -7.86 -29.52
C ALA E 395 -7.87 -7.84 -29.71
N GLU E 396 -8.54 -6.77 -29.25
CA GLU E 396 -9.98 -6.67 -29.45
C GLU E 396 -10.32 -6.31 -30.89
N ILE E 397 -9.43 -5.59 -31.58
CA ILE E 397 -9.63 -5.36 -33.01
C ILE E 397 -9.43 -6.67 -33.78
N VAL E 398 -8.38 -7.42 -33.44
CA VAL E 398 -8.15 -8.71 -34.07
C VAL E 398 -9.38 -9.59 -33.93
N GLY E 399 -9.91 -9.71 -32.72
CA GLY E 399 -11.06 -10.57 -32.49
C GLY E 399 -12.29 -10.15 -33.29
N ALA E 400 -12.51 -8.84 -33.39
CA ALA E 400 -13.67 -8.34 -34.12
C ALA E 400 -13.51 -8.55 -35.62
N THR E 401 -12.31 -8.30 -36.16
CA THR E 401 -12.07 -8.47 -37.59
C THR E 401 -12.29 -9.92 -38.00
N VAL E 402 -11.85 -10.88 -37.15
CA VAL E 402 -12.03 -12.28 -37.46
C VAL E 402 -13.52 -12.63 -37.55
N LEU E 403 -14.30 -12.17 -36.57
CA LEU E 403 -15.74 -12.45 -36.60
C LEU E 403 -16.38 -11.86 -37.85
N ALA E 404 -15.95 -10.67 -38.26
CA ALA E 404 -16.48 -10.05 -39.46
C ALA E 404 -16.29 -10.96 -40.67
N GLY E 405 -15.06 -11.45 -40.87
CA GLY E 405 -14.80 -12.34 -41.99
C GLY E 405 -15.50 -13.68 -41.85
N GLU E 406 -15.49 -14.25 -40.65
CA GLU E 406 -16.13 -15.55 -40.44
C GLU E 406 -17.63 -15.47 -40.73
N LEU E 407 -18.29 -14.40 -40.28
CA LEU E 407 -19.72 -14.25 -40.54
C LEU E 407 -19.99 -14.10 -42.03
N SER E 408 -19.21 -13.25 -42.70
CA SER E 408 -19.36 -13.05 -44.13
C SER E 408 -19.29 -14.37 -44.89
N LEU E 409 -18.34 -15.23 -44.53
CA LEU E 409 -18.13 -16.47 -45.29
C LEU E 409 -19.25 -17.46 -45.04
N ILE E 410 -19.52 -17.78 -43.77
CA ILE E 410 -20.59 -18.72 -43.45
C ILE E 410 -21.92 -18.23 -44.01
N GLY E 411 -22.13 -16.91 -43.98
CA GLY E 411 -23.36 -16.36 -44.54
C GLY E 411 -23.44 -16.56 -46.05
N ALA E 412 -22.31 -16.37 -46.74
CA ALA E 412 -22.28 -16.61 -48.17
C ALA E 412 -22.49 -18.08 -48.51
N LEU E 413 -21.91 -18.97 -47.70
CA LEU E 413 -22.10 -20.40 -47.92
C LEU E 413 -23.56 -20.80 -47.67
N SER E 414 -24.21 -20.17 -46.69
CA SER E 414 -25.60 -20.50 -46.40
C SER E 414 -26.52 -20.07 -47.52
N VAL E 415 -26.16 -19.02 -48.25
CA VAL E 415 -26.96 -18.60 -49.41
C VAL E 415 -26.99 -19.73 -50.44
N GLY E 416 -25.83 -20.29 -50.75
CA GLY E 416 -25.79 -21.45 -51.63
C GLY E 416 -26.47 -22.66 -51.04
N HIS E 417 -26.37 -22.84 -49.73
CA HIS E 417 -27.07 -23.94 -49.07
C HIS E 417 -28.57 -23.82 -49.25
N LEU E 418 -29.10 -22.60 -49.19
CA LEU E 418 -30.54 -22.40 -49.40
C LEU E 418 -30.91 -22.65 -50.85
N ALA E 419 -30.13 -22.10 -51.79
CA ALA E 419 -30.45 -22.21 -53.21
C ALA E 419 -30.52 -23.68 -53.64
N ARG E 420 -29.46 -24.44 -53.38
CA ARG E 420 -29.43 -25.83 -53.79
C ARG E 420 -30.47 -26.69 -53.07
N ALA E 421 -30.91 -26.27 -51.88
CA ALA E 421 -31.93 -27.02 -51.15
C ALA E 421 -33.31 -26.89 -51.80
N HIS E 422 -33.55 -25.84 -52.57
CA HIS E 422 -34.82 -25.66 -53.26
C HIS E 422 -35.14 -26.87 -54.14
N ASN F 27 -11.62 16.26 -54.86
CA ASN F 27 -11.63 16.75 -53.49
C ASN F 27 -13.04 16.66 -52.91
N GLU F 28 -14.04 16.78 -53.78
CA GLU F 28 -15.43 16.59 -53.37
C GLU F 28 -15.76 15.12 -53.19
N ILE F 29 -15.09 14.24 -53.93
CA ILE F 29 -15.29 12.81 -53.73
C ILE F 29 -14.85 12.40 -52.34
N LEU F 30 -13.76 13.00 -51.85
CA LEU F 30 -13.30 12.72 -50.51
C LEU F 30 -14.38 13.05 -49.49
N GLU F 31 -15.17 14.10 -49.77
CA GLU F 31 -16.26 14.47 -48.87
C GLU F 31 -17.42 13.51 -48.99
N LYS F 32 -17.67 12.97 -50.19
CA LYS F 32 -18.76 12.01 -50.36
C LYS F 32 -18.48 10.70 -49.65
N LEU F 33 -17.20 10.30 -49.58
CA LEU F 33 -16.85 9.11 -48.82
C LEU F 33 -17.05 9.32 -47.32
N LEU F 34 -16.72 10.52 -46.84
CA LEU F 34 -16.89 10.82 -45.42
C LEU F 34 -18.36 10.84 -45.02
N LYS F 35 -19.21 11.41 -45.88
CA LYS F 35 -20.65 11.38 -45.67
C LYS F 35 -21.27 10.01 -45.96
N LYS F 36 -20.46 9.03 -46.38
CA LYS F 36 -20.95 7.71 -46.75
C LYS F 36 -21.99 7.78 -47.86
N GLU F 37 -21.77 8.73 -48.78
CA GLU F 37 -22.58 8.78 -50.00
C GLU F 37 -22.16 7.67 -50.96
N ILE F 38 -20.85 7.50 -51.13
CA ILE F 38 -20.29 6.43 -51.94
C ILE F 38 -19.32 5.64 -51.09
N LYS F 39 -19.18 4.36 -51.40
CA LYS F 39 -18.29 3.49 -50.65
C LYS F 39 -16.92 3.45 -51.31
N PRO F 40 -15.86 3.07 -50.57
CA PRO F 40 -14.51 3.08 -51.16
C PRO F 40 -14.35 2.08 -52.28
N TYR F 41 -15.22 1.08 -52.41
CA TYR F 41 -15.00 0.02 -53.40
C TYR F 41 -15.48 0.41 -54.79
N GLN F 42 -16.41 1.37 -54.90
CA GLN F 42 -16.81 1.89 -56.21
C GLN F 42 -15.88 2.98 -56.72
N LEU F 43 -14.82 3.30 -55.97
CA LEU F 43 -13.92 4.39 -56.38
C LEU F 43 -13.13 4.03 -57.62
N ASP F 44 -12.83 2.74 -57.84
CA ASP F 44 -12.05 2.34 -59.01
C ASP F 44 -12.80 2.61 -60.30
N ASP F 45 -14.13 2.51 -60.28
CA ASP F 45 -14.92 2.76 -61.47
C ASP F 45 -15.08 4.25 -61.75
N LEU F 46 -15.30 5.05 -60.70
CA LEU F 46 -15.42 6.48 -60.88
C LEU F 46 -14.10 7.09 -61.32
N VAL F 47 -13.08 7.01 -60.47
CA VAL F 47 -11.76 7.54 -60.77
C VAL F 47 -10.82 6.39 -61.10
N GLY F 48 -9.75 6.71 -61.81
CA GLY F 48 -8.74 5.71 -62.15
C GLY F 48 -8.26 4.92 -60.95
N GLU F 49 -7.92 3.65 -61.16
CA GLU F 49 -7.51 2.80 -60.04
C GLU F 49 -6.32 3.39 -59.30
N LYS F 50 -5.35 3.95 -60.04
CA LYS F 50 -4.17 4.51 -59.39
C LYS F 50 -4.55 5.69 -58.50
N GLU F 51 -5.46 6.53 -58.96
CA GLU F 51 -5.94 7.64 -58.13
C GLU F 51 -6.93 7.16 -57.07
N ALA F 52 -7.67 6.10 -57.36
CA ALA F 52 -8.56 5.52 -56.35
C ALA F 52 -7.78 5.02 -55.14
N ILE F 53 -6.53 4.59 -55.34
CA ILE F 53 -5.70 4.17 -54.22
C ILE F 53 -5.22 5.38 -53.43
N GLU F 54 -4.78 6.43 -54.13
CA GLU F 54 -4.37 7.66 -53.45
C GLU F 54 -5.53 8.31 -52.70
N LEU F 55 -6.75 8.15 -53.21
CA LEU F 55 -7.90 8.77 -52.56
C LEU F 55 -8.34 7.97 -51.34
N ARG F 56 -8.30 6.64 -51.42
CA ARG F 56 -8.65 5.81 -50.27
C ARG F 56 -7.61 5.91 -49.17
N ARG F 57 -6.35 6.16 -49.53
CA ARG F 57 -5.30 6.34 -48.53
C ARG F 57 -5.52 7.62 -47.72
N LYS F 58 -6.02 8.68 -48.37
CA LYS F 58 -6.33 9.92 -47.67
C LYS F 58 -7.65 9.84 -46.92
N TYR F 59 -8.55 8.94 -47.31
CA TYR F 59 -9.81 8.77 -46.60
C TYR F 59 -9.58 8.20 -45.20
N ILE F 60 -8.70 7.21 -45.08
CA ILE F 60 -8.39 6.65 -43.77
C ILE F 60 -7.45 7.55 -42.99
N GLU F 61 -6.59 8.30 -43.69
CA GLU F 61 -5.72 9.26 -43.00
C GLU F 61 -6.53 10.33 -42.29
N LYS F 62 -7.74 10.63 -42.78
CA LYS F 62 -8.59 11.61 -42.12
C LYS F 62 -9.37 11.00 -40.96
N ILE F 63 -9.84 9.76 -41.12
CA ILE F 63 -10.62 9.12 -40.08
C ILE F 63 -9.75 8.85 -38.85
N SER F 64 -8.56 8.27 -39.05
CA SER F 64 -7.67 7.98 -37.94
C SER F 64 -6.91 9.20 -37.48
N GLN F 65 -6.84 10.26 -38.29
CA GLN F 65 -6.15 11.50 -37.92
C GLN F 65 -4.67 11.25 -37.71
N VAL F 66 -4.05 10.57 -38.67
CA VAL F 66 -2.61 10.38 -38.70
C VAL F 66 -2.18 10.35 -40.17
N GLU F 67 -0.97 10.85 -40.42
CA GLU F 67 -0.46 10.99 -41.78
C GLU F 67 0.57 9.89 -42.05
N THR F 68 0.46 9.24 -43.19
CA THR F 68 1.32 8.13 -43.57
C THR F 68 2.35 8.57 -44.61
N LYS F 69 3.48 7.89 -44.60
CA LYS F 69 4.61 8.23 -45.47
C LYS F 69 5.11 7.05 -46.29
N HIS F 70 5.21 5.86 -45.70
CA HIS F 70 5.88 4.73 -46.34
C HIS F 70 4.93 3.89 -47.19
N ILE F 71 3.77 3.52 -46.64
CA ILE F 71 2.83 2.65 -47.35
C ILE F 71 2.43 3.22 -48.71
N GLY F 72 2.52 4.54 -48.90
CA GLY F 72 2.22 5.11 -50.20
C GLY F 72 3.21 4.76 -51.29
N HIS F 73 4.38 4.22 -50.94
CA HIS F 73 5.43 3.92 -51.90
C HIS F 73 5.35 2.47 -52.31
N TYR F 74 5.11 2.23 -53.60
CA TYR F 74 5.02 0.88 -54.14
C TYR F 74 5.38 0.90 -55.61
N THR F 75 6.18 -0.09 -56.03
CA THR F 75 6.52 -0.27 -57.43
C THR F 75 5.65 -1.32 -58.12
N ILE F 76 4.83 -2.05 -57.36
CA ILE F 76 4.00 -3.10 -57.95
C ILE F 76 2.87 -2.46 -58.76
N ASP F 77 2.42 -3.19 -59.78
CA ASP F 77 1.34 -2.71 -60.64
C ASP F 77 0.02 -2.74 -59.88
N GLU F 78 -0.57 -1.56 -59.68
CA GLU F 78 -1.82 -1.46 -58.93
C GLU F 78 -3.02 -1.97 -59.72
N LYS F 79 -2.90 -2.07 -61.05
CA LYS F 79 -4.02 -2.51 -61.87
C LYS F 79 -4.27 -4.01 -61.70
N GLU F 80 -3.24 -4.83 -61.95
CA GLU F 80 -3.40 -6.27 -61.81
C GLU F 80 -3.58 -6.68 -60.35
N ALA F 81 -3.04 -5.90 -59.41
CA ALA F 81 -3.21 -6.22 -58.00
C ALA F 81 -4.66 -6.08 -57.59
N MET F 82 -5.31 -4.98 -57.98
CA MET F 82 -6.72 -4.81 -57.69
C MET F 82 -7.58 -5.86 -58.38
N LYS F 83 -7.07 -6.47 -59.45
CA LYS F 83 -7.84 -7.45 -60.21
C LYS F 83 -7.73 -8.86 -59.67
N LYS F 84 -6.60 -9.23 -59.07
CA LYS F 84 -6.35 -10.63 -58.72
C LYS F 84 -5.82 -10.88 -57.31
N ASN F 85 -5.46 -9.86 -56.53
CA ASN F 85 -4.75 -10.10 -55.29
C ASN F 85 -5.27 -9.33 -54.07
N ILE F 86 -5.90 -8.17 -54.28
CA ILE F 86 -6.26 -7.29 -53.17
C ILE F 86 -7.53 -6.54 -53.53
N GLU F 87 -8.17 -5.99 -52.50
CA GLU F 87 -9.33 -5.11 -52.67
C GLU F 87 -9.17 -3.91 -51.75
N ASN F 88 -9.72 -2.77 -52.19
CA ASN F 88 -9.64 -1.52 -51.45
C ASN F 88 -8.17 -1.20 -51.10
N MET F 89 -7.32 -1.30 -52.12
CA MET F 89 -5.89 -1.09 -51.92
C MET F 89 -5.60 0.34 -51.50
N ILE F 90 -4.68 0.49 -50.54
CA ILE F 90 -4.22 1.80 -50.08
C ILE F 90 -2.72 1.98 -50.24
N GLY F 91 -2.01 0.96 -50.66
CA GLY F 91 -0.57 1.02 -50.76
C GLY F 91 0.02 -0.38 -50.65
N ALA F 92 1.14 -0.48 -49.93
CA ALA F 92 1.82 -1.75 -49.78
C ALA F 92 2.61 -1.77 -48.49
N VAL F 93 2.74 -2.96 -47.91
CA VAL F 93 3.58 -3.19 -46.74
C VAL F 93 4.88 -3.82 -47.24
N GLN F 94 6.00 -3.37 -46.67
CA GLN F 94 7.33 -3.79 -47.11
C GLN F 94 7.95 -4.70 -46.07
N ILE F 95 8.23 -5.93 -46.47
CA ILE F 95 8.87 -6.92 -45.60
C ILE F 95 10.36 -6.98 -45.95
N PRO F 96 11.27 -6.88 -44.98
CA PRO F 96 12.69 -6.97 -45.31
C PRO F 96 13.03 -8.33 -45.91
N LEU F 97 13.79 -8.30 -47.01
CA LEU F 97 14.14 -9.50 -47.76
C LEU F 97 15.64 -9.78 -47.66
N GLY F 98 15.98 -11.00 -47.25
CA GLY F 98 17.37 -11.44 -47.20
C GLY F 98 17.59 -12.72 -47.98
N PHE F 99 18.76 -13.35 -47.82
CA PHE F 99 19.03 -14.61 -48.49
C PHE F 99 19.96 -15.45 -47.63
N ALA F 100 19.89 -16.77 -47.85
CA ALA F 100 20.75 -17.74 -47.18
C ALA F 100 21.39 -18.64 -48.22
N GLY F 101 22.68 -18.92 -48.04
CA GLY F 101 23.42 -19.76 -48.97
C GLY F 101 24.91 -19.82 -48.73
N PRO F 102 25.63 -20.64 -49.51
CA PRO F 102 25.10 -21.49 -50.58
C PRO F 102 24.49 -22.79 -50.06
N LEU F 103 23.53 -23.35 -50.80
CA LEU F 103 22.83 -24.57 -50.38
C LEU F 103 22.89 -25.58 -51.53
N LYS F 104 23.78 -26.58 -51.40
CA LYS F 104 23.88 -27.64 -52.39
C LYS F 104 22.71 -28.60 -52.21
N ILE F 105 21.90 -28.77 -53.24
CA ILE F 105 20.72 -29.62 -53.21
C ILE F 105 20.95 -30.80 -54.15
N ASN F 106 20.74 -32.01 -53.64
CA ASN F 106 20.86 -33.24 -54.43
C ASN F 106 19.48 -33.83 -54.61
N GLY F 107 18.68 -33.17 -55.46
CA GLY F 107 17.32 -33.57 -55.70
C GLY F 107 17.13 -34.25 -57.04
N LYS F 108 15.85 -34.49 -57.37
CA LYS F 108 15.48 -35.07 -58.65
C LYS F 108 15.12 -34.01 -59.68
N TYR F 109 14.77 -32.81 -59.25
CA TYR F 109 14.48 -31.70 -60.14
C TYR F 109 15.32 -30.46 -59.88
N ALA F 110 16.01 -30.39 -58.74
CA ALA F 110 16.87 -29.25 -58.41
C ALA F 110 18.25 -29.77 -58.05
N ASN F 111 19.27 -29.28 -58.76
CA ASN F 111 20.65 -29.68 -58.53
C ASN F 111 21.57 -28.46 -58.59
N GLY F 112 22.61 -28.49 -57.75
CA GLY F 112 23.60 -27.45 -57.70
C GLY F 112 23.43 -26.59 -56.45
N GLU F 113 24.31 -25.60 -56.33
CA GLU F 113 24.28 -24.69 -55.20
C GLU F 113 23.27 -23.58 -55.49
N PHE F 114 22.44 -23.27 -54.49
CA PHE F 114 21.38 -22.28 -54.62
C PHE F 114 21.52 -21.21 -53.56
N TYR F 115 20.89 -20.07 -53.81
CA TYR F 115 20.82 -18.97 -52.85
C TYR F 115 19.35 -18.63 -52.66
N VAL F 116 18.83 -18.94 -51.48
CA VAL F 116 17.39 -18.94 -51.23
C VAL F 116 16.99 -17.57 -50.69
N PRO F 117 16.04 -16.87 -51.32
CA PRO F 117 15.56 -15.60 -50.75
C PRO F 117 14.53 -15.83 -49.65
N LEU F 118 14.70 -15.14 -48.52
CA LEU F 118 13.82 -15.27 -47.37
C LEU F 118 13.36 -13.89 -46.94
N ALA F 119 12.06 -13.73 -46.73
CA ALA F 119 11.47 -12.46 -46.30
C ALA F 119 10.83 -12.64 -44.94
N THR F 120 11.34 -11.94 -43.94
CA THR F 120 10.84 -12.05 -42.58
C THR F 120 11.10 -10.75 -41.83
N THR F 121 10.38 -10.59 -40.72
CA THR F 121 10.62 -9.50 -39.78
C THR F 121 11.30 -9.95 -38.51
N GLU F 122 11.66 -11.23 -38.41
CA GLU F 122 12.27 -11.80 -37.21
C GLU F 122 13.78 -11.85 -37.38
N GLY F 123 14.50 -11.30 -36.41
CA GLY F 123 15.95 -11.34 -36.44
C GLY F 123 16.48 -12.72 -36.14
N ALA F 124 17.73 -12.95 -36.56
CA ALA F 124 18.44 -14.20 -36.31
C ALA F 124 17.88 -15.37 -37.11
N LEU F 125 16.72 -15.20 -37.74
CA LEU F 125 16.13 -16.30 -38.49
C LEU F 125 16.94 -16.59 -39.75
N VAL F 126 17.20 -15.56 -40.55
CA VAL F 126 18.00 -15.73 -41.76
C VAL F 126 19.40 -16.20 -41.39
N ALA F 127 19.94 -15.71 -40.27
CA ALA F 127 21.25 -16.15 -39.81
C ALA F 127 21.25 -17.65 -39.50
N SER F 128 20.19 -18.14 -38.85
CA SER F 128 20.12 -19.56 -38.51
C SER F 128 20.15 -20.43 -39.76
N VAL F 129 19.30 -20.11 -40.75
CA VAL F 129 19.25 -20.90 -41.97
C VAL F 129 20.56 -20.78 -42.75
N ASN F 130 21.14 -19.58 -42.77
CA ASN F 130 22.38 -19.37 -43.53
C ASN F 130 23.52 -20.19 -42.96
N ARG F 131 23.57 -20.33 -41.63
CA ARG F 131 24.59 -21.17 -41.01
C ARG F 131 24.41 -22.62 -41.45
N GLY F 132 23.17 -23.12 -41.40
CA GLY F 132 22.91 -24.47 -41.84
C GLY F 132 23.22 -24.70 -43.30
N CYS F 133 23.00 -23.69 -44.15
CA CYS F 133 23.30 -23.82 -45.57
C CYS F 133 24.78 -24.05 -45.80
N SER F 134 25.64 -23.28 -45.12
CA SER F 134 27.07 -23.42 -45.30
C SER F 134 27.57 -24.76 -44.80
N ILE F 135 27.12 -25.16 -43.61
CA ILE F 135 27.50 -26.47 -43.06
C ILE F 135 27.09 -27.57 -44.01
N VAL F 136 25.83 -27.54 -44.46
CA VAL F 136 25.30 -28.62 -45.30
C VAL F 136 26.04 -28.68 -46.64
N THR F 137 26.41 -27.52 -47.17
CA THR F 137 27.07 -27.50 -48.48
C THR F 137 28.47 -28.08 -48.38
N LYS F 138 29.15 -27.85 -47.26
CA LYS F 138 30.49 -28.39 -47.04
C LYS F 138 30.48 -29.87 -46.73
N CYS F 139 29.32 -30.51 -46.61
CA CYS F 139 29.24 -31.94 -46.31
C CYS F 139 28.51 -32.75 -47.39
N GLY F 140 28.36 -32.22 -48.61
CA GLY F 140 27.79 -32.97 -49.71
C GLY F 140 26.40 -32.57 -50.15
N GLY F 141 25.69 -31.76 -49.37
CA GLY F 141 24.38 -31.29 -49.78
C GLY F 141 23.23 -32.15 -49.28
N VAL F 142 22.01 -31.67 -49.55
CA VAL F 142 20.78 -32.31 -49.07
C VAL F 142 20.20 -33.18 -50.17
N THR F 143 19.78 -34.39 -49.79
CA THR F 143 19.05 -35.29 -50.68
C THR F 143 17.57 -35.08 -50.38
N VAL F 144 16.84 -34.56 -51.36
CA VAL F 144 15.45 -34.19 -51.19
C VAL F 144 14.63 -34.83 -52.31
N ARG F 145 13.49 -35.40 -51.95
CA ARG F 145 12.57 -36.01 -52.91
C ARG F 145 11.15 -35.58 -52.58
N VAL F 146 10.34 -35.40 -53.62
CA VAL F 146 8.93 -35.09 -53.47
C VAL F 146 8.18 -36.41 -53.42
N ILE F 147 7.61 -36.75 -52.26
CA ILE F 147 6.99 -38.06 -52.09
C ILE F 147 5.62 -38.10 -52.76
N ASP F 148 4.94 -36.96 -52.86
CA ASP F 148 3.59 -36.93 -53.39
C ASP F 148 3.27 -35.50 -53.81
N ASP F 149 2.34 -35.36 -54.73
CA ASP F 149 1.89 -34.04 -55.20
C ASP F 149 0.41 -34.13 -55.52
N LYS F 150 -0.41 -33.46 -54.74
CA LYS F 150 -1.85 -33.48 -54.94
C LYS F 150 -2.49 -32.36 -54.14
N MET F 151 -3.58 -31.81 -54.68
CA MET F 151 -4.39 -30.79 -54.02
C MET F 151 -5.81 -31.30 -53.92
N THR F 152 -6.42 -31.16 -52.75
CA THR F 152 -7.70 -31.78 -52.48
C THR F 152 -8.77 -30.74 -52.17
N ARG F 153 -10.03 -31.18 -52.34
CA ARG F 153 -11.20 -30.42 -51.94
C ARG F 153 -12.28 -31.43 -51.59
N ALA F 154 -12.81 -31.36 -50.37
CA ALA F 154 -13.78 -32.35 -49.88
C ALA F 154 -15.08 -31.64 -49.52
N PRO F 155 -16.10 -31.69 -50.37
CA PRO F 155 -17.37 -31.03 -50.02
C PRO F 155 -18.15 -31.82 -48.99
N VAL F 156 -19.11 -31.14 -48.39
CA VAL F 156 -20.09 -31.77 -47.50
C VAL F 156 -21.42 -31.83 -48.25
N ILE F 157 -21.96 -33.06 -48.38
CA ILE F 157 -23.18 -33.32 -49.11
C ILE F 157 -24.21 -33.87 -48.14
N LYS F 158 -25.40 -33.29 -48.15
CA LYS F 158 -26.50 -33.73 -47.30
C LYS F 158 -27.35 -34.73 -48.06
N THR F 159 -27.60 -35.88 -47.42
CA THR F 159 -28.49 -36.90 -47.96
C THR F 159 -29.65 -37.09 -46.99
N GLU F 160 -30.69 -37.79 -47.46
CA GLU F 160 -31.89 -37.95 -46.64
C GLU F 160 -31.66 -38.93 -45.50
N SER F 161 -30.85 -39.96 -45.72
CA SER F 161 -30.65 -41.01 -44.72
C SER F 161 -29.30 -41.67 -44.97
N VAL F 162 -28.90 -42.53 -44.04
CA VAL F 162 -27.67 -43.28 -44.22
C VAL F 162 -27.78 -44.20 -45.44
N ILE F 163 -28.99 -44.68 -45.73
CA ILE F 163 -29.19 -45.52 -46.91
C ILE F 163 -28.81 -44.73 -48.17
N ASP F 164 -29.24 -43.47 -48.24
CA ASP F 164 -28.87 -42.62 -49.37
C ASP F 164 -27.39 -42.31 -49.37
N ALA F 165 -26.77 -42.20 -48.19
CA ALA F 165 -25.35 -41.90 -48.12
C ALA F 165 -24.50 -43.04 -48.66
N VAL F 166 -24.81 -44.28 -48.27
CA VAL F 166 -24.07 -45.42 -48.79
C VAL F 166 -24.25 -45.53 -50.30
N LYS F 167 -25.47 -45.31 -50.79
CA LYS F 167 -25.69 -45.35 -52.23
C LYS F 167 -24.88 -44.27 -52.93
N LEU F 168 -24.78 -43.10 -52.32
CA LEU F 168 -23.98 -42.03 -52.91
C LEU F 168 -22.51 -42.42 -52.96
N LYS F 169 -22.01 -43.04 -51.88
CA LYS F 169 -20.61 -43.47 -51.85
C LYS F 169 -20.32 -44.47 -52.94
N GLU F 170 -21.19 -45.47 -53.11
CA GLU F 170 -20.98 -46.48 -54.15
C GLU F 170 -21.08 -45.87 -55.54
N TRP F 171 -22.03 -44.96 -55.74
CA TRP F 171 -22.21 -44.36 -57.06
C TRP F 171 -20.94 -43.62 -57.47
N ILE F 172 -20.35 -42.88 -56.54
CA ILE F 172 -19.12 -42.13 -56.85
C ILE F 172 -18.01 -43.08 -57.26
N LYS F 173 -17.88 -44.21 -56.55
CA LYS F 173 -16.81 -45.15 -56.83
C LYS F 173 -16.98 -45.79 -58.20
N GLU F 174 -18.21 -46.19 -58.55
CA GLU F 174 -18.44 -46.89 -59.80
C GLU F 174 -18.32 -45.95 -60.99
N ASN F 175 -18.87 -44.73 -60.88
CA ASN F 175 -18.88 -43.78 -61.97
C ASN F 175 -17.70 -42.80 -61.91
N PHE F 176 -16.55 -43.24 -61.40
CA PHE F 176 -15.40 -42.34 -61.29
C PHE F 176 -15.00 -41.78 -62.64
N GLN F 177 -14.87 -42.65 -63.66
CA GLN F 177 -14.45 -42.20 -64.98
C GLN F 177 -15.36 -41.11 -65.51
N ARG F 178 -16.67 -41.26 -65.28
CA ARG F 178 -17.63 -40.24 -65.68
C ARG F 178 -17.36 -38.94 -64.93
N ILE F 179 -17.21 -39.02 -63.60
CA ILE F 179 -16.90 -37.85 -62.79
C ILE F 179 -15.57 -37.26 -63.22
N LYS F 180 -14.58 -38.11 -63.50
CA LYS F 180 -13.27 -37.64 -63.93
C LYS F 180 -13.38 -36.77 -65.17
N GLU F 181 -14.10 -37.24 -66.20
CA GLU F 181 -14.25 -36.45 -67.41
C GLU F 181 -14.93 -35.12 -67.12
N VAL F 182 -15.98 -35.14 -66.29
CA VAL F 182 -16.70 -33.91 -65.97
C VAL F 182 -15.79 -32.93 -65.25
N ALA F 183 -15.05 -33.41 -64.25
CA ALA F 183 -14.16 -32.53 -63.49
C ALA F 183 -13.08 -31.94 -64.38
N GLU F 184 -12.46 -32.79 -65.21
CA GLU F 184 -11.37 -32.36 -66.07
C GLU F 184 -11.84 -31.48 -67.23
N SER F 185 -13.15 -31.34 -67.43
CA SER F 185 -13.67 -30.52 -68.52
C SER F 185 -13.52 -29.03 -68.25
N THR F 186 -13.30 -28.62 -66.99
CA THR F 186 -13.21 -27.20 -66.67
C THR F 186 -11.82 -26.63 -66.93
N THR F 187 -10.80 -27.47 -67.02
CA THR F 187 -9.43 -27.00 -67.22
C THR F 187 -8.66 -28.08 -67.95
N ARG F 188 -7.47 -27.71 -68.43
CA ARG F 188 -6.56 -28.66 -69.06
C ARG F 188 -5.44 -29.13 -68.14
N HIS F 189 -4.96 -28.26 -67.26
CA HIS F 189 -3.89 -28.65 -66.34
C HIS F 189 -4.38 -29.51 -65.18
N GLY F 190 -5.60 -29.30 -64.70
CA GLY F 190 -6.11 -30.10 -63.60
C GLY F 190 -6.49 -31.49 -64.06
N LYS F 191 -6.32 -32.47 -63.17
CA LYS F 191 -6.66 -33.86 -63.49
C LYS F 191 -7.01 -34.61 -62.21
N LEU F 192 -8.30 -34.92 -62.05
CA LEU F 192 -8.78 -35.73 -60.94
C LEU F 192 -8.20 -37.13 -61.01
N ILE F 193 -7.48 -37.54 -59.97
CA ILE F 193 -6.81 -38.84 -59.96
C ILE F 193 -7.47 -39.84 -59.03
N ASP F 194 -8.25 -39.38 -58.05
CA ASP F 194 -8.95 -40.28 -57.14
C ASP F 194 -9.98 -39.49 -56.35
N ILE F 195 -10.91 -40.21 -55.75
CA ILE F 195 -11.82 -39.66 -54.76
C ILE F 195 -11.75 -40.59 -53.55
N ASN F 196 -10.74 -40.38 -52.71
CA ASN F 196 -10.50 -41.23 -51.56
C ASN F 196 -9.82 -40.41 -50.46
N PRO F 197 -10.27 -40.57 -49.20
CA PRO F 197 -11.36 -41.41 -48.74
C PRO F 197 -12.71 -40.74 -48.95
N ILE F 198 -13.80 -41.48 -48.75
CA ILE F 198 -15.15 -40.95 -48.81
C ILE F 198 -15.75 -41.16 -47.43
N LEU F 199 -15.77 -40.11 -46.63
CA LEU F 199 -16.20 -40.19 -45.24
C LEU F 199 -17.71 -40.00 -45.16
N ILE F 200 -18.32 -40.70 -44.21
CA ILE F 200 -19.75 -40.58 -43.94
C ILE F 200 -19.95 -40.38 -42.45
N VAL F 201 -20.68 -39.34 -42.08
CA VAL F 201 -21.07 -39.07 -40.71
C VAL F 201 -22.59 -38.98 -40.70
N GLY F 202 -23.25 -40.04 -40.21
CA GLY F 202 -24.70 -40.09 -40.22
C GLY F 202 -25.27 -40.16 -41.62
N ARG F 203 -25.78 -39.03 -42.11
CA ARG F 203 -26.33 -38.92 -43.45
C ARG F 203 -25.60 -37.86 -44.27
N TYR F 204 -24.43 -37.44 -43.81
CA TYR F 204 -23.62 -36.44 -44.48
C TYR F 204 -22.36 -37.10 -45.02
N VAL F 205 -22.02 -36.81 -46.27
CA VAL F 205 -20.92 -37.46 -46.97
C VAL F 205 -19.82 -36.44 -47.24
N TYR F 206 -18.58 -36.85 -47.00
CA TYR F 206 -17.41 -35.99 -47.22
C TYR F 206 -16.43 -36.72 -48.15
N PRO F 207 -16.61 -36.60 -49.46
CA PRO F 207 -15.66 -37.26 -50.39
C PRO F 207 -14.46 -36.38 -50.70
N ARG F 208 -13.25 -36.91 -50.49
CA ARG F 208 -12.02 -36.15 -50.70
C ARG F 208 -11.61 -36.28 -52.17
N PHE F 209 -11.92 -35.26 -52.96
CA PHE F 209 -11.50 -35.21 -54.35
C PHE F 209 -10.00 -34.94 -54.42
N VAL F 210 -9.27 -35.81 -55.10
CA VAL F 210 -7.82 -35.70 -55.21
C VAL F 210 -7.48 -35.28 -56.64
N TYR F 211 -6.76 -34.18 -56.78
CA TYR F 211 -6.38 -33.61 -58.07
C TYR F 211 -4.87 -33.46 -58.15
N LYS F 212 -4.34 -33.62 -59.36
CA LYS F 212 -3.00 -33.15 -59.69
C LYS F 212 -3.15 -31.83 -60.42
N THR F 213 -2.52 -30.78 -59.88
CA THR F 213 -2.74 -29.41 -60.36
C THR F 213 -1.58 -28.91 -61.21
N GLY F 214 -0.60 -29.75 -61.51
CA GLY F 214 0.55 -29.30 -62.26
C GLY F 214 1.41 -28.39 -61.41
N ASP F 215 1.73 -27.21 -61.95
CA ASP F 215 2.63 -26.27 -61.27
C ASP F 215 1.90 -25.28 -60.38
N ALA F 216 0.58 -25.21 -60.44
CA ALA F 216 -0.16 -24.28 -59.61
C ALA F 216 -0.45 -24.92 -58.27
N MET F 217 -0.74 -24.07 -57.27
CA MET F 217 -1.21 -24.58 -56.00
C MET F 217 -2.63 -25.14 -56.15
N GLY F 218 -3.44 -24.51 -56.99
CA GLY F 218 -4.71 -25.06 -57.38
C GLY F 218 -5.84 -24.86 -56.41
N MET F 219 -5.81 -23.79 -55.62
CA MET F 219 -6.92 -23.52 -54.72
C MET F 219 -8.21 -23.37 -55.51
N ASN F 220 -8.23 -22.42 -56.43
CA ASN F 220 -9.43 -22.11 -57.21
C ASN F 220 -9.68 -23.13 -58.31
N MET F 221 -8.62 -23.74 -58.83
CA MET F 221 -8.77 -24.73 -59.90
C MET F 221 -9.66 -25.88 -59.46
N VAL F 222 -9.36 -26.48 -58.31
CA VAL F 222 -10.10 -27.67 -57.86
C VAL F 222 -11.50 -27.30 -57.37
N THR F 223 -11.69 -26.08 -56.88
CA THR F 223 -13.02 -25.69 -56.39
C THR F 223 -14.02 -25.65 -57.55
N ILE F 224 -13.67 -24.95 -58.64
CA ILE F 224 -14.55 -24.91 -59.80
C ILE F 224 -14.73 -26.30 -60.38
N ALA F 225 -13.64 -27.07 -60.46
CA ALA F 225 -13.73 -28.43 -60.99
C ALA F 225 -14.72 -29.25 -60.18
N THR F 226 -14.60 -29.19 -58.85
CA THR F 226 -15.50 -29.94 -57.99
C THR F 226 -16.93 -29.40 -58.07
N GLU F 227 -17.09 -28.09 -58.24
CA GLU F 227 -18.43 -27.53 -58.36
C GLU F 227 -19.19 -28.16 -59.51
N LYS F 228 -18.56 -28.23 -60.69
CA LYS F 228 -19.20 -28.86 -61.83
C LYS F 228 -19.42 -30.34 -61.59
N ALA F 229 -18.47 -30.98 -60.90
CA ALA F 229 -18.60 -32.40 -60.59
C ALA F 229 -19.73 -32.66 -59.62
N CYS F 230 -19.94 -31.76 -58.66
CA CYS F 230 -21.01 -31.96 -57.69
C CYS F 230 -22.38 -31.78 -58.35
N ASN F 231 -22.54 -30.77 -59.21
CA ASN F 231 -23.78 -30.59 -59.94
C ASN F 231 -24.09 -31.82 -60.79
N PHE F 232 -23.06 -32.43 -61.37
CA PHE F 232 -23.27 -33.64 -62.17
C PHE F 232 -23.76 -34.79 -61.30
N ILE F 233 -23.10 -35.02 -60.17
CA ILE F 233 -23.54 -36.07 -59.25
C ILE F 233 -24.95 -35.77 -58.74
N GLU F 234 -25.22 -34.50 -58.46
CA GLU F 234 -26.52 -34.10 -57.94
C GLU F 234 -27.63 -34.46 -58.94
N GLU F 235 -27.40 -34.17 -60.22
CA GLU F 235 -28.41 -34.44 -61.25
C GLU F 235 -28.57 -35.94 -61.48
N GLU F 236 -27.45 -36.65 -61.66
CA GLU F 236 -27.52 -38.06 -62.01
C GLU F 236 -28.21 -38.88 -60.91
N LEU F 237 -28.02 -38.50 -59.64
CA LEU F 237 -28.75 -39.18 -58.59
C LEU F 237 -30.22 -38.79 -58.60
N LYS F 238 -30.53 -37.55 -59.00
CA LYS F 238 -31.92 -37.16 -59.14
C LYS F 238 -32.65 -38.05 -60.13
N LYS F 239 -31.95 -38.52 -61.16
CA LYS F 239 -32.53 -39.44 -62.13
C LYS F 239 -32.85 -40.80 -61.53
N GLU F 240 -32.35 -41.10 -60.33
CA GLU F 240 -32.62 -42.37 -59.67
C GLU F 240 -33.42 -42.15 -58.39
N ASN F 241 -34.14 -41.04 -58.31
CA ASN F 241 -35.05 -40.75 -57.20
C ASN F 241 -34.31 -40.69 -55.86
N ILE F 242 -33.04 -40.29 -55.90
CA ILE F 242 -32.23 -40.12 -54.70
C ILE F 242 -31.84 -38.64 -54.65
N ASN F 243 -32.42 -37.91 -53.70
CA ASN F 243 -32.26 -36.46 -53.64
C ASN F 243 -31.12 -36.09 -52.69
N ILE F 244 -30.12 -35.38 -53.22
CA ILE F 244 -28.97 -34.91 -52.46
C ILE F 244 -28.70 -33.46 -52.88
N HIS F 245 -27.87 -32.78 -52.09
CA HIS F 245 -27.42 -31.45 -52.48
C HIS F 245 -26.19 -31.06 -51.67
N THR F 246 -25.26 -30.35 -52.32
CA THR F 246 -24.01 -29.92 -51.70
C THR F 246 -24.27 -28.69 -50.82
N VAL F 247 -23.90 -28.79 -49.55
CA VAL F 247 -24.03 -27.65 -48.64
C VAL F 247 -22.92 -26.63 -48.87
N ALA F 248 -21.69 -27.11 -48.98
CA ALA F 248 -20.54 -26.24 -49.25
C ALA F 248 -19.45 -27.05 -49.93
N LEU F 249 -18.71 -26.38 -50.81
CA LEU F 249 -17.66 -27.08 -51.56
C LEU F 249 -16.45 -27.38 -50.69
N SER F 250 -16.23 -26.60 -49.63
CA SER F 250 -15.18 -26.85 -48.66
C SER F 250 -15.85 -27.29 -47.37
N GLY F 251 -15.84 -28.61 -47.13
CA GLY F 251 -16.54 -29.18 -45.99
C GLY F 251 -15.65 -29.33 -44.78
N ASN F 252 -14.54 -28.59 -44.75
CA ASN F 252 -13.57 -28.62 -43.66
C ASN F 252 -12.93 -29.99 -43.47
N ALA F 253 -13.05 -30.87 -44.47
CA ALA F 253 -12.27 -32.10 -44.52
C ALA F 253 -11.23 -32.04 -45.64
N CYS F 254 -10.95 -30.85 -46.17
CA CYS F 254 -10.04 -30.70 -47.29
C CYS F 254 -8.64 -31.26 -46.97
N VAL F 255 -7.95 -30.79 -45.93
CA VAL F 255 -8.33 -29.67 -45.06
C VAL F 255 -7.53 -28.44 -45.49
N ASP F 256 -8.18 -27.28 -45.53
CA ASP F 256 -7.59 -26.07 -46.06
C ASP F 256 -7.30 -25.10 -44.92
N LYS F 257 -6.03 -24.75 -44.74
CA LYS F 257 -5.62 -23.69 -43.82
C LYS F 257 -6.03 -23.98 -42.38
N LYS F 258 -5.95 -25.25 -41.98
CA LYS F 258 -6.18 -25.68 -40.61
C LYS F 258 -5.30 -26.87 -40.32
N PRO F 259 -4.89 -27.06 -39.06
CA PRO F 259 -4.10 -28.25 -38.72
C PRO F 259 -5.00 -29.45 -38.47
N ALA F 260 -4.84 -30.48 -39.30
CA ALA F 260 -5.72 -31.64 -39.24
C ALA F 260 -4.91 -32.91 -39.47
N GLY F 261 -5.38 -33.99 -38.85
CA GLY F 261 -4.71 -35.27 -38.99
C GLY F 261 -4.75 -35.83 -40.40
N ILE F 262 -5.87 -35.61 -41.10
CA ILE F 262 -6.00 -36.14 -42.46
C ILE F 262 -4.89 -35.61 -43.36
N ASN F 263 -4.40 -34.40 -43.09
CA ASN F 263 -3.29 -33.84 -43.86
C ASN F 263 -1.95 -34.40 -43.45
N LEU F 264 -1.83 -34.93 -42.23
CA LEU F 264 -0.58 -35.53 -41.78
C LEU F 264 -0.42 -36.94 -42.32
N ILE F 265 -1.51 -37.67 -42.48
CA ILE F 265 -1.48 -39.05 -42.93
C ILE F 265 -1.59 -39.12 -44.45
N GLU F 266 -2.74 -38.74 -44.99
CA GLU F 266 -2.98 -38.83 -46.43
C GLU F 266 -2.20 -37.78 -47.21
N GLY F 267 -1.71 -36.74 -46.56
CA GLY F 267 -0.96 -35.71 -47.22
C GLY F 267 -1.83 -34.73 -47.98
N ARG F 268 -1.22 -33.59 -48.32
CA ARG F 268 -1.88 -32.55 -49.11
C ARG F 268 -0.79 -31.65 -49.66
N GLY F 269 -1.08 -31.04 -50.82
CA GLY F 269 -0.04 -30.28 -51.49
C GLY F 269 1.15 -31.16 -51.83
N LYS F 270 2.35 -30.62 -51.62
CA LYS F 270 3.59 -31.35 -51.86
C LYS F 270 4.06 -32.00 -50.56
N SER F 271 4.25 -33.32 -50.60
CA SER F 271 4.83 -34.05 -49.49
C SER F 271 6.32 -34.21 -49.77
N ILE F 272 7.15 -33.63 -48.90
CA ILE F 272 8.58 -33.50 -49.15
C ILE F 272 9.35 -34.16 -48.01
N ILE F 273 10.45 -34.84 -48.36
CA ILE F 273 11.37 -35.39 -47.38
C ILE F 273 12.79 -35.02 -47.80
N ALA F 274 13.56 -34.48 -46.86
CA ALA F 274 14.96 -34.17 -47.07
C ALA F 274 15.80 -34.84 -45.99
N GLU F 275 17.06 -35.15 -46.33
CA GLU F 275 17.93 -35.88 -45.42
C GLU F 275 19.39 -35.54 -45.72
N VAL F 276 20.23 -35.77 -44.71
CA VAL F 276 21.67 -35.64 -44.83
C VAL F 276 22.34 -36.70 -43.96
N PHE F 277 23.52 -37.15 -44.39
CA PHE F 277 24.35 -38.06 -43.63
C PHE F 277 25.64 -37.35 -43.26
N LEU F 278 25.84 -37.10 -41.97
CA LEU F 278 27.01 -36.40 -41.47
C LEU F 278 27.95 -37.36 -40.77
N LYS F 279 29.25 -37.18 -41.01
CA LYS F 279 30.28 -37.95 -40.33
C LYS F 279 30.65 -37.31 -39.00
N GLU F 280 31.05 -38.13 -38.05
CA GLU F 280 31.38 -37.63 -36.71
C GLU F 280 32.41 -36.52 -36.77
N GLU F 281 33.32 -36.57 -37.75
CA GLU F 281 34.29 -35.49 -37.93
C GLU F 281 33.59 -34.18 -38.26
N GLU F 282 32.66 -34.22 -39.23
CA GLU F 282 31.98 -33.00 -39.65
C GLU F 282 31.17 -32.40 -38.51
N ILE F 283 30.57 -33.24 -37.67
CA ILE F 283 29.75 -32.72 -36.57
C ILE F 283 30.62 -31.93 -35.60
N LYS F 284 31.83 -32.41 -35.33
CA LYS F 284 32.73 -31.72 -34.42
C LYS F 284 33.35 -30.48 -35.06
N LYS F 285 33.58 -30.51 -36.37
CA LYS F 285 34.26 -29.40 -37.05
C LYS F 285 33.33 -28.20 -37.23
N TYR F 286 32.12 -28.41 -37.74
CA TYR F 286 31.25 -27.31 -38.12
C TYR F 286 30.17 -27.02 -37.09
N LEU F 287 29.50 -28.05 -36.57
CA LEU F 287 28.41 -27.86 -35.61
C LEU F 287 28.89 -27.80 -34.18
N LYS F 288 30.15 -28.15 -33.91
CA LYS F 288 30.74 -27.98 -32.58
C LYS F 288 30.00 -28.82 -31.53
N THR F 289 29.59 -30.01 -31.92
CA THR F 289 28.84 -30.90 -31.02
C THR F 289 29.19 -32.34 -31.39
N THR F 290 28.46 -33.28 -30.79
CA THR F 290 28.63 -34.70 -31.08
C THR F 290 27.33 -35.27 -31.62
N SER F 291 27.44 -36.44 -32.28
CA SER F 291 26.30 -37.05 -32.93
C SER F 291 25.23 -37.48 -31.93
N LYS F 292 25.63 -37.93 -30.73
CA LYS F 292 24.67 -38.34 -29.73
C LYS F 292 23.98 -37.15 -29.06
N ALA F 293 24.62 -35.98 -29.05
CA ALA F 293 24.00 -34.79 -28.48
C ALA F 293 22.89 -34.27 -29.39
N ILE F 294 23.10 -34.35 -30.70
CA ILE F 294 22.05 -34.01 -31.66
C ILE F 294 20.88 -34.98 -31.50
N GLU F 295 21.19 -36.27 -31.41
CA GLU F 295 20.15 -37.27 -31.24
C GLU F 295 19.33 -37.03 -29.98
N GLN F 296 20.00 -36.69 -28.87
CA GLN F 296 19.30 -36.53 -27.60
C GLN F 296 18.37 -35.32 -27.62
N VAL F 297 18.86 -34.18 -28.12
CA VAL F 297 18.02 -32.99 -28.21
C VAL F 297 16.77 -33.29 -29.02
N ASN F 298 16.94 -33.95 -30.16
CA ASN F 298 15.79 -34.22 -31.03
C ASN F 298 14.76 -35.11 -30.34
N MET F 299 15.22 -36.09 -29.56
CA MET F 299 14.29 -37.02 -28.93
C MET F 299 13.50 -36.35 -27.82
N TYR F 300 14.19 -35.63 -26.92
CA TYR F 300 13.51 -35.00 -25.80
C TYR F 300 12.60 -33.86 -26.27
N LYS F 301 13.05 -33.08 -27.25
CA LYS F 301 12.32 -31.89 -27.70
C LYS F 301 11.33 -32.24 -28.81
N ASN F 302 11.84 -32.58 -29.99
CA ASN F 302 10.97 -32.73 -31.17
C ASN F 302 10.04 -33.92 -31.05
N LEU F 303 10.46 -34.99 -30.39
CA LEU F 303 9.61 -36.17 -30.28
C LEU F 303 8.83 -36.17 -28.97
N ILE F 304 9.53 -36.39 -27.85
CA ILE F 304 8.84 -36.50 -26.58
C ILE F 304 8.15 -35.19 -26.22
N GLY F 305 8.83 -34.07 -26.44
CA GLY F 305 8.23 -32.78 -26.11
C GLY F 305 6.93 -32.53 -26.84
N SER F 306 6.93 -32.69 -28.16
CA SER F 306 5.71 -32.46 -28.92
C SER F 306 4.63 -33.48 -28.61
N ALA F 307 5.01 -34.70 -28.23
CA ALA F 307 4.02 -35.73 -27.98
C ALA F 307 3.21 -35.43 -26.72
N ILE F 308 3.90 -35.14 -25.61
CA ILE F 308 3.20 -34.95 -24.35
C ILE F 308 2.35 -33.69 -24.39
N SER F 309 2.77 -32.68 -25.14
CA SER F 309 1.97 -31.48 -25.32
C SER F 309 0.90 -31.65 -26.40
N ASN F 310 0.75 -32.87 -26.94
CA ASN F 310 -0.24 -33.16 -27.97
C ASN F 310 -0.12 -32.18 -29.14
N SER F 311 1.09 -32.07 -29.67
CA SER F 311 1.34 -31.25 -30.84
C SER F 311 1.24 -32.10 -32.09
N MET F 312 0.87 -31.47 -33.21
CA MET F 312 0.93 -32.12 -34.51
C MET F 312 2.21 -31.81 -35.25
N GLY F 313 3.01 -30.88 -34.73
CA GLY F 313 4.32 -30.57 -35.30
C GLY F 313 5.44 -31.11 -34.45
N PHE F 314 5.95 -32.29 -34.81
CA PHE F 314 7.08 -32.90 -34.10
C PHE F 314 8.41 -32.36 -34.60
N ASN F 315 8.50 -31.05 -34.77
CA ASN F 315 9.67 -30.38 -35.29
C ASN F 315 10.03 -29.20 -34.40
N ALA F 316 10.97 -28.37 -34.85
CA ALA F 316 11.38 -27.20 -34.10
C ALA F 316 11.18 -25.89 -34.86
N HIS F 317 11.35 -25.89 -36.18
CA HIS F 317 11.45 -24.65 -36.94
C HIS F 317 10.66 -24.61 -38.24
N TYR F 318 10.00 -25.71 -38.64
CA TYR F 318 9.39 -25.78 -39.96
C TYR F 318 8.63 -24.50 -40.29
N ALA F 319 7.70 -24.11 -39.42
CA ALA F 319 6.85 -22.95 -39.69
C ALA F 319 7.68 -21.69 -39.92
N ASN F 320 8.73 -21.50 -39.11
CA ASN F 320 9.55 -20.30 -39.25
C ASN F 320 10.20 -20.23 -40.63
N ILE F 321 10.78 -21.34 -41.08
CA ILE F 321 11.46 -21.35 -42.37
C ILE F 321 10.44 -21.32 -43.49
N ILE F 322 9.40 -22.15 -43.39
CA ILE F 322 8.31 -22.12 -44.36
C ILE F 322 7.78 -20.70 -44.50
N GLY F 323 7.54 -20.04 -43.37
CA GLY F 323 6.95 -18.70 -43.40
C GLY F 323 7.79 -17.71 -44.19
N ALA F 324 9.08 -17.62 -43.86
CA ALA F 324 9.95 -16.66 -44.53
C ALA F 324 10.04 -16.97 -46.03
N LEU F 325 10.12 -18.25 -46.39
CA LEU F 325 10.19 -18.62 -47.79
C LEU F 325 8.87 -18.40 -48.51
N PHE F 326 7.75 -18.60 -47.82
CA PHE F 326 6.44 -18.40 -48.43
C PHE F 326 6.20 -16.93 -48.76
N LEU F 327 6.57 -16.02 -47.85
CA LEU F 327 6.38 -14.60 -48.11
C LEU F 327 7.20 -14.13 -49.29
N ALA F 328 8.46 -14.57 -49.37
CA ALA F 328 9.35 -14.07 -50.41
C ALA F 328 8.87 -14.46 -51.80
N THR F 329 8.31 -15.66 -51.94
CA THR F 329 7.94 -16.20 -53.24
C THR F 329 6.46 -16.05 -53.55
N GLY F 330 5.70 -15.38 -52.69
CA GLY F 330 4.31 -15.10 -52.98
C GLY F 330 3.37 -16.27 -52.79
N GLN F 331 3.62 -17.13 -51.80
CA GLN F 331 2.70 -18.20 -51.47
C GLN F 331 1.58 -17.69 -50.57
N ASP F 332 0.60 -18.56 -50.32
CA ASP F 332 -0.52 -18.22 -49.46
C ASP F 332 -0.11 -18.21 -48.00
N GLU F 333 -0.25 -17.06 -47.34
CA GLU F 333 0.20 -16.93 -45.96
C GLU F 333 -0.46 -17.98 -45.06
N ALA F 334 -1.76 -18.20 -45.25
CA ALA F 334 -2.53 -19.07 -44.37
C ALA F 334 -2.06 -20.52 -44.46
N HIS F 335 -1.39 -20.91 -45.53
CA HIS F 335 -0.89 -22.27 -45.64
C HIS F 335 0.37 -22.53 -44.82
N ILE F 336 0.94 -21.49 -44.20
CA ILE F 336 2.00 -21.72 -43.22
C ILE F 336 1.49 -22.63 -42.12
N VAL F 337 0.18 -22.57 -41.84
CA VAL F 337 -0.45 -23.50 -40.91
C VAL F 337 -0.08 -24.93 -41.29
N GLU F 338 -0.30 -25.29 -42.55
CA GLU F 338 -0.06 -26.65 -43.00
C GLU F 338 1.43 -26.96 -43.07
N GLY F 339 2.25 -25.97 -43.39
CA GLY F 339 3.69 -26.19 -43.47
C GLY F 339 4.34 -26.49 -42.14
N SER F 340 3.65 -26.23 -41.04
CA SER F 340 4.20 -26.51 -39.71
C SER F 340 4.11 -27.98 -39.33
N LEU F 341 3.33 -28.79 -40.04
CA LEU F 341 3.28 -30.20 -39.73
C LEU F 341 4.51 -30.90 -40.27
N GLY F 342 4.90 -31.97 -39.60
CA GLY F 342 6.03 -32.78 -40.03
C GLY F 342 6.84 -33.28 -38.85
N ILE F 343 7.68 -34.27 -39.13
CA ILE F 343 8.50 -34.94 -38.11
C ILE F 343 9.96 -34.80 -38.49
N THR F 344 10.80 -34.44 -37.52
CA THR F 344 12.24 -34.39 -37.70
C THR F 344 12.86 -35.61 -37.04
N VAL F 345 13.62 -36.39 -37.82
CA VAL F 345 14.26 -37.61 -37.35
C VAL F 345 15.76 -37.43 -37.41
N ALA F 346 16.42 -37.55 -36.26
CA ALA F 346 17.88 -37.53 -36.17
C ALA F 346 18.33 -38.78 -35.42
N GLU F 347 19.23 -39.54 -36.02
CA GLU F 347 19.61 -40.86 -35.50
C GLU F 347 21.12 -41.01 -35.50
N CYS F 348 21.66 -41.47 -34.38
CA CYS F 348 23.09 -41.71 -34.23
C CYS F 348 23.49 -42.95 -35.02
N THR F 349 24.29 -42.77 -36.07
CA THR F 349 24.79 -43.88 -36.86
C THR F 349 26.22 -44.20 -36.46
N GLU F 350 26.78 -45.25 -37.07
CA GLU F 350 28.10 -45.72 -36.70
C GLU F 350 29.18 -44.74 -37.15
N ASP F 351 28.99 -44.06 -38.27
CA ASP F 351 29.94 -43.06 -38.73
C ASP F 351 29.64 -41.66 -38.20
N GLY F 352 28.36 -41.35 -37.97
CA GLY F 352 28.00 -40.05 -37.43
C GLY F 352 26.53 -39.96 -37.07
N VAL F 353 25.74 -39.25 -37.86
CA VAL F 353 24.31 -39.10 -37.60
C VAL F 353 23.55 -39.10 -38.91
N TYR F 354 22.29 -39.51 -38.84
CA TYR F 354 21.34 -39.37 -39.94
C TYR F 354 20.30 -38.33 -39.55
N PHE F 355 20.19 -37.27 -40.35
CA PHE F 355 19.31 -36.15 -40.04
C PHE F 355 18.38 -35.92 -41.22
N SER F 356 17.07 -35.95 -40.96
CA SER F 356 16.08 -35.79 -42.02
C SER F 356 14.89 -35.00 -41.50
N VAL F 357 14.17 -34.38 -42.43
CA VAL F 357 12.94 -33.65 -42.15
C VAL F 357 11.84 -34.16 -43.06
N THR F 358 10.64 -34.31 -42.52
CA THR F 358 9.49 -34.86 -43.26
C THR F 358 8.34 -33.86 -43.15
N LEU F 359 7.96 -33.27 -44.28
CA LEU F 359 6.89 -32.27 -44.33
C LEU F 359 5.76 -32.83 -45.19
N PRO F 360 4.79 -33.55 -44.60
CA PRO F 360 3.75 -34.18 -45.42
C PRO F 360 2.72 -33.21 -46.00
N ASP F 361 2.79 -31.93 -45.67
CA ASP F 361 1.74 -30.98 -46.06
C ASP F 361 2.40 -29.63 -46.36
N VAL F 362 2.69 -29.37 -47.62
CA VAL F 362 3.31 -28.12 -48.05
C VAL F 362 2.67 -27.68 -49.36
N PRO F 363 1.60 -26.89 -49.33
CA PRO F 363 0.95 -26.44 -50.57
C PRO F 363 1.69 -25.28 -51.20
N VAL F 364 2.29 -25.52 -52.37
CA VAL F 364 3.05 -24.50 -53.08
C VAL F 364 2.66 -24.51 -54.56
N GLY F 365 3.00 -23.42 -55.23
CA GLY F 365 2.79 -23.29 -56.66
C GLY F 365 3.74 -22.26 -57.21
N THR F 366 4.03 -22.38 -58.50
CA THR F 366 4.92 -21.45 -59.19
C THR F 366 4.21 -20.57 -60.20
N VAL F 367 2.89 -20.70 -60.34
CA VAL F 367 2.13 -19.85 -61.26
C VAL F 367 0.81 -19.48 -60.58
N GLY F 368 0.36 -18.25 -60.83
CA GLY F 368 -0.90 -17.79 -60.29
C GLY F 368 -0.80 -17.32 -58.85
N GLY F 369 -1.91 -16.78 -58.36
CA GLY F 369 -1.97 -16.35 -56.97
C GLY F 369 -1.01 -15.21 -56.69
N GLY F 370 -0.24 -15.34 -55.61
CA GLY F 370 0.69 -14.31 -55.21
C GLY F 370 2.05 -14.38 -55.89
N THR F 371 2.28 -15.39 -56.73
CA THR F 371 3.53 -15.45 -57.48
C THR F 371 3.57 -14.44 -58.62
N ARG F 372 2.43 -13.90 -59.02
CA ARG F 372 2.42 -12.88 -60.07
C ARG F 372 2.90 -11.53 -59.56
N VAL F 373 2.88 -11.31 -58.25
CA VAL F 373 3.26 -10.03 -57.69
C VAL F 373 4.73 -9.78 -58.00
N GLU F 374 5.04 -8.56 -58.44
CA GLU F 374 6.33 -8.26 -59.03
C GLU F 374 7.48 -8.72 -58.14
N THR F 375 7.52 -8.23 -56.90
CA THR F 375 8.65 -8.53 -56.02
C THR F 375 8.79 -10.02 -55.75
N GLN F 376 7.66 -10.71 -55.54
CA GLN F 376 7.73 -12.16 -55.29
C GLN F 376 8.09 -12.94 -56.54
N LYS F 377 7.62 -12.49 -57.70
CA LYS F 377 8.02 -13.14 -58.95
C LYS F 377 9.54 -13.13 -59.11
N GLU F 378 10.20 -12.09 -58.63
CA GLU F 378 11.65 -11.99 -58.77
C GLU F 378 12.37 -12.98 -57.87
N CYS F 379 11.87 -13.22 -56.66
CA CYS F 379 12.49 -14.19 -55.77
C CYS F 379 12.45 -15.59 -56.38
N LEU F 380 11.34 -15.93 -57.02
CA LEU F 380 11.26 -17.23 -57.71
C LEU F 380 12.28 -17.30 -58.84
N GLU F 381 12.47 -16.20 -59.57
CA GLU F 381 13.45 -16.18 -60.66
C GLU F 381 14.87 -16.29 -60.12
N LEU F 382 15.12 -15.74 -58.92
CA LEU F 382 16.41 -15.93 -58.28
C LEU F 382 16.66 -17.37 -57.90
N LEU F 383 15.60 -18.19 -57.85
CA LEU F 383 15.73 -19.64 -57.70
C LEU F 383 15.63 -20.37 -59.03
N GLY F 384 15.18 -19.70 -60.09
CA GLY F 384 14.91 -20.37 -61.34
C GLY F 384 13.63 -21.18 -61.35
N CYS F 385 12.62 -20.74 -60.60
CA CYS F 385 11.42 -21.56 -60.38
C CYS F 385 10.12 -20.86 -60.77
N HIS F 386 10.17 -19.74 -61.48
CA HIS F 386 8.96 -19.08 -61.93
C HIS F 386 8.53 -19.67 -63.27
N GLY F 387 7.29 -20.12 -63.33
CA GLY F 387 6.70 -20.62 -64.55
C GLY F 387 6.38 -22.10 -64.47
N GLY F 388 6.16 -22.69 -65.65
CA GLY F 388 5.79 -24.08 -65.72
C GLY F 388 6.95 -25.03 -65.50
N ASP F 389 6.60 -26.26 -65.15
CA ASP F 389 7.58 -27.32 -64.91
C ASP F 389 8.67 -26.89 -63.92
N LYS F 390 8.25 -26.16 -62.89
CA LYS F 390 9.18 -25.70 -61.86
C LYS F 390 8.63 -25.84 -60.45
N ALA F 391 7.38 -26.30 -60.28
CA ALA F 391 6.84 -26.49 -58.95
C ALA F 391 7.56 -27.61 -58.20
N LEU F 392 7.83 -28.72 -58.87
CA LEU F 392 8.58 -29.80 -58.23
C LEU F 392 9.99 -29.37 -57.90
N LYS F 393 10.61 -28.57 -58.77
CA LYS F 393 11.91 -28.00 -58.46
C LYS F 393 11.82 -27.12 -57.22
N PHE F 394 10.79 -26.28 -57.13
CA PHE F 394 10.60 -25.42 -55.97
C PHE F 394 10.32 -26.24 -54.71
N ALA F 395 9.52 -27.31 -54.84
CA ALA F 395 9.19 -28.12 -53.68
C ALA F 395 10.43 -28.76 -53.07
N GLU F 396 11.42 -29.13 -53.90
CA GLU F 396 12.66 -29.69 -53.37
C GLU F 396 13.56 -28.62 -52.77
N ILE F 397 13.45 -27.38 -53.24
CA ILE F 397 14.17 -26.27 -52.60
C ILE F 397 13.59 -26.01 -51.22
N VAL F 398 12.26 -25.97 -51.11
CA VAL F 398 11.63 -25.78 -49.81
C VAL F 398 12.11 -26.82 -48.81
N GLY F 399 12.08 -28.09 -49.22
CA GLY F 399 12.49 -29.15 -48.31
C GLY F 399 13.93 -29.02 -47.86
N ALA F 400 14.83 -28.64 -48.78
CA ALA F 400 16.24 -28.50 -48.41
C ALA F 400 16.46 -27.32 -47.47
N THR F 401 15.77 -26.19 -47.73
CA THR F 401 15.91 -25.02 -46.86
C THR F 401 15.45 -25.33 -45.44
N VAL F 402 14.37 -26.10 -45.30
CA VAL F 402 13.88 -26.46 -43.97
C VAL F 402 14.93 -27.30 -43.23
N LEU F 403 15.51 -28.29 -43.92
CA LEU F 403 16.52 -29.11 -43.29
C LEU F 403 17.73 -28.28 -42.86
N ALA F 404 18.11 -27.30 -43.68
CA ALA F 404 19.24 -26.43 -43.33
C ALA F 404 18.97 -25.70 -42.03
N GLY F 405 17.80 -25.05 -41.92
CA GLY F 405 17.48 -24.33 -40.70
C GLY F 405 17.28 -25.24 -39.52
N GLU F 406 16.60 -26.38 -39.72
CA GLU F 406 16.36 -27.31 -38.63
C GLU F 406 17.66 -27.85 -38.06
N LEU F 407 18.59 -28.23 -38.93
CA LEU F 407 19.87 -28.75 -38.46
C LEU F 407 20.66 -27.67 -37.74
N SER F 408 20.70 -26.46 -38.28
CA SER F 408 21.40 -25.36 -37.63
C SER F 408 20.94 -25.20 -36.19
N LEU F 409 19.62 -25.24 -35.97
CA LEU F 409 19.08 -25.02 -34.63
C LEU F 409 19.35 -26.21 -33.73
N ILE F 410 18.94 -27.41 -34.14
CA ILE F 410 19.17 -28.59 -33.31
C ILE F 410 20.65 -28.74 -33.02
N GLY F 411 21.51 -28.38 -33.97
CA GLY F 411 22.94 -28.42 -33.73
C GLY F 411 23.34 -27.41 -32.67
N ALA F 412 22.75 -26.21 -32.71
CA ALA F 412 23.03 -25.21 -31.69
C ALA F 412 22.50 -25.62 -30.33
N LEU F 413 21.32 -26.22 -30.28
CA LEU F 413 20.76 -26.65 -29.00
C LEU F 413 21.60 -27.77 -28.38
N SER F 414 22.15 -28.67 -29.21
CA SER F 414 22.98 -29.75 -28.70
C SER F 414 24.29 -29.24 -28.14
N VAL F 415 24.78 -28.10 -28.65
CA VAL F 415 25.98 -27.48 -28.08
C VAL F 415 25.73 -27.06 -26.64
N GLY F 416 24.63 -26.34 -26.40
CA GLY F 416 24.28 -25.98 -25.04
C GLY F 416 23.95 -27.19 -24.18
N HIS F 417 23.35 -28.22 -24.78
CA HIS F 417 23.06 -29.46 -24.05
C HIS F 417 24.36 -30.12 -23.57
N LEU F 418 25.41 -30.04 -24.38
CA LEU F 418 26.70 -30.62 -23.99
C LEU F 418 27.35 -29.81 -22.87
N ALA F 419 27.36 -28.49 -23.00
CA ALA F 419 28.02 -27.64 -22.00
C ALA F 419 27.40 -27.84 -20.63
N ARG F 420 26.08 -27.68 -20.53
CA ARG F 420 25.42 -27.83 -19.24
C ARG F 420 25.49 -29.26 -18.73
N ALA F 421 25.61 -30.24 -19.63
CA ALA F 421 25.69 -31.63 -19.21
C ALA F 421 27.03 -31.94 -18.55
N HIS F 422 28.13 -31.67 -19.26
CA HIS F 422 29.47 -31.97 -18.76
C HIS F 422 30.43 -30.82 -19.07
#